data_9OOK
#
_entry.id   9OOK
#
_cell.length_a   1.00
_cell.length_b   1.00
_cell.length_c   1.00
_cell.angle_alpha   90.00
_cell.angle_beta   90.00
_cell.angle_gamma   90.00
#
_symmetry.space_group_name_H-M   'P 1'
#
loop_
_entity.id
_entity.type
_entity.pdbx_description
1 polymer 'T3_QB_G12 heavy chain'
2 polymer 'T3_QB_G12 light chain'
3 polymer 'HIV Env gp120'
4 polymer 'HIV Env gp41 ectodomain'
5 branched 2-acetamido-2-deoxy-beta-D-glucopyranose-(1-4)-2-acetamido-2-deoxy-beta-D-glucopyranose
6 branched beta-D-mannopyranose-(1-4)-2-acetamido-2-deoxy-beta-D-glucopyranose-(1-4)-2-acetamido-2-deoxy-beta-D-glucopyranose
7 branched alpha-D-mannopyranose-(1-3)-[alpha-D-mannopyranose-(1-6)]beta-D-mannopyranose-(1-4)-2-acetamido-2-deoxy-beta-D-glucopyranose-(1-4)-2-acetamido-2-deoxy-beta-D-glucopyranose
8 non-polymer 2-acetamido-2-deoxy-beta-D-glucopyranose
#
loop_
_entity_poly.entity_id
_entity_poly.type
_entity_poly.pdbx_seq_one_letter_code
_entity_poly.pdbx_strand_id
1 'polypeptide(L)'
;EVQLVESGGGLAKPGGSLRLSCAASGFTFSDYWMNWVRQTPGKGLEWISVINSYGGSTHYADSVQGRFTISRDNSKNTLF
LQMNSLRPEDTAVYYCAKVDADDYGYFSTVPGDLKNYYFDYWGQGVLVTVSSASTTPPSVYPLAPGSAAQTNSMVTLGCL
VKGYFPEPVTVTWNSGSLSSGVHTFPAVLQSDLYTLSSSVTVPSSTWPSETVTCNVAHPASSTKVDKKIVPRDCG
;
H,I,J
2 'polypeptide(L)'
;QIVLTQSPAIMSASLGEEITLTCSATSSVNSIHWYQQKSGTAPNVLIYDTSNLASGVPSRFSGSGSGTFYSLTISSVETE
DAADYYCHQWTTYPWTFGGGTKLEIKRTDAAPTVSIFPPSSEQLTSGGASVVCFLNNFYPKDINVKWKIDGSERQNGVLN
SWTDQDSKDSTYSMSSTLTLTKDEYERHNSYTCEATHKTSTSPIVKSFNRNEC
;
L,M,N
3 'polypeptide(L)'
;MDAMKRGLCCVLLLCGAVFVSPSQEIHARFRRGARAENLWVTVYYGVPVWRDAETTLFCASDAKAYETEKHNVWATHACV
PTDPNPQEIHLDNVTEKFNMWKNNMVEQMHTDIISLWDQSLKPCVKLTPLCVTLHCTNVTSVNTTGDREELKNCSFNMTT
ELRDKRQKVYSLFYRLDIVPINENQGSEYRLINCNTSACTQACPKVSFEPIPIHYCAPAGFAILKCKDEGFNGTGLCKNV
STVQCTHGIKPVVSTQLLLNGSLAEKNITIRSENITNNAKIIIVQLVQPVTIKCIRPNNYTRKSIRIGPGQAFYAMGDII
GDIRQAHCNVSRSRWNKTLQEVAEKLRTYFGNKTIIFANSSGGDLEITTHSFNCGGEFFYCNTSGLFNSTWYVNSTWNDT
DSTQESNDTITLPCRIKQIINMWQRAGQCMYAPPIPGVIKCESNITGLLLTRDGGKDNNVNETFRPGGGDMRDNWRSELY
KYKVVEIEPLGVAPTRCKRRVVE
;
f,h,j
4 'polypeptide(L)'
;AVGIGAVRRGFLGAAGSTMGAASITLTVQARQLLSGIVQPQNNLLRAPEAQQHLLKLGVWGIKQLQARVLAVERYLRDQQ
LLGIWGCSGKLICCTNVPWNSSWSNKSLDEIWNNMTWLQWDKEIGNYTQLIYRLIEESQNQQEKNEKELLALD
;
g,i,k
#
# COMPACT_ATOMS: atom_id res chain seq x y z
N GLU A 1 -25.63 -42.28 -11.96
CA GLU A 1 -27.00 -41.80 -12.05
C GLU A 1 -27.43 -41.14 -10.75
N VAL A 2 -28.58 -40.48 -10.77
CA VAL A 2 -29.13 -39.80 -9.61
C VAL A 2 -30.42 -40.52 -9.22
N GLN A 3 -30.45 -41.07 -8.00
CA GLN A 3 -31.60 -41.79 -7.48
C GLN A 3 -32.16 -41.02 -6.31
N LEU A 4 -33.44 -40.69 -6.36
CA LEU A 4 -34.09 -39.94 -5.30
C LEU A 4 -35.54 -40.40 -5.17
N VAL A 5 -35.95 -40.66 -3.92
CA VAL A 5 -37.30 -41.11 -3.62
C VAL A 5 -37.87 -40.22 -2.51
N GLU A 6 -39.19 -40.18 -2.45
CA GLU A 6 -39.90 -39.39 -1.45
C GLU A 6 -41.05 -40.21 -0.87
N SER A 7 -41.38 -39.91 0.39
CA SER A 7 -42.45 -40.62 1.08
C SER A 7 -43.05 -39.68 2.13
N GLY A 8 -43.95 -40.23 2.93
CA GLY A 8 -44.62 -39.48 3.98
C GLY A 8 -45.93 -38.84 3.58
N GLY A 9 -46.23 -38.76 2.28
CA GLY A 9 -47.47 -38.15 1.85
C GLY A 9 -48.62 -39.14 1.85
N GLY A 10 -49.83 -38.61 2.04
CA GLY A 10 -51.01 -39.47 2.06
C GLY A 10 -52.19 -38.75 2.69
N LEU A 11 -53.10 -39.55 3.25
CA LEU A 11 -54.28 -39.01 3.88
C LEU A 11 -53.92 -38.31 5.19
N ALA A 12 -54.69 -37.28 5.52
CA ALA A 12 -54.47 -36.52 6.75
C ALA A 12 -55.80 -35.91 7.19
N LYS A 13 -55.72 -35.05 8.20
CA LYS A 13 -56.87 -34.36 8.77
C LYS A 13 -56.93 -32.93 8.23
N PRO A 14 -58.13 -32.46 7.85
CA PRO A 14 -58.25 -31.08 7.35
C PRO A 14 -57.92 -30.07 8.42
N GLY A 15 -56.88 -29.27 8.18
CA GLY A 15 -56.45 -28.27 9.12
C GLY A 15 -55.49 -28.76 10.17
N GLY A 16 -55.10 -30.04 10.13
CA GLY A 16 -54.20 -30.61 11.10
C GLY A 16 -52.73 -30.41 10.74
N SER A 17 -51.95 -31.47 10.80
CA SER A 17 -50.53 -31.38 10.47
C SER A 17 -50.06 -32.69 9.85
N LEU A 18 -48.99 -32.58 9.08
CA LEU A 18 -48.37 -33.71 8.39
C LEU A 18 -46.95 -33.31 8.02
N ARG A 19 -46.08 -34.31 7.88
CA ARG A 19 -44.68 -34.05 7.53
C ARG A 19 -44.26 -34.97 6.39
N LEU A 20 -43.85 -34.37 5.28
CA LEU A 20 -43.39 -35.13 4.12
C LEU A 20 -41.93 -35.52 4.32
N SER A 21 -41.40 -36.26 3.36
CA SER A 21 -40.01 -36.69 3.41
C SER A 21 -39.50 -36.98 2.00
N CYS A 22 -38.19 -36.87 1.84
CA CYS A 22 -37.53 -37.12 0.55
C CYS A 22 -36.08 -37.47 0.81
N ALA A 23 -35.62 -38.56 0.19
CA ALA A 23 -34.25 -39.02 0.34
C ALA A 23 -33.53 -38.91 -0.99
N ALA A 24 -32.24 -38.60 -0.93
CA ALA A 24 -31.42 -38.45 -2.12
C ALA A 24 -30.12 -39.22 -1.96
N SER A 25 -29.56 -39.64 -3.09
CA SER A 25 -28.31 -40.40 -3.12
C SER A 25 -27.69 -40.26 -4.50
N GLY A 26 -26.41 -40.63 -4.58
CA GLY A 26 -25.67 -40.57 -5.82
C GLY A 26 -25.03 -39.24 -6.14
N PHE A 27 -25.14 -38.25 -5.27
CA PHE A 27 -24.54 -36.94 -5.51
C PHE A 27 -24.36 -36.23 -4.17
N THR A 28 -23.71 -35.08 -4.24
CA THR A 28 -23.49 -34.27 -3.04
C THR A 28 -24.74 -33.48 -2.73
N PHE A 29 -25.59 -34.04 -1.86
CA PHE A 29 -26.86 -33.38 -1.50
C PHE A 29 -26.63 -32.08 -0.75
N SER A 30 -25.50 -31.95 -0.04
CA SER A 30 -25.22 -30.73 0.71
C SER A 30 -24.87 -29.55 -0.17
N ASP A 31 -24.58 -29.76 -1.45
CA ASP A 31 -24.22 -28.68 -2.36
C ASP A 31 -25.28 -28.40 -3.41
N TYR A 32 -26.47 -29.00 -3.30
CA TYR A 32 -27.54 -28.78 -4.27
C TYR A 32 -28.81 -28.33 -3.56
N TRP A 33 -29.56 -27.46 -4.21
CA TRP A 33 -30.81 -26.97 -3.66
C TRP A 33 -31.89 -28.05 -3.76
N MET A 34 -33.05 -27.77 -3.17
CA MET A 34 -34.17 -28.69 -3.21
C MET A 34 -35.45 -27.88 -3.36
N ASN A 35 -36.33 -28.33 -4.25
CA ASN A 35 -37.59 -27.64 -4.51
C ASN A 35 -38.76 -28.59 -4.36
N TRP A 36 -39.87 -28.04 -3.89
CA TRP A 36 -41.12 -28.77 -3.71
C TRP A 36 -42.20 -28.13 -4.57
N VAL A 37 -42.75 -28.90 -5.50
CA VAL A 37 -43.79 -28.43 -6.39
C VAL A 37 -45.03 -29.29 -6.18
N ARG A 38 -46.17 -28.79 -6.65
CA ARG A 38 -47.42 -29.51 -6.52
C ARG A 38 -48.17 -29.51 -7.85
N GLN A 39 -48.86 -30.60 -8.13
CA GLN A 39 -49.63 -30.76 -9.37
C GLN A 39 -51.03 -31.20 -8.94
N THR A 40 -51.98 -30.27 -9.01
CA THR A 40 -53.36 -30.58 -8.63
C THR A 40 -53.96 -31.54 -9.66
N PRO A 41 -54.91 -32.39 -9.25
CA PRO A 41 -55.53 -33.35 -10.19
C PRO A 41 -56.24 -32.70 -11.37
N GLY A 42 -55.73 -32.96 -12.56
CA GLY A 42 -56.29 -32.45 -13.80
C GLY A 42 -55.79 -31.09 -14.25
N LYS A 43 -55.00 -30.38 -13.45
CA LYS A 43 -54.52 -29.06 -13.82
C LYS A 43 -53.00 -29.09 -14.04
N GLY A 44 -52.41 -27.91 -14.13
CA GLY A 44 -50.99 -27.76 -14.36
C GLY A 44 -50.14 -27.96 -13.11
N LEU A 45 -48.90 -27.50 -13.22
CA LEU A 45 -47.90 -27.58 -12.15
C LEU A 45 -47.84 -26.27 -11.39
N GLU A 46 -47.64 -26.36 -10.07
CA GLU A 46 -47.55 -25.19 -9.20
C GLU A 46 -46.38 -25.37 -8.23
N TRP A 47 -45.61 -24.30 -8.07
CA TRP A 47 -44.46 -24.28 -7.16
C TRP A 47 -44.87 -23.61 -5.87
N ILE A 48 -44.43 -24.16 -4.74
CA ILE A 48 -44.80 -23.59 -3.45
C ILE A 48 -43.62 -23.22 -2.56
N SER A 49 -42.48 -23.90 -2.62
CA SER A 49 -41.38 -23.54 -1.73
C SER A 49 -40.05 -24.02 -2.31
N VAL A 50 -38.98 -23.48 -1.74
CA VAL A 50 -37.61 -23.80 -2.12
C VAL A 50 -36.74 -23.63 -0.88
N ILE A 51 -35.77 -24.51 -0.71
CA ILE A 51 -34.85 -24.45 0.41
C ILE A 51 -33.45 -24.26 -0.14
N ASN A 52 -32.68 -23.41 0.51
CA ASN A 52 -31.34 -23.13 0.03
C ASN A 52 -30.33 -24.07 0.68
N SER A 53 -29.13 -24.08 0.13
CA SER A 53 -28.06 -24.91 0.67
C SER A 53 -27.65 -24.35 2.03
N TYR A 54 -27.30 -25.27 2.94
CA TYR A 54 -26.90 -25.00 4.33
C TYR A 54 -28.08 -24.46 5.14
N GLY A 55 -29.30 -24.54 4.63
CA GLY A 55 -30.45 -24.02 5.36
C GLY A 55 -30.42 -22.51 5.49
N GLY A 56 -29.97 -21.82 4.44
CA GLY A 56 -29.89 -20.37 4.51
C GLY A 56 -31.25 -19.70 4.58
N SER A 57 -32.04 -19.82 3.50
CA SER A 57 -33.35 -19.22 3.45
C SER A 57 -34.37 -20.27 3.05
N THR A 58 -35.64 -19.89 3.17
CA THR A 58 -36.77 -20.77 2.87
C THR A 58 -37.90 -20.02 2.14
N HIS A 59 -37.57 -19.37 1.03
CA HIS A 59 -38.54 -18.61 0.23
C HIS A 59 -39.74 -19.44 -0.17
N TYR A 60 -40.94 -18.99 0.23
CA TYR A 60 -42.17 -19.70 -0.10
C TYR A 60 -42.99 -18.91 -1.10
N ALA A 61 -44.18 -19.41 -1.40
CA ALA A 61 -45.13 -18.75 -2.28
C ALA A 61 -46.14 -18.00 -1.42
N ASP A 62 -46.91 -17.12 -2.05
CA ASP A 62 -47.89 -16.35 -1.29
C ASP A 62 -49.04 -17.20 -0.78
N SER A 63 -49.37 -18.29 -1.47
CA SER A 63 -50.47 -19.13 -1.05
C SER A 63 -50.11 -20.08 0.10
N VAL A 64 -48.81 -20.31 0.34
CA VAL A 64 -48.37 -21.22 1.39
C VAL A 64 -47.44 -20.55 2.40
N GLN A 65 -47.32 -19.22 2.40
CA GLN A 65 -46.44 -18.56 3.34
C GLN A 65 -47.04 -18.59 4.75
N GLY A 66 -46.26 -19.12 5.70
CA GLY A 66 -46.69 -19.23 7.07
C GLY A 66 -47.37 -20.53 7.43
N ARG A 67 -47.83 -21.29 6.44
CA ARG A 67 -48.50 -22.55 6.69
C ARG A 67 -47.55 -23.74 6.63
N PHE A 68 -46.78 -23.87 5.55
CA PHE A 68 -45.83 -24.96 5.39
C PHE A 68 -44.41 -24.45 5.61
N THR A 69 -43.53 -25.34 6.06
CA THR A 69 -42.13 -25.02 6.32
C THR A 69 -41.27 -26.15 5.80
N ILE A 70 -40.16 -25.82 5.14
CA ILE A 70 -39.25 -26.80 4.59
C ILE A 70 -37.93 -26.78 5.37
N SER A 71 -37.44 -27.96 5.71
CA SER A 71 -36.20 -28.13 6.46
C SER A 71 -35.44 -29.30 5.85
N ARG A 72 -34.12 -29.29 6.04
CA ARG A 72 -33.30 -30.36 5.50
C ARG A 72 -32.25 -30.79 6.52
N ASP A 73 -31.79 -32.01 6.36
CA ASP A 73 -30.76 -32.63 7.21
C ASP A 73 -29.66 -33.10 6.27
N ASN A 74 -28.62 -32.26 6.14
CA ASN A 74 -27.50 -32.59 5.26
C ASN A 74 -26.68 -33.76 5.80
N SER A 75 -26.73 -33.99 7.11
CA SER A 75 -25.98 -35.10 7.70
C SER A 75 -26.55 -36.44 7.26
N LYS A 76 -27.87 -36.55 7.22
CA LYS A 76 -28.52 -37.78 6.80
C LYS A 76 -28.99 -37.75 5.35
N ASN A 77 -28.80 -36.61 4.66
CA ASN A 77 -29.19 -36.42 3.26
C ASN A 77 -30.69 -36.68 3.06
N THR A 78 -31.49 -36.25 4.04
CA THR A 78 -32.94 -36.43 4.01
C THR A 78 -33.60 -35.07 4.00
N LEU A 79 -34.55 -34.88 3.08
CA LEU A 79 -35.29 -33.63 2.95
C LEU A 79 -36.73 -33.88 3.38
N PHE A 80 -37.19 -33.13 4.40
CA PHE A 80 -38.54 -33.30 4.92
C PHE A 80 -39.27 -31.97 4.89
N LEU A 81 -40.50 -31.98 4.37
CA LEU A 81 -41.33 -30.79 4.27
C LEU A 81 -42.46 -30.89 5.28
N GLN A 82 -42.57 -29.89 6.15
CA GLN A 82 -43.60 -29.86 7.17
C GLN A 82 -44.85 -29.16 6.66
N MET A 83 -46.00 -29.79 6.86
CA MET A 83 -47.29 -29.27 6.43
C MET A 83 -48.13 -28.98 7.66
N ASN A 84 -48.61 -27.74 7.78
CA ASN A 84 -49.45 -27.35 8.91
C ASN A 84 -50.66 -26.59 8.38
N SER A 85 -51.83 -26.89 8.97
CA SER A 85 -53.11 -26.28 8.62
C SER A 85 -53.44 -26.45 7.14
N LEU A 86 -53.20 -27.64 6.60
CA LEU A 86 -53.48 -27.90 5.19
C LEU A 86 -54.98 -28.08 4.98
N ARG A 87 -55.51 -27.37 4.00
CA ARG A 87 -56.91 -27.35 3.63
C ARG A 87 -57.19 -28.35 2.50
N PRO A 88 -58.46 -28.76 2.31
CA PRO A 88 -58.76 -29.71 1.23
C PRO A 88 -58.48 -29.17 -0.17
N GLU A 89 -58.44 -27.85 -0.35
CA GLU A 89 -58.14 -27.30 -1.67
C GLU A 89 -56.67 -27.42 -2.01
N ASP A 90 -55.83 -27.79 -1.04
CA ASP A 90 -54.40 -27.95 -1.25
C ASP A 90 -54.04 -29.33 -1.78
N THR A 91 -55.02 -30.17 -2.12
CA THR A 91 -54.73 -31.50 -2.65
C THR A 91 -54.02 -31.39 -4.00
N ALA A 92 -52.95 -32.16 -4.16
CA ALA A 92 -52.15 -32.15 -5.37
C ALA A 92 -51.18 -33.33 -5.35
N VAL A 93 -50.58 -33.59 -6.50
CA VAL A 93 -49.59 -34.66 -6.64
C VAL A 93 -48.24 -33.96 -6.48
N TYR A 94 -47.71 -34.01 -5.27
CA TYR A 94 -46.45 -33.35 -4.97
C TYR A 94 -45.26 -34.13 -5.53
N TYR A 95 -44.21 -33.38 -5.89
CA TYR A 95 -42.99 -33.96 -6.44
C TYR A 95 -41.77 -33.37 -5.74
N CYS A 96 -40.74 -34.21 -5.64
CA CYS A 96 -39.47 -33.83 -5.04
C CYS A 96 -38.45 -33.80 -6.18
N ALA A 97 -37.87 -32.62 -6.43
CA ALA A 97 -36.93 -32.48 -7.53
C ALA A 97 -35.64 -31.80 -7.08
N LYS A 98 -34.64 -31.89 -7.97
CA LYS A 98 -33.32 -31.31 -7.76
C LYS A 98 -33.04 -30.31 -8.88
N VAL A 99 -32.33 -29.24 -8.54
CA VAL A 99 -31.97 -28.20 -9.50
C VAL A 99 -30.89 -28.69 -10.46
N ASP A 100 -30.58 -27.85 -11.47
CA ASP A 100 -29.63 -28.21 -12.50
C ASP A 100 -28.22 -28.43 -11.94
N ALA A 101 -27.55 -27.37 -11.49
CA ALA A 101 -26.19 -27.49 -11.00
C ALA A 101 -26.10 -27.04 -9.55
N ASP A 102 -24.92 -27.28 -8.97
CA ASP A 102 -24.64 -26.94 -7.59
C ASP A 102 -24.54 -25.43 -7.38
N ASP A 103 -24.62 -25.03 -6.12
CA ASP A 103 -24.58 -23.62 -5.71
C ASP A 103 -23.24 -22.94 -5.89
N TYR A 104 -22.19 -23.66 -6.26
CA TYR A 104 -20.87 -23.05 -6.42
C TYR A 104 -20.83 -22.03 -7.56
N GLY A 105 -20.75 -20.76 -7.19
CA GLY A 105 -20.71 -19.69 -8.17
C GLY A 105 -20.96 -18.35 -7.49
N TYR A 106 -21.17 -17.34 -8.33
CA TYR A 106 -21.43 -15.99 -7.84
C TYR A 106 -22.79 -15.92 -7.17
N PHE A 107 -22.90 -15.08 -6.14
CA PHE A 107 -24.17 -14.95 -5.44
C PHE A 107 -24.25 -13.60 -4.74
N SER A 108 -25.48 -13.20 -4.41
CA SER A 108 -25.72 -11.93 -3.73
C SER A 108 -25.83 -12.10 -2.21
N THR A 109 -26.82 -12.85 -1.74
CA THR A 109 -27.00 -13.07 -0.31
C THR A 109 -26.87 -14.53 0.09
N VAL A 110 -27.67 -15.42 -0.50
CA VAL A 110 -27.61 -16.84 -0.20
C VAL A 110 -26.61 -17.43 -1.19
N PRO A 111 -25.85 -18.47 -0.82
CA PRO A 111 -24.83 -19.03 -1.73
C PRO A 111 -25.31 -19.49 -3.11
N GLY A 112 -26.53 -19.99 -3.24
CA GLY A 112 -26.97 -20.43 -4.54
C GLY A 112 -27.71 -19.41 -5.38
N ASP A 113 -27.76 -18.15 -4.95
CA ASP A 113 -28.47 -17.12 -5.69
C ASP A 113 -27.75 -16.80 -7.00
N LEU A 114 -28.52 -16.35 -8.00
CA LEU A 114 -28.05 -15.96 -9.33
C LEU A 114 -27.37 -17.13 -10.05
N LYS A 115 -28.18 -18.13 -10.38
CA LYS A 115 -27.69 -19.30 -11.09
C LYS A 115 -28.85 -19.98 -11.81
N ASN A 116 -28.60 -20.35 -13.07
CA ASN A 116 -29.59 -21.01 -13.92
C ASN A 116 -30.02 -22.32 -13.29
N TYR A 117 -31.25 -22.38 -12.80
CA TYR A 117 -31.78 -23.55 -12.12
C TYR A 117 -32.97 -24.12 -12.90
N TYR A 118 -32.89 -25.39 -13.26
CA TYR A 118 -33.95 -26.10 -13.96
C TYR A 118 -34.00 -27.49 -13.39
N PHE A 119 -35.21 -27.99 -13.14
CA PHE A 119 -35.39 -29.31 -12.55
C PHE A 119 -35.02 -30.38 -13.57
N ASP A 120 -33.93 -31.09 -13.32
CA ASP A 120 -33.45 -32.15 -14.20
C ASP A 120 -33.76 -33.54 -13.69
N TYR A 121 -33.79 -33.75 -12.38
CA TYR A 121 -34.08 -35.04 -11.78
C TYR A 121 -35.26 -34.90 -10.84
N TRP A 122 -36.23 -35.80 -10.98
CA TRP A 122 -37.43 -35.81 -10.16
C TRP A 122 -37.59 -37.17 -9.51
N GLY A 123 -38.51 -37.24 -8.56
CA GLY A 123 -38.82 -38.46 -7.83
C GLY A 123 -40.10 -39.11 -8.32
N GLN A 124 -40.81 -39.74 -7.40
CA GLN A 124 -42.07 -40.41 -7.69
C GLN A 124 -43.23 -39.53 -7.26
N GLY A 125 -44.32 -39.57 -8.02
CA GLY A 125 -45.49 -38.77 -7.71
C GLY A 125 -46.23 -39.22 -6.47
N VAL A 126 -46.13 -38.46 -5.39
CA VAL A 126 -46.81 -38.77 -4.13
C VAL A 126 -48.07 -37.92 -4.06
N LEU A 127 -49.14 -38.49 -3.51
CA LEU A 127 -50.41 -37.81 -3.41
C LEU A 127 -50.65 -37.42 -1.95
N VAL A 128 -50.90 -36.13 -1.71
CA VAL A 128 -51.15 -35.59 -0.38
C VAL A 128 -52.53 -34.95 -0.37
N THR A 129 -53.39 -35.38 0.55
CA THR A 129 -54.74 -34.86 0.66
C THR A 129 -55.26 -35.12 2.07
N VAL A 130 -56.47 -34.63 2.34
CA VAL A 130 -57.13 -34.82 3.62
C VAL A 130 -58.53 -35.37 3.36
N SER A 131 -59.06 -36.08 4.35
CA SER A 131 -60.39 -36.66 4.24
C SER A 131 -60.94 -36.89 5.64
N SER A 132 -62.08 -37.57 5.70
CA SER A 132 -62.73 -37.86 6.98
C SER A 132 -62.01 -38.99 7.71
N GLN B 1 -44.41 -8.73 -9.76
CA GLN B 1 -44.39 -10.17 -9.98
C GLN B 1 -44.66 -10.50 -11.45
N ILE B 2 -44.04 -11.56 -11.94
CA ILE B 2 -44.21 -11.97 -13.33
C ILE B 2 -45.19 -13.13 -13.42
N VAL B 3 -46.01 -13.11 -14.47
CA VAL B 3 -47.01 -14.14 -14.74
C VAL B 3 -46.80 -14.66 -16.15
N LEU B 4 -46.70 -15.97 -16.30
CA LEU B 4 -46.50 -16.60 -17.60
C LEU B 4 -47.84 -17.03 -18.18
N THR B 5 -47.86 -17.16 -19.51
CA THR B 5 -49.08 -17.55 -20.22
C THR B 5 -48.71 -18.26 -21.51
N GLN B 6 -49.27 -19.45 -21.71
CA GLN B 6 -49.04 -20.24 -22.90
C GLN B 6 -50.19 -20.11 -23.87
N SER B 7 -49.93 -20.46 -25.13
CA SER B 7 -50.92 -20.40 -26.19
C SER B 7 -50.50 -21.31 -27.35
N PRO B 8 -51.40 -22.17 -27.86
CA PRO B 8 -52.80 -22.37 -27.44
C PRO B 8 -52.91 -23.30 -26.22
N ALA B 9 -54.06 -23.33 -25.56
CA ALA B 9 -54.22 -24.19 -24.38
C ALA B 9 -54.35 -25.66 -24.78
N ILE B 10 -55.16 -25.96 -25.79
CA ILE B 10 -55.38 -27.32 -26.24
C ILE B 10 -55.14 -27.39 -27.74
N MET B 11 -54.32 -28.33 -28.19
CA MET B 11 -54.03 -28.49 -29.59
C MET B 11 -54.10 -29.97 -29.95
N SER B 12 -54.44 -30.23 -31.21
CA SER B 12 -54.55 -31.58 -31.73
C SER B 12 -53.68 -31.70 -32.98
N ALA B 13 -52.83 -32.72 -33.02
CA ALA B 13 -51.94 -32.94 -34.15
C ALA B 13 -51.93 -34.41 -34.53
N SER B 14 -51.66 -34.67 -35.80
CA SER B 14 -51.60 -36.02 -36.33
C SER B 14 -50.15 -36.51 -36.36
N LEU B 15 -49.97 -37.70 -36.93
CA LEU B 15 -48.64 -38.27 -37.02
C LEU B 15 -47.83 -37.55 -38.11
N GLY B 16 -46.68 -37.02 -37.73
CA GLY B 16 -45.84 -36.31 -38.66
C GLY B 16 -46.31 -34.92 -39.03
N GLU B 17 -47.14 -34.30 -38.19
CA GLU B 17 -47.66 -32.97 -38.47
C GLU B 17 -46.83 -31.91 -37.73
N GLU B 18 -46.49 -30.85 -38.45
CA GLU B 18 -45.70 -29.75 -37.93
C GLU B 18 -46.59 -28.83 -37.09
N ILE B 19 -46.18 -28.57 -35.85
CA ILE B 19 -46.92 -27.71 -34.93
C ILE B 19 -45.93 -26.78 -34.25
N THR B 20 -46.48 -25.82 -33.50
CA THR B 20 -45.68 -24.84 -32.77
C THR B 20 -46.39 -24.41 -31.50
N LEU B 21 -45.68 -24.50 -30.38
CA LEU B 21 -46.16 -24.12 -29.06
C LEU B 21 -45.45 -22.85 -28.64
N THR B 22 -46.16 -21.92 -28.02
CA THR B 22 -45.58 -20.65 -27.59
C THR B 22 -45.87 -20.37 -26.13
N CYS B 23 -44.95 -19.64 -25.49
CA CYS B 23 -45.04 -19.22 -24.10
C CYS B 23 -44.68 -17.75 -24.01
N SER B 24 -45.46 -16.99 -23.26
CA SER B 24 -45.23 -15.57 -23.10
C SER B 24 -45.25 -15.19 -21.62
N ALA B 25 -44.65 -14.06 -21.31
CA ALA B 25 -44.58 -13.55 -19.94
C ALA B 25 -44.78 -12.05 -19.95
N THR B 26 -45.08 -11.51 -18.77
CA THR B 26 -45.31 -10.08 -18.62
C THR B 26 -44.02 -9.27 -18.51
N SER B 27 -42.87 -9.93 -18.38
CA SER B 27 -41.59 -9.23 -18.29
C SER B 27 -40.52 -10.09 -18.94
N SER B 28 -39.40 -9.43 -19.29
CA SER B 28 -38.30 -10.13 -19.93
C SER B 28 -37.56 -11.02 -18.94
N VAL B 29 -37.16 -12.20 -19.43
CA VAL B 29 -36.44 -13.18 -18.62
C VAL B 29 -35.19 -13.62 -19.38
N ASN B 30 -34.25 -14.21 -18.65
CA ASN B 30 -33.01 -14.68 -19.27
C ASN B 30 -33.26 -15.87 -20.19
N SER B 31 -34.04 -16.84 -19.72
CA SER B 31 -34.33 -18.03 -20.52
C SER B 31 -35.60 -18.68 -20.00
N ILE B 32 -36.13 -19.59 -20.81
CA ILE B 32 -37.34 -20.32 -20.49
C ILE B 32 -37.08 -21.81 -20.70
N HIS B 33 -37.38 -22.60 -19.69
CA HIS B 33 -37.17 -24.05 -19.74
C HIS B 33 -38.50 -24.74 -20.06
N TRP B 34 -38.47 -25.59 -21.08
CA TRP B 34 -39.65 -26.32 -21.51
C TRP B 34 -39.69 -27.69 -20.85
N TYR B 35 -40.90 -28.16 -20.56
CA TYR B 35 -41.07 -29.45 -19.89
C TYR B 35 -42.19 -30.23 -20.56
N GLN B 36 -42.37 -31.46 -20.09
CA GLN B 36 -43.41 -32.37 -20.56
C GLN B 36 -43.66 -33.40 -19.47
N GLN B 37 -44.93 -33.67 -19.20
CA GLN B 37 -45.28 -34.63 -18.17
C GLN B 37 -46.47 -35.48 -18.61
N LYS B 38 -46.49 -36.71 -18.13
CA LYS B 38 -47.55 -37.68 -18.39
C LYS B 38 -48.23 -38.01 -17.07
N SER B 39 -49.52 -38.35 -17.15
CA SER B 39 -50.33 -38.68 -15.98
C SER B 39 -49.73 -39.78 -15.12
N GLY B 40 -49.34 -39.44 -13.90
CA GLY B 40 -48.74 -40.38 -12.99
C GLY B 40 -47.23 -40.48 -13.05
N THR B 41 -46.59 -39.76 -13.96
CA THR B 41 -45.14 -39.80 -14.12
C THR B 41 -44.50 -38.50 -13.62
N ALA B 42 -43.18 -38.45 -13.76
CA ALA B 42 -42.42 -37.28 -13.33
C ALA B 42 -42.15 -36.36 -14.52
N PRO B 43 -42.32 -35.04 -14.38
CA PRO B 43 -42.07 -34.13 -15.49
C PRO B 43 -40.60 -34.08 -15.91
N ASN B 44 -40.32 -34.41 -17.17
CA ASN B 44 -38.95 -34.40 -17.68
C ASN B 44 -38.65 -33.09 -18.39
N VAL B 45 -37.38 -32.72 -18.40
CA VAL B 45 -36.92 -31.50 -19.07
C VAL B 45 -36.44 -31.86 -20.47
N LEU B 46 -36.73 -30.99 -21.44
CA LEU B 46 -36.35 -31.23 -22.82
C LEU B 46 -35.42 -30.14 -23.37
N ILE B 47 -35.81 -28.87 -23.26
CA ILE B 47 -34.99 -27.77 -23.76
C ILE B 47 -34.76 -26.79 -22.62
N TYR B 48 -33.49 -26.53 -22.33
CA TYR B 48 -33.08 -25.60 -21.29
C TYR B 48 -32.31 -24.46 -21.94
N ASP B 49 -32.22 -23.33 -21.22
CA ASP B 49 -31.58 -22.08 -21.65
C ASP B 49 -32.07 -21.58 -23.01
N THR B 50 -33.29 -22.02 -23.40
CA THR B 50 -34.05 -21.71 -24.61
C THR B 50 -33.41 -22.26 -25.89
N SER B 51 -32.14 -22.65 -25.85
CA SER B 51 -31.48 -23.14 -27.05
C SER B 51 -30.90 -24.55 -26.92
N ASN B 52 -30.40 -24.90 -25.75
CA ASN B 52 -29.81 -26.22 -25.57
C ASN B 52 -30.84 -27.26 -25.17
N LEU B 53 -30.84 -28.39 -25.88
CA LEU B 53 -31.75 -29.47 -25.60
C LEU B 53 -31.15 -30.37 -24.52
N ALA B 54 -32.02 -31.13 -23.86
CA ALA B 54 -31.56 -32.02 -22.80
C ALA B 54 -30.85 -33.24 -23.39
N SER B 55 -30.24 -34.02 -22.49
CA SER B 55 -29.52 -35.22 -22.91
C SER B 55 -30.47 -36.41 -23.01
N GLY B 56 -30.44 -37.10 -24.15
CA GLY B 56 -31.27 -38.25 -24.38
C GLY B 56 -32.65 -37.98 -24.95
N VAL B 57 -33.05 -36.72 -25.07
CA VAL B 57 -34.36 -36.38 -25.62
C VAL B 57 -34.29 -36.44 -27.14
N PRO B 58 -35.39 -36.70 -27.84
CA PRO B 58 -35.34 -36.76 -29.30
C PRO B 58 -35.06 -35.39 -29.92
N SER B 59 -34.51 -35.41 -31.14
CA SER B 59 -34.18 -34.20 -31.86
C SER B 59 -35.39 -33.53 -32.50
N ARG B 60 -36.58 -34.13 -32.40
CA ARG B 60 -37.77 -33.53 -33.00
C ARG B 60 -38.17 -32.24 -32.28
N PHE B 61 -37.83 -32.09 -31.01
CA PHE B 61 -38.17 -30.90 -30.26
C PHE B 61 -37.15 -29.80 -30.50
N SER B 62 -37.65 -28.57 -30.63
CA SER B 62 -36.80 -27.41 -30.85
C SER B 62 -37.54 -26.17 -30.37
N GLY B 63 -36.78 -25.11 -30.14
CA GLY B 63 -37.38 -23.87 -29.66
C GLY B 63 -36.39 -22.73 -29.68
N SER B 64 -36.93 -21.52 -29.69
CA SER B 64 -36.13 -20.29 -29.71
C SER B 64 -37.02 -19.15 -29.24
N GLY B 65 -36.39 -18.00 -29.01
CA GLY B 65 -37.11 -16.83 -28.57
C GLY B 65 -36.19 -15.89 -27.81
N SER B 66 -36.72 -14.69 -27.59
CA SER B 66 -35.99 -13.64 -26.87
C SER B 66 -37.00 -12.65 -26.34
N GLY B 67 -36.56 -11.84 -25.37
CA GLY B 67 -37.45 -10.85 -24.78
C GLY B 67 -38.53 -11.50 -23.95
N THR B 68 -39.78 -11.14 -24.24
CA THR B 68 -40.93 -11.69 -23.54
C THR B 68 -41.68 -12.73 -24.35
N PHE B 69 -41.19 -13.07 -25.55
CA PHE B 69 -41.82 -14.04 -26.41
C PHE B 69 -40.90 -15.24 -26.59
N TYR B 70 -41.46 -16.43 -26.41
CA TYR B 70 -40.70 -17.68 -26.54
C TYR B 70 -41.60 -18.70 -27.21
N SER B 71 -40.99 -19.73 -27.80
CA SER B 71 -41.78 -20.73 -28.49
C SER B 71 -41.09 -22.09 -28.46
N LEU B 72 -41.90 -23.12 -28.71
CA LEU B 72 -41.48 -24.51 -28.77
C LEU B 72 -41.95 -25.04 -30.12
N THR B 73 -41.05 -25.63 -30.89
CA THR B 73 -41.37 -26.16 -32.21
C THR B 73 -41.14 -27.67 -32.25
N ILE B 74 -42.17 -28.40 -32.66
CA ILE B 74 -42.12 -29.85 -32.78
C ILE B 74 -42.19 -30.16 -34.27
N SER B 75 -41.06 -30.59 -34.85
CA SER B 75 -41.03 -30.89 -36.28
C SER B 75 -41.88 -32.10 -36.63
N SER B 76 -41.72 -33.20 -35.90
CA SER B 76 -42.49 -34.41 -36.15
C SER B 76 -43.23 -34.81 -34.89
N VAL B 77 -44.51 -35.14 -35.03
CA VAL B 77 -45.35 -35.52 -33.91
C VAL B 77 -45.64 -37.02 -34.00
N GLU B 78 -45.33 -37.73 -32.92
CA GLU B 78 -45.55 -39.17 -32.82
C GLU B 78 -46.67 -39.42 -31.82
N THR B 79 -46.94 -40.72 -31.59
CA THR B 79 -47.99 -41.10 -30.66
C THR B 79 -47.61 -40.76 -29.22
N GLU B 80 -46.34 -40.95 -28.86
CA GLU B 80 -45.87 -40.66 -27.50
C GLU B 80 -45.85 -39.16 -27.19
N ASP B 81 -45.78 -38.31 -28.21
CA ASP B 81 -45.74 -36.87 -28.01
C ASP B 81 -47.02 -36.28 -27.41
N ALA B 82 -48.12 -37.04 -27.41
CA ALA B 82 -49.38 -36.55 -26.84
C ALA B 82 -49.25 -36.51 -25.32
N ALA B 83 -48.96 -35.31 -24.80
CA ALA B 83 -48.81 -35.12 -23.36
C ALA B 83 -49.07 -33.65 -23.05
N ASP B 84 -48.74 -33.23 -21.83
CA ASP B 84 -48.92 -31.87 -21.36
C ASP B 84 -47.56 -31.22 -21.21
N TYR B 85 -47.39 -30.04 -21.80
CA TYR B 85 -46.13 -29.31 -21.76
C TYR B 85 -46.25 -28.04 -20.92
N TYR B 86 -45.10 -27.53 -20.50
CA TYR B 86 -45.04 -26.32 -19.68
C TYR B 86 -43.79 -25.51 -20.02
N CYS B 87 -43.78 -24.28 -19.51
CA CYS B 87 -42.67 -23.35 -19.66
C CYS B 87 -42.38 -22.78 -18.28
N HIS B 88 -41.10 -22.74 -17.90
CA HIS B 88 -40.69 -22.28 -16.59
C HIS B 88 -39.66 -21.16 -16.69
N GLN B 89 -39.79 -20.19 -15.77
CA GLN B 89 -38.91 -19.03 -15.69
C GLN B 89 -38.11 -19.08 -14.40
N TRP B 90 -36.93 -18.47 -14.43
CA TRP B 90 -36.02 -18.45 -13.28
C TRP B 90 -35.49 -17.08 -12.91
N THR B 91 -35.61 -16.07 -13.77
CA THR B 91 -35.05 -14.74 -13.51
C THR B 91 -35.58 -14.11 -12.23
N THR B 92 -36.89 -13.94 -12.11
CA THR B 92 -37.42 -13.29 -10.92
C THR B 92 -38.45 -14.16 -10.20
N TYR B 93 -38.85 -13.67 -9.03
CA TYR B 93 -39.83 -14.31 -8.18
C TYR B 93 -41.20 -14.22 -8.86
N PRO B 94 -42.12 -15.19 -8.65
CA PRO B 94 -42.04 -16.39 -7.80
C PRO B 94 -41.63 -17.72 -8.45
N TRP B 95 -40.80 -17.76 -9.51
CA TRP B 95 -40.38 -19.02 -10.14
C TRP B 95 -41.56 -19.86 -10.63
N THR B 96 -42.65 -19.21 -11.04
CA THR B 96 -43.83 -19.93 -11.48
C THR B 96 -43.65 -20.54 -12.87
N PHE B 97 -44.48 -21.53 -13.16
CA PHE B 97 -44.48 -22.22 -14.43
C PHE B 97 -45.48 -21.56 -15.38
N GLY B 98 -45.73 -22.22 -16.51
CA GLY B 98 -46.66 -21.70 -17.49
C GLY B 98 -48.08 -22.15 -17.24
N GLY B 99 -48.95 -21.85 -18.20
CA GLY B 99 -50.35 -22.23 -18.10
C GLY B 99 -50.65 -23.67 -18.47
N GLY B 100 -49.70 -24.37 -19.09
CA GLY B 100 -49.90 -25.74 -19.48
C GLY B 100 -50.61 -25.89 -20.82
N THR B 101 -50.14 -26.83 -21.64
CA THR B 101 -50.73 -27.06 -22.95
C THR B 101 -50.89 -28.55 -23.17
N LYS B 102 -52.13 -28.98 -23.40
CA LYS B 102 -52.45 -30.38 -23.63
C LYS B 102 -52.39 -30.71 -25.12
N LEU B 103 -51.72 -31.81 -25.45
CA LEU B 103 -51.58 -32.27 -26.83
C LEU B 103 -52.22 -33.64 -26.95
N GLU B 104 -53.03 -33.82 -27.99
CA GLU B 104 -53.73 -35.07 -28.25
C GLU B 104 -53.59 -35.44 -29.71
N ILE B 105 -53.49 -36.74 -29.97
CA ILE B 105 -53.37 -37.26 -31.33
C ILE B 105 -54.67 -37.02 -32.08
N LYS B 106 -54.58 -36.37 -33.23
CA LYS B 106 -55.75 -36.07 -34.04
C LYS B 106 -56.23 -37.31 -34.79
N ASN C 38 60.18 10.64 -38.27
CA ASN C 38 59.14 9.62 -38.14
C ASN C 38 57.83 10.17 -37.54
N LEU C 39 56.92 9.27 -37.16
CA LEU C 39 55.65 9.66 -36.57
C LEU C 39 55.45 9.02 -35.20
N TRP C 40 54.86 9.79 -34.29
CA TRP C 40 54.56 9.37 -32.93
C TRP C 40 53.07 9.56 -32.69
N VAL C 41 52.45 8.61 -32.00
CA VAL C 41 51.02 8.70 -31.71
C VAL C 41 50.81 9.72 -30.60
N THR C 42 49.74 10.50 -30.73
CA THR C 42 49.38 11.52 -29.76
C THR C 42 47.93 11.34 -29.36
N VAL C 43 47.60 11.86 -28.18
CA VAL C 43 46.25 11.79 -27.63
C VAL C 43 45.69 13.20 -27.51
N TYR C 44 44.48 13.40 -28.04
CA TYR C 44 43.81 14.68 -28.02
C TYR C 44 42.65 14.59 -27.04
N TYR C 45 42.55 15.55 -26.13
CA TYR C 45 41.50 15.59 -25.13
C TYR C 45 40.44 16.59 -25.58
N GLY C 46 39.18 16.21 -25.45
CA GLY C 46 38.09 17.08 -25.87
C GLY C 46 37.91 17.17 -27.36
N VAL C 47 38.25 16.11 -28.08
CA VAL C 47 38.14 16.08 -29.54
C VAL C 47 36.66 16.11 -29.93
N PRO C 48 36.28 16.72 -31.06
CA PRO C 48 34.85 16.77 -31.45
C PRO C 48 34.31 15.63 -32.30
N VAL C 49 34.09 14.47 -31.68
CA VAL C 49 33.55 13.30 -32.36
C VAL C 49 32.39 12.78 -31.52
N TRP C 50 31.53 11.98 -32.16
CA TRP C 50 30.37 11.45 -31.46
C TRP C 50 29.94 10.15 -32.12
N ARG C 51 29.23 9.33 -31.34
CA ARG C 51 28.70 8.05 -31.78
C ARG C 51 27.30 7.90 -31.24
N ASP C 52 26.48 7.12 -31.95
CA ASP C 52 25.11 6.89 -31.51
C ASP C 52 25.10 5.92 -30.33
N ALA C 53 24.45 6.32 -29.24
CA ALA C 53 24.41 5.48 -28.06
C ALA C 53 23.11 5.72 -27.31
N GLU C 54 22.88 4.89 -26.30
CA GLU C 54 21.68 4.97 -25.47
C GLU C 54 22.06 5.49 -24.08
N THR C 55 21.31 6.48 -23.61
CA THR C 55 21.59 7.07 -22.31
C THR C 55 20.31 7.65 -21.71
N THR C 56 20.36 7.89 -20.40
CA THR C 56 19.24 8.46 -19.68
C THR C 56 19.16 9.96 -19.98
N LEU C 57 18.00 10.55 -19.69
CA LEU C 57 17.77 11.97 -19.93
C LEU C 57 17.02 12.59 -18.76
N PHE C 58 17.26 13.87 -18.51
CA PHE C 58 16.60 14.59 -17.42
C PHE C 58 15.81 15.77 -17.97
N CYS C 59 14.71 16.07 -17.29
CA CYS C 59 13.77 17.13 -17.67
C CYS C 59 14.31 18.53 -17.37
N ALA C 60 13.66 19.51 -17.99
CA ALA C 60 13.97 20.92 -17.83
C ALA C 60 12.71 21.75 -18.10
N SER C 61 12.01 22.13 -17.04
CA SER C 61 10.78 22.91 -17.20
C SER C 61 10.97 24.32 -16.67
N ASP C 62 9.97 25.17 -16.94
CA ASP C 62 10.00 26.55 -16.50
C ASP C 62 9.55 26.62 -15.05
N ALA C 63 10.45 27.06 -14.16
CA ALA C 63 10.12 27.15 -12.74
C ALA C 63 9.16 28.31 -12.50
N LYS C 64 8.09 28.01 -11.77
CA LYS C 64 7.08 29.02 -11.44
C LYS C 64 6.84 29.07 -9.94
N GLU C 69 1.73 26.89 -6.25
CA GLU C 69 1.03 26.80 -7.55
C GLU C 69 0.63 25.34 -7.81
N LYS C 70 -0.48 25.13 -8.53
CA LYS C 70 -0.94 23.76 -8.86
C LYS C 70 0.25 22.97 -9.43
N HIS C 71 0.43 21.72 -9.00
CA HIS C 71 1.51 20.90 -9.65
C HIS C 71 0.91 20.25 -10.90
N ASN C 72 1.72 19.80 -11.84
CA ASN C 72 1.15 19.25 -13.10
C ASN C 72 1.33 17.74 -13.10
N VAL C 73 0.32 17.01 -13.56
CA VAL C 73 0.39 15.52 -13.53
C VAL C 73 1.79 15.09 -13.94
N TRP C 74 2.47 15.90 -14.74
CA TRP C 74 3.77 15.45 -15.24
C TRP C 74 4.92 15.70 -14.27
N ALA C 75 4.65 16.32 -13.11
CA ALA C 75 5.66 16.63 -12.09
C ALA C 75 6.83 17.42 -12.68
N THR C 76 6.50 18.46 -13.44
CA THR C 76 7.54 19.27 -14.08
C THR C 76 8.24 20.18 -13.08
N HIS C 77 7.69 20.33 -11.88
CA HIS C 77 8.34 21.17 -10.88
C HIS C 77 9.46 20.40 -10.19
N ALA C 78 9.51 19.08 -10.37
CA ALA C 78 10.55 18.27 -9.74
C ALA C 78 11.84 18.28 -10.53
N CYS C 79 11.77 18.40 -11.86
CA CYS C 79 13.00 18.40 -12.64
C CYS C 79 13.74 19.74 -12.52
N VAL C 80 14.93 19.77 -13.12
CA VAL C 80 15.82 20.93 -13.12
C VAL C 80 15.13 22.12 -13.81
N PRO C 81 15.25 23.34 -13.28
CA PRO C 81 14.64 24.49 -13.96
C PRO C 81 15.33 24.73 -15.30
N THR C 82 14.55 25.21 -16.27
CA THR C 82 15.10 25.45 -17.60
C THR C 82 16.07 26.63 -17.59
N ASP C 83 16.97 26.63 -18.57
CA ASP C 83 17.94 27.69 -18.71
C ASP C 83 17.27 28.94 -19.26
N PRO C 84 17.83 30.13 -18.97
CA PRO C 84 17.20 31.36 -19.50
C PRO C 84 17.22 31.44 -21.02
N ASN C 85 18.22 30.81 -21.64
CA ASN C 85 18.36 30.76 -23.09
C ASN C 85 19.18 29.53 -23.46
N PRO C 86 18.60 28.58 -24.20
CA PRO C 86 19.35 27.37 -24.57
C PRO C 86 20.43 27.69 -25.60
N GLN C 87 21.67 27.32 -25.27
CA GLN C 87 22.80 27.55 -26.16
C GLN C 87 22.73 26.59 -27.34
N GLU C 88 22.36 27.10 -28.50
CA GLU C 88 22.25 26.31 -29.72
C GLU C 88 23.32 26.77 -30.69
N ILE C 89 24.12 25.84 -31.18
CA ILE C 89 25.21 26.14 -32.11
C ILE C 89 25.02 25.33 -33.38
N HIS C 90 25.15 25.98 -34.53
CA HIS C 90 25.02 25.35 -35.83
C HIS C 90 26.40 24.93 -36.32
N LEU C 91 26.59 23.64 -36.54
CA LEU C 91 27.87 23.12 -37.01
C LEU C 91 27.99 23.30 -38.51
N ASP C 92 29.08 23.92 -38.95
CA ASP C 92 29.32 24.13 -40.36
C ASP C 92 30.03 22.92 -40.94
N ASN C 93 29.85 22.67 -42.24
CA ASN C 93 30.43 21.57 -42.99
C ASN C 93 30.09 20.20 -42.40
N VAL C 94 28.94 20.04 -41.76
CA VAL C 94 28.57 18.78 -41.13
C VAL C 94 27.32 18.18 -41.77
N THR C 95 27.43 16.92 -42.17
CA THR C 95 26.33 16.15 -42.76
C THR C 95 26.21 14.90 -41.90
N GLU C 96 25.08 14.75 -41.22
CA GLU C 96 24.87 13.61 -40.34
C GLU C 96 23.62 12.84 -40.75
N LYS C 97 23.69 11.52 -40.59
CA LYS C 97 22.59 10.62 -40.90
C LYS C 97 21.63 10.57 -39.72
N PHE C 98 20.34 10.65 -40.01
CA PHE C 98 19.29 10.61 -39.00
C PHE C 98 18.33 9.47 -39.27
N ASN C 99 17.69 8.98 -38.21
CA ASN C 99 16.72 7.90 -38.31
C ASN C 99 15.73 8.12 -37.18
N MET C 100 14.56 8.68 -37.53
CA MET C 100 13.54 8.94 -36.52
C MET C 100 12.85 7.68 -36.04
N TRP C 101 12.75 6.66 -36.89
CA TRP C 101 12.07 5.42 -36.51
C TRP C 101 12.93 4.55 -35.61
N LYS C 102 14.25 4.57 -35.76
CA LYS C 102 15.14 3.77 -34.94
C LYS C 102 15.72 4.56 -33.77
N ASN C 103 15.16 5.73 -33.48
CA ASN C 103 15.66 6.55 -32.38
C ASN C 103 15.26 5.94 -31.04
N ASN C 104 16.09 6.19 -30.03
CA ASN C 104 15.85 5.68 -28.68
C ASN C 104 15.17 6.70 -27.78
N MET C 105 15.24 7.99 -28.15
CA MET C 105 14.63 9.03 -27.33
C MET C 105 13.12 8.88 -27.26
N VAL C 106 12.48 8.42 -28.33
CA VAL C 106 11.03 8.26 -28.30
C VAL C 106 10.63 7.14 -27.35
N GLU C 107 11.38 6.03 -27.33
CA GLU C 107 11.08 4.94 -26.41
C GLU C 107 11.33 5.37 -24.97
N GLN C 108 12.45 6.07 -24.73
CA GLN C 108 12.75 6.55 -23.39
C GLN C 108 11.70 7.54 -22.92
N MET C 109 11.23 8.41 -23.83
CA MET C 109 10.21 9.38 -23.48
C MET C 109 8.90 8.69 -23.13
N HIS C 110 8.54 7.64 -23.88
CA HIS C 110 7.32 6.89 -23.59
C HIS C 110 7.40 6.26 -22.21
N THR C 111 8.55 5.66 -21.88
CA THR C 111 8.72 5.05 -20.56
C THR C 111 8.68 6.10 -19.46
N ASP C 112 9.27 7.28 -19.69
CA ASP C 112 9.26 8.33 -18.68
C ASP C 112 7.86 8.88 -18.46
N ILE C 113 7.08 9.06 -19.53
CA ILE C 113 5.72 9.57 -19.36
C ILE C 113 4.84 8.57 -18.64
N ILE C 114 4.95 7.28 -18.98
CA ILE C 114 4.11 6.29 -18.28
C ILE C 114 4.56 6.16 -16.83
N SER C 115 5.86 6.32 -16.56
CA SER C 115 6.37 6.26 -15.19
C SER C 115 5.86 7.44 -14.38
N LEU C 116 5.85 8.64 -14.97
CA LEU C 116 5.35 9.81 -14.27
C LEU C 116 3.85 9.70 -14.06
N TRP C 117 3.15 9.05 -14.99
CA TRP C 117 1.71 8.86 -14.85
C TRP C 117 1.42 7.97 -13.65
N ASP C 118 2.16 6.87 -13.53
CA ASP C 118 1.99 5.96 -12.40
C ASP C 118 2.40 6.64 -11.10
N GLN C 119 3.43 7.50 -11.16
CA GLN C 119 3.89 8.24 -10.00
C GLN C 119 2.82 9.22 -9.51
N SER C 120 2.19 9.93 -10.45
CA SER C 120 1.16 10.90 -10.09
C SER C 120 -0.08 10.21 -9.54
N LEU C 121 -0.39 9.02 -10.05
CA LEU C 121 -1.58 8.33 -9.56
C LEU C 121 -1.32 7.56 -8.27
N LYS C 122 -0.07 7.42 -7.84
CA LYS C 122 0.24 6.67 -6.62
C LYS C 122 -0.27 7.29 -5.31
N PRO C 123 -0.08 8.61 -5.00
CA PRO C 123 -0.60 9.10 -3.70
C PRO C 123 -2.09 9.37 -3.70
N CYS C 124 -2.74 9.33 -4.86
CA CYS C 124 -4.16 9.60 -4.92
C CYS C 124 -5.01 8.41 -4.49
N VAL C 125 -6.30 8.68 -4.26
CA VAL C 125 -7.23 7.65 -3.82
C VAL C 125 -7.67 6.78 -4.99
N LYS C 126 -7.87 5.49 -4.71
CA LYS C 126 -8.29 4.50 -5.69
C LYS C 126 -9.80 4.32 -5.66
N LEU C 127 -10.33 3.67 -6.69
CA LEU C 127 -11.76 3.40 -6.82
C LEU C 127 -12.13 1.96 -6.46
N THR C 128 -11.48 1.37 -5.46
CA THR C 128 -11.81 0.00 -5.09
C THR C 128 -13.22 -0.23 -4.51
N PRO C 129 -13.88 0.68 -3.78
CA PRO C 129 -15.23 0.35 -3.30
C PRO C 129 -16.35 0.78 -4.24
N LEU C 130 -16.04 1.31 -5.42
CA LEU C 130 -17.03 1.78 -6.38
C LEU C 130 -17.48 0.71 -7.36
N CYS C 131 -17.10 -0.55 -7.15
CA CYS C 131 -17.51 -1.62 -8.05
C CYS C 131 -18.86 -2.21 -7.66
N VAL C 132 -19.67 -1.47 -6.90
CA VAL C 132 -20.98 -1.94 -6.48
C VAL C 132 -21.93 -1.89 -7.69
N THR C 133 -22.98 -2.70 -7.66
CA THR C 133 -23.95 -2.75 -8.74
C THR C 133 -24.75 -1.44 -8.78
N LEU C 134 -24.43 -0.58 -9.75
CA LEU C 134 -25.12 0.69 -9.89
C LEU C 134 -26.51 0.51 -10.47
N HIS C 135 -27.39 1.46 -10.16
CA HIS C 135 -28.77 1.49 -10.66
C HIS C 135 -28.93 2.80 -11.40
N CYS C 136 -28.92 2.74 -12.73
CA CYS C 136 -29.01 3.94 -13.55
C CYS C 136 -30.25 3.91 -14.44
N THR C 137 -30.78 5.10 -14.70
CA THR C 137 -31.94 5.31 -15.55
C THR C 137 -31.62 6.46 -16.49
N ASN C 138 -32.60 6.83 -17.32
CA ASN C 138 -32.40 7.92 -18.25
C ASN C 138 -32.41 9.26 -17.52
N VAL C 139 -31.74 10.24 -18.12
CA VAL C 139 -31.67 11.58 -17.52
C VAL C 139 -32.98 12.32 -17.75
N THR C 140 -33.22 13.33 -16.92
CA THR C 140 -34.43 14.13 -17.01
C THR C 140 -34.24 15.31 -17.97
N ASP C 147 -29.00 13.64 -30.00
CA ASP C 147 -29.60 12.77 -28.99
C ASP C 147 -29.32 13.26 -27.56
N ARG C 148 -30.14 12.80 -26.60
CA ARG C 148 -29.98 13.20 -25.21
C ARG C 148 -29.93 12.01 -24.27
N GLU C 149 -29.72 10.79 -24.77
CA GLU C 149 -29.67 9.59 -23.95
C GLU C 149 -28.25 9.12 -23.66
N GLU C 150 -27.25 9.98 -23.84
CA GLU C 150 -25.87 9.60 -23.60
C GLU C 150 -25.56 9.49 -22.10
N LEU C 151 -26.06 10.44 -21.30
CA LEU C 151 -25.84 10.44 -19.86
C LEU C 151 -26.89 9.58 -19.17
N LYS C 152 -26.49 8.99 -18.03
CA LYS C 152 -27.36 8.12 -17.24
C LYS C 152 -27.29 8.57 -15.79
N ASN C 153 -28.45 8.73 -15.15
CA ASN C 153 -28.52 9.13 -13.75
C ASN C 153 -28.44 7.88 -12.90
N CYS C 154 -27.27 7.62 -12.33
CA CYS C 154 -27.03 6.44 -11.53
C CYS C 154 -27.27 6.68 -10.04
N SER C 155 -27.54 5.59 -9.33
CA SER C 155 -27.78 5.58 -7.89
C SER C 155 -27.17 4.28 -7.36
N PHE C 156 -26.32 4.39 -6.36
CA PHE C 156 -25.67 3.19 -5.83
C PHE C 156 -25.34 3.38 -4.35
N ASN C 157 -25.12 2.25 -3.68
CA ASN C 157 -24.76 2.24 -2.28
C ASN C 157 -23.25 2.44 -2.15
N MET C 158 -22.84 3.05 -1.04
CA MET C 158 -21.43 3.31 -0.82
C MET C 158 -21.14 3.41 0.66
N THR C 159 -20.01 2.84 1.07
CA THR C 159 -19.61 2.88 2.47
C THR C 159 -19.17 4.30 2.83
N THR C 160 -19.66 4.79 3.96
CA THR C 160 -19.34 6.12 4.44
C THR C 160 -18.06 6.07 5.27
N GLU C 161 -17.73 7.21 5.91
CA GLU C 161 -16.54 7.27 6.76
C GLU C 161 -16.65 6.34 7.95
N LEU C 162 -17.88 6.11 8.42
CA LEU C 162 -18.11 5.18 9.52
C LEU C 162 -17.99 3.77 8.97
N ARG C 163 -17.21 2.91 9.63
CA ARG C 163 -17.02 1.56 9.14
C ARG C 163 -18.27 0.70 9.31
N ASP C 164 -19.15 1.07 10.25
CA ASP C 164 -20.38 0.31 10.49
C ASP C 164 -21.59 0.91 9.79
N LYS C 165 -21.41 1.94 8.97
CA LYS C 165 -22.52 2.57 8.26
C LYS C 165 -22.15 2.77 6.81
N ARG C 166 -23.16 3.06 5.99
CA ARG C 166 -23.00 3.29 4.56
C ARG C 166 -23.77 4.54 4.16
N GLN C 167 -23.65 4.93 2.90
CA GLN C 167 -24.36 6.11 2.39
C GLN C 167 -24.88 5.83 0.99
N LYS C 168 -26.00 6.47 0.67
CA LYS C 168 -26.63 6.35 -0.64
C LYS C 168 -26.45 7.66 -1.38
N VAL C 169 -25.77 7.60 -2.52
CA VAL C 169 -25.48 8.78 -3.33
C VAL C 169 -26.00 8.56 -4.74
N TYR C 170 -25.95 9.63 -5.53
CA TYR C 170 -26.38 9.60 -6.93
C TYR C 170 -25.39 10.43 -7.73
N SER C 171 -25.14 10.00 -8.96
CA SER C 171 -24.21 10.72 -9.82
C SER C 171 -24.51 10.37 -11.27
N LEU C 172 -23.98 11.20 -12.17
CA LEU C 172 -24.16 11.01 -13.59
C LEU C 172 -22.93 10.36 -14.20
N PHE C 173 -23.17 9.37 -15.06
CA PHE C 173 -22.10 8.65 -15.74
C PHE C 173 -22.46 8.48 -17.21
N TYR C 174 -21.45 8.46 -18.06
CA TYR C 174 -21.67 8.28 -19.48
C TYR C 174 -21.96 6.82 -19.79
N ARG C 175 -22.61 6.59 -20.93
CA ARG C 175 -22.95 5.23 -21.33
C ARG C 175 -21.71 4.43 -21.69
N LEU C 176 -20.67 5.10 -22.20
CA LEU C 176 -19.44 4.41 -22.58
C LEU C 176 -18.74 3.78 -21.38
N ASP C 177 -18.73 4.47 -20.24
CA ASP C 177 -18.11 3.95 -19.03
C ASP C 177 -19.09 3.16 -18.17
N ILE C 178 -20.15 2.64 -18.77
CA ILE C 178 -21.18 1.89 -18.08
C ILE C 178 -21.41 0.58 -18.82
N VAL C 179 -21.36 -0.53 -18.08
CA VAL C 179 -21.55 -1.86 -18.63
C VAL C 179 -22.54 -2.64 -17.77
N PRO C 180 -23.63 -3.16 -18.33
CA PRO C 180 -24.57 -3.92 -17.51
C PRO C 180 -24.05 -5.30 -17.18
N ILE C 181 -24.64 -5.91 -16.14
CA ILE C 181 -24.22 -7.25 -15.74
C ILE C 181 -24.61 -8.27 -16.80
N ASN C 182 -25.82 -8.13 -17.35
CA ASN C 182 -26.35 -9.00 -18.41
C ASN C 182 -27.13 -8.12 -19.38
N GLU C 183 -27.44 -8.68 -20.54
CA GLU C 183 -28.17 -7.92 -21.55
C GLU C 183 -29.68 -8.14 -21.50
N ASN C 184 -30.21 -8.65 -20.38
CA ASN C 184 -31.64 -8.89 -20.31
C ASN C 184 -32.32 -8.19 -19.12
N GLN C 185 -31.64 -8.07 -17.99
CA GLN C 185 -32.25 -7.44 -16.81
C GLN C 185 -32.61 -5.97 -17.06
N GLY C 186 -31.60 -5.13 -17.24
CA GLY C 186 -31.84 -3.72 -17.46
C GLY C 186 -31.98 -2.96 -16.16
N SER C 187 -31.40 -1.76 -16.10
CA SER C 187 -31.32 -0.77 -15.02
C SER C 187 -30.20 -1.08 -14.01
N GLU C 188 -29.49 -2.20 -14.13
CA GLU C 188 -28.38 -2.50 -13.23
C GLU C 188 -27.13 -2.51 -14.09
N TYR C 189 -26.13 -1.70 -13.71
CA TYR C 189 -24.91 -1.62 -14.50
C TYR C 189 -23.69 -1.59 -13.58
N ARG C 190 -22.52 -1.70 -14.21
CA ARG C 190 -21.23 -1.68 -13.53
C ARG C 190 -20.30 -0.77 -14.31
N LEU C 191 -19.12 -0.55 -13.74
CA LEU C 191 -18.11 0.27 -14.41
C LEU C 191 -17.49 -0.53 -15.53
N ILE C 192 -16.97 0.16 -16.55
CA ILE C 192 -16.35 -0.54 -17.67
C ILE C 192 -15.07 -1.25 -17.22
N ASN C 193 -14.32 -0.63 -16.31
CA ASN C 193 -13.09 -1.24 -15.81
C ASN C 193 -13.29 -1.60 -14.34
N CYS C 194 -13.84 -2.77 -14.12
CA CYS C 194 -14.10 -3.36 -12.81
C CYS C 194 -13.61 -4.78 -12.73
N ASN C 195 -13.70 -5.54 -13.82
CA ASN C 195 -13.23 -6.92 -13.87
C ASN C 195 -11.81 -7.01 -14.40
N THR C 196 -11.17 -5.87 -14.67
CA THR C 196 -9.81 -5.81 -15.17
C THR C 196 -8.84 -5.24 -14.15
N SER C 197 -9.20 -4.16 -13.47
CA SER C 197 -8.42 -3.49 -12.45
C SER C 197 -9.28 -2.41 -11.81
N ALA C 198 -8.77 -1.83 -10.74
CA ALA C 198 -9.44 -0.75 -10.02
C ALA C 198 -8.79 0.56 -10.43
N CYS C 199 -9.60 1.49 -10.95
CA CYS C 199 -9.09 2.78 -11.38
C CYS C 199 -8.68 3.63 -10.19
N THR C 200 -7.90 4.67 -10.48
CA THR C 200 -7.42 5.60 -9.48
C THR C 200 -7.90 6.99 -9.84
N GLN C 201 -8.55 7.66 -8.88
CA GLN C 201 -9.06 9.00 -9.12
C GLN C 201 -7.90 9.98 -9.15
N ALA C 202 -7.87 10.82 -10.19
CA ALA C 202 -6.80 11.80 -10.30
C ALA C 202 -6.93 12.87 -9.22
N CYS C 203 -5.80 13.24 -8.65
CA CYS C 203 -5.77 14.25 -7.60
C CYS C 203 -6.16 15.62 -8.17
N PRO C 204 -7.13 16.31 -7.58
CA PRO C 204 -7.52 17.63 -8.11
C PRO C 204 -6.48 18.71 -7.91
N LYS C 205 -5.47 18.47 -7.06
CA LYS C 205 -4.43 19.46 -6.82
C LYS C 205 -3.47 19.61 -8.00
N VAL C 206 -3.50 18.69 -8.96
CA VAL C 206 -2.64 18.74 -10.14
C VAL C 206 -3.53 18.90 -11.36
N SER C 207 -2.95 19.40 -12.44
CA SER C 207 -3.67 19.60 -13.68
C SER C 207 -3.00 18.88 -14.84
N PHE C 208 -3.79 18.60 -15.87
CA PHE C 208 -3.33 17.91 -17.07
C PHE C 208 -2.96 18.88 -18.18
N GLU C 209 -2.50 20.08 -17.83
CA GLU C 209 -2.12 21.05 -18.83
C GLU C 209 -0.85 20.59 -19.56
N PRO C 210 -0.85 20.57 -20.89
CA PRO C 210 0.35 20.12 -21.61
C PRO C 210 1.47 21.15 -21.56
N ILE C 211 2.07 21.32 -20.38
CA ILE C 211 3.16 22.27 -20.20
C ILE C 211 4.40 21.74 -20.91
N PRO C 212 5.13 22.57 -21.67
CA PRO C 212 6.31 22.07 -22.39
C PRO C 212 7.44 21.72 -21.45
N ILE C 213 8.19 20.69 -21.83
CA ILE C 213 9.33 20.19 -21.09
C ILE C 213 10.51 20.08 -22.05
N HIS C 214 11.71 20.37 -21.56
CA HIS C 214 12.91 20.29 -22.37
C HIS C 214 13.70 19.05 -21.96
N TYR C 215 13.92 18.15 -22.91
CA TYR C 215 14.65 16.91 -22.67
C TYR C 215 16.13 17.18 -22.84
N CYS C 216 16.81 17.50 -21.75
CA CYS C 216 18.24 17.79 -21.77
C CYS C 216 19.04 16.49 -21.71
N ALA C 217 20.25 16.58 -22.27
CA ALA C 217 21.20 15.47 -22.29
C ALA C 217 22.18 15.62 -21.14
N PRO C 218 22.65 14.51 -20.56
CA PRO C 218 23.61 14.61 -19.47
C PRO C 218 24.96 15.14 -19.95
N ALA C 219 25.84 15.39 -18.98
CA ALA C 219 27.18 15.89 -19.30
C ALA C 219 27.93 14.84 -20.08
N GLY C 220 28.56 15.26 -21.18
CA GLY C 220 29.28 14.38 -22.06
C GLY C 220 28.46 13.89 -23.22
N PHE C 221 27.17 14.20 -23.23
CA PHE C 221 26.23 13.83 -24.28
C PHE C 221 25.62 15.10 -24.87
N ALA C 222 25.15 15.00 -26.10
CA ALA C 222 24.53 16.15 -26.76
C ALA C 222 23.43 15.66 -27.68
N ILE C 223 22.57 16.60 -28.07
CA ILE C 223 21.44 16.34 -28.95
C ILE C 223 21.67 17.12 -30.24
N LEU C 224 21.67 16.40 -31.37
CA LEU C 224 21.88 17.03 -32.66
C LEU C 224 20.54 17.40 -33.28
N LYS C 225 20.48 18.59 -33.89
CA LYS C 225 19.26 19.10 -34.52
C LYS C 225 19.50 19.27 -36.01
N CYS C 226 18.53 18.86 -36.82
CA CYS C 226 18.60 18.96 -38.27
C CYS C 226 17.76 20.14 -38.74
N LYS C 227 18.43 21.18 -39.24
CA LYS C 227 17.76 22.37 -39.73
C LYS C 227 17.51 22.35 -41.23
N ASP C 228 17.44 21.17 -41.84
CA ASP C 228 17.20 21.09 -43.27
C ASP C 228 15.74 21.45 -43.58
N GLU C 229 15.55 22.21 -44.63
CA GLU C 229 14.21 22.62 -45.02
C GLU C 229 13.46 21.45 -45.64
N GLY C 230 12.32 21.10 -45.04
CA GLY C 230 11.52 19.99 -45.54
C GLY C 230 12.16 18.64 -45.38
N PHE C 231 12.83 18.40 -44.26
CA PHE C 231 13.47 17.10 -44.03
C PHE C 231 12.39 16.07 -43.72
N ASN C 232 12.46 14.92 -44.38
CA ASN C 232 11.46 13.89 -44.18
C ASN C 232 11.69 12.99 -42.97
N GLY C 233 12.76 13.18 -42.22
CA GLY C 233 13.02 12.39 -41.04
C GLY C 233 13.86 11.14 -41.23
N THR C 234 14.27 10.82 -42.45
CA THR C 234 15.09 9.64 -42.69
C THR C 234 16.11 9.93 -43.77
N GLY C 235 17.37 9.75 -43.44
CA GLY C 235 18.46 9.97 -44.36
C GLY C 235 19.52 10.89 -43.79
N LEU C 236 20.31 11.45 -44.70
CA LEU C 236 21.40 12.36 -44.34
C LEU C 236 20.89 13.80 -44.33
N CYS C 237 21.23 14.53 -43.30
CA CYS C 237 20.82 15.93 -43.14
C CYS C 237 21.94 16.84 -43.61
N LYS C 238 21.61 17.81 -44.45
CA LYS C 238 22.60 18.74 -45.00
C LYS C 238 22.71 20.03 -44.19
N ASN C 239 21.97 20.18 -43.10
CA ASN C 239 22.04 21.39 -42.28
C ASN C 239 21.79 20.92 -40.85
N VAL C 240 22.88 20.60 -40.16
CA VAL C 240 22.83 20.08 -38.80
C VAL C 240 23.24 21.14 -37.79
N SER C 241 22.60 21.11 -36.64
CA SER C 241 22.86 22.02 -35.53
C SER C 241 22.90 21.20 -34.26
N THR C 242 23.56 21.73 -33.23
CA THR C 242 23.66 21.00 -31.97
C THR C 242 23.13 21.87 -30.83
N VAL C 243 22.61 21.21 -29.80
CA VAL C 243 22.06 21.90 -28.64
C VAL C 243 22.08 20.93 -27.46
N GLN C 244 22.23 21.48 -26.25
CA GLN C 244 22.26 20.65 -25.05
C GLN C 244 20.86 20.17 -24.66
N CYS C 245 19.84 20.98 -24.89
CA CYS C 245 18.47 20.63 -24.54
C CYS C 245 17.55 20.88 -25.71
N THR C 246 16.53 20.03 -25.84
CA THR C 246 15.55 20.16 -26.91
C THR C 246 14.64 21.35 -26.65
N HIS C 247 13.84 21.69 -27.65
CA HIS C 247 12.92 22.82 -27.50
C HIS C 247 11.71 22.42 -26.65
N GLY C 248 10.72 23.31 -26.64
CA GLY C 248 9.51 23.06 -25.87
C GLY C 248 8.70 21.90 -26.39
N ILE C 249 8.77 20.77 -25.68
CA ILE C 249 8.04 19.57 -26.07
C ILE C 249 6.83 19.44 -25.17
N LYS C 250 5.64 19.66 -25.73
CA LYS C 250 4.41 19.55 -24.97
C LYS C 250 3.94 18.10 -25.04
N PRO C 251 3.91 17.38 -23.93
CA PRO C 251 3.49 15.96 -23.97
C PRO C 251 1.98 15.76 -24.02
N VAL C 252 1.33 16.38 -25.00
CA VAL C 252 -0.12 16.25 -25.16
C VAL C 252 -0.37 14.89 -25.82
N VAL C 253 -1.42 14.21 -25.39
CA VAL C 253 -1.76 12.90 -25.94
C VAL C 253 -2.92 13.06 -26.90
N SER C 254 -2.72 12.66 -28.15
CA SER C 254 -3.74 12.79 -29.16
C SER C 254 -3.68 11.60 -30.12
N THR C 255 -4.84 11.28 -30.70
CA THR C 255 -4.96 10.18 -31.63
C THR C 255 -5.53 10.67 -32.96
N GLN C 256 -4.89 10.25 -34.06
CA GLN C 256 -5.22 10.53 -35.46
C GLN C 256 -4.98 11.98 -35.88
N LEU C 257 -4.68 12.86 -34.93
CA LEU C 257 -4.43 14.26 -35.21
C LEU C 257 -3.34 14.74 -34.25
N LEU C 258 -2.48 15.63 -34.73
CA LEU C 258 -1.42 16.20 -33.89
C LEU C 258 -1.85 17.59 -33.48
N LEU C 259 -2.11 17.77 -32.19
CA LEU C 259 -2.55 19.05 -31.65
C LEU C 259 -1.40 19.76 -30.94
N ASN C 260 -1.30 21.07 -31.19
CA ASN C 260 -0.27 21.94 -30.61
C ASN C 260 1.14 21.46 -30.93
N GLY C 261 1.31 20.85 -32.11
CA GLY C 261 2.61 20.36 -32.52
C GLY C 261 3.45 21.41 -33.22
N SER C 262 4.60 20.97 -33.73
CA SER C 262 5.49 21.87 -34.44
C SER C 262 5.10 21.96 -35.91
N LEU C 263 4.89 23.19 -36.37
CA LEU C 263 4.50 23.44 -37.76
C LEU C 263 5.69 23.21 -38.68
N ALA C 264 5.36 22.90 -39.94
CA ALA C 264 6.39 22.65 -40.93
C ALA C 264 7.07 23.96 -41.33
N GLU C 265 8.23 23.84 -41.98
CA GLU C 265 8.99 25.00 -42.39
C GLU C 265 8.49 25.63 -43.69
N LYS C 266 8.50 24.89 -44.79
CA LYS C 266 8.06 25.42 -46.06
C LYS C 266 7.00 24.61 -46.81
N ASN C 267 7.05 23.27 -46.77
CA ASN C 267 6.07 22.49 -47.48
C ASN C 267 5.58 21.35 -46.61
N ILE C 268 4.52 20.68 -47.09
CA ILE C 268 3.94 19.55 -46.39
C ILE C 268 4.92 18.40 -46.47
N THR C 269 5.29 17.84 -45.32
CA THR C 269 6.24 16.75 -45.25
C THR C 269 5.57 15.45 -44.79
N ILE C 270 5.87 14.37 -45.51
CA ILE C 270 5.35 13.04 -45.21
C ILE C 270 6.50 12.22 -44.66
N ARG C 271 6.31 11.63 -43.49
CA ARG C 271 7.35 10.85 -42.84
C ARG C 271 6.92 9.41 -42.66
N SER C 272 7.78 8.48 -43.11
CA SER C 272 7.57 7.04 -43.01
C SER C 272 8.86 6.34 -43.41
N GLU C 273 9.14 5.21 -42.75
CA GLU C 273 10.36 4.47 -43.08
C GLU C 273 10.20 3.72 -44.39
N ASN C 274 8.98 3.37 -44.76
CA ASN C 274 8.68 2.67 -46.01
C ASN C 274 7.29 3.12 -46.42
N ILE C 275 7.23 4.11 -47.31
CA ILE C 275 5.94 4.64 -47.77
C ILE C 275 5.18 3.59 -48.57
N THR C 276 5.89 2.70 -49.26
CA THR C 276 5.23 1.66 -50.04
C THR C 276 4.66 0.56 -49.16
N ASN C 277 5.24 0.35 -47.97
CA ASN C 277 4.76 -0.68 -47.06
C ASN C 277 3.41 -0.26 -46.49
N ASN C 278 2.43 -1.15 -46.60
CA ASN C 278 1.09 -0.85 -46.10
C ASN C 278 0.97 -1.07 -44.59
N ALA C 279 1.85 -1.87 -44.00
CA ALA C 279 1.78 -2.13 -42.57
C ALA C 279 2.43 -1.04 -41.73
N LYS C 280 3.12 -0.08 -42.35
CA LYS C 280 3.78 0.99 -41.63
C LYS C 280 2.89 2.22 -41.54
N ILE C 281 2.96 2.91 -40.41
CA ILE C 281 2.17 4.12 -40.18
C ILE C 281 2.77 5.26 -40.99
N ILE C 282 1.94 6.25 -41.30
CA ILE C 282 2.35 7.42 -42.07
C ILE C 282 2.08 8.66 -41.25
N ILE C 283 3.10 9.50 -41.07
CA ILE C 283 3.01 10.74 -40.32
C ILE C 283 3.21 11.90 -41.29
N VAL C 284 2.27 12.86 -41.27
CA VAL C 284 2.31 14.01 -42.15
C VAL C 284 2.37 15.28 -41.29
N GLN C 285 2.92 16.35 -41.86
CA GLN C 285 3.04 17.64 -41.20
C GLN C 285 2.42 18.72 -42.07
N LEU C 286 1.86 19.75 -41.45
CA LEU C 286 1.22 20.84 -42.16
C LEU C 286 1.96 22.16 -41.95
N VAL C 287 1.80 23.07 -42.90
CA VAL C 287 2.43 24.37 -42.81
C VAL C 287 1.50 25.42 -42.23
N GLN C 288 0.19 25.20 -42.28
CA GLN C 288 -0.78 26.15 -41.75
C GLN C 288 -1.47 25.56 -40.54
N PRO C 289 -1.45 26.24 -39.39
CA PRO C 289 -2.11 25.70 -38.20
C PRO C 289 -3.62 25.73 -38.32
N VAL C 290 -4.22 24.57 -38.54
CA VAL C 290 -5.67 24.47 -38.68
C VAL C 290 -6.28 24.59 -37.29
N THR C 291 -7.02 25.68 -37.06
CA THR C 291 -7.63 25.89 -35.76
C THR C 291 -8.84 24.99 -35.57
N ILE C 292 -9.19 24.74 -34.31
CA ILE C 292 -10.32 23.91 -33.95
C ILE C 292 -10.86 24.40 -32.61
N LYS C 293 -12.18 24.51 -32.51
CA LYS C 293 -12.83 24.97 -31.29
C LYS C 293 -13.69 23.85 -30.72
N CYS C 294 -13.22 23.23 -29.65
CA CYS C 294 -13.94 22.14 -29.00
C CYS C 294 -14.44 22.64 -27.66
N ILE C 295 -15.76 22.55 -27.46
CA ILE C 295 -16.40 23.02 -26.23
C ILE C 295 -17.14 21.87 -25.56
N ARG C 296 -17.50 22.11 -24.29
CA ARG C 296 -18.24 21.17 -23.47
C ARG C 296 -19.42 22.00 -22.96
N PRO C 297 -20.52 22.02 -23.72
CA PRO C 297 -21.68 22.84 -23.31
C PRO C 297 -22.37 22.39 -22.02
N ASN C 298 -22.15 21.16 -21.57
CA ASN C 298 -22.80 20.71 -20.34
C ASN C 298 -22.19 21.42 -19.13
N ASN C 299 -23.06 21.95 -18.27
CA ASN C 299 -22.63 22.67 -17.07
C ASN C 299 -22.87 21.72 -15.89
N TYR C 300 -21.85 20.94 -15.54
CA TYR C 300 -21.92 20.00 -14.45
C TYR C 300 -21.61 20.68 -13.12
N THR C 301 -22.13 20.08 -12.05
CA THR C 301 -21.92 20.57 -10.68
C THR C 301 -21.05 19.54 -9.97
N ARG C 302 -19.84 19.96 -9.58
CA ARG C 302 -18.94 19.05 -8.90
C ARG C 302 -19.39 18.84 -7.46
N LYS C 303 -19.50 17.57 -7.07
CA LYS C 303 -19.90 17.19 -5.73
C LYS C 303 -18.86 16.24 -5.17
N SER C 304 -18.70 16.25 -3.84
CA SER C 304 -17.73 15.41 -3.17
C SER C 304 -18.41 14.55 -2.12
N ILE C 305 -18.12 13.25 -2.16
CA ILE C 305 -18.65 12.28 -1.22
C ILE C 305 -17.47 11.54 -0.60
N ARG C 306 -17.56 11.23 0.69
CA ARG C 306 -16.47 10.55 1.39
C ARG C 306 -16.75 9.04 1.37
N ILE C 307 -15.93 8.32 0.60
CA ILE C 307 -16.10 6.87 0.51
C ILE C 307 -15.37 6.16 1.64
N GLY C 308 -14.53 6.88 2.39
CA GLY C 308 -13.79 6.32 3.48
C GLY C 308 -13.16 7.39 4.34
N PRO C 309 -12.51 6.97 5.44
CA PRO C 309 -11.85 7.95 6.32
C PRO C 309 -10.66 8.62 5.65
N GLY C 310 -10.79 9.92 5.41
CA GLY C 310 -9.72 10.68 4.79
C GLY C 310 -9.62 10.58 3.29
N GLN C 311 -10.71 10.25 2.60
CA GLN C 311 -10.68 10.14 1.15
C GLN C 311 -12.04 10.56 0.61
N ALA C 312 -12.03 11.23 -0.55
CA ALA C 312 -13.24 11.71 -1.18
C ALA C 312 -13.29 11.29 -2.64
N PHE C 313 -14.51 11.24 -3.17
CA PHE C 313 -14.78 10.87 -4.55
C PHE C 313 -15.57 11.99 -5.21
N TYR C 314 -15.15 12.40 -6.40
CA TYR C 314 -15.79 13.47 -7.14
C TYR C 314 -16.58 12.93 -8.33
N ALA C 315 -17.75 13.51 -8.57
CA ALA C 315 -18.62 13.10 -9.66
C ALA C 315 -19.56 14.25 -9.98
N MET C 316 -20.31 14.09 -11.08
CA MET C 316 -21.26 15.12 -11.51
C MET C 316 -22.56 14.99 -10.74
N GLY C 317 -23.03 16.10 -10.17
CA GLY C 317 -24.27 16.12 -9.43
C GLY C 317 -25.48 16.23 -10.34
N ASP C 318 -25.55 17.33 -11.09
CA ASP C 318 -26.64 17.56 -12.02
C ASP C 318 -26.15 18.45 -13.15
N ILE C 319 -27.06 18.84 -14.03
CA ILE C 319 -26.74 19.68 -15.18
C ILE C 319 -27.62 20.92 -15.15
N ILE C 320 -26.97 22.09 -15.28
CA ILE C 320 -27.67 23.37 -15.28
C ILE C 320 -28.11 23.68 -16.70
N GLY C 321 -29.42 23.86 -16.89
CA GLY C 321 -29.95 24.17 -18.20
C GLY C 321 -30.60 22.98 -18.89
N ASP C 322 -29.99 22.50 -19.97
CA ASP C 322 -30.53 21.36 -20.70
C ASP C 322 -29.39 20.53 -21.26
N ILE C 323 -29.76 19.41 -21.89
CA ILE C 323 -28.77 18.52 -22.47
C ILE C 323 -28.29 19.06 -23.81
N ARG C 324 -26.98 19.19 -23.96
CA ARG C 324 -26.40 19.70 -25.19
C ARG C 324 -25.24 18.80 -25.57
N GLN C 325 -25.25 18.32 -26.81
CA GLN C 325 -24.20 17.42 -27.28
C GLN C 325 -22.90 18.18 -27.53
N ALA C 326 -21.80 17.63 -27.01
CA ALA C 326 -20.50 18.24 -27.20
C ALA C 326 -20.03 18.06 -28.64
N HIS C 327 -19.42 19.08 -29.21
CA HIS C 327 -18.96 19.02 -30.58
C HIS C 327 -17.73 19.91 -30.76
N CYS C 328 -17.23 19.94 -31.99
CA CYS C 328 -16.07 20.74 -32.36
C CYS C 328 -16.34 21.44 -33.68
N ASN C 329 -15.65 22.55 -33.89
CA ASN C 329 -15.79 23.35 -35.10
C ASN C 329 -14.45 23.47 -35.81
N VAL C 330 -14.51 23.56 -37.14
CA VAL C 330 -13.31 23.70 -37.96
C VAL C 330 -13.73 24.32 -39.29
N SER C 331 -12.87 25.19 -39.82
CA SER C 331 -13.14 25.85 -41.09
C SER C 331 -13.00 24.84 -42.21
N ARG C 332 -14.09 24.62 -42.95
CA ARG C 332 -14.07 23.65 -44.05
C ARG C 332 -13.16 24.08 -45.19
N SER C 333 -13.09 25.39 -45.46
CA SER C 333 -12.26 25.90 -46.55
C SER C 333 -10.78 25.59 -46.30
N ARG C 334 -10.27 25.99 -45.15
CA ARG C 334 -8.86 25.76 -44.82
C ARG C 334 -8.56 24.28 -44.68
N TRP C 335 -9.49 23.52 -44.08
CA TRP C 335 -9.29 22.09 -43.88
C TRP C 335 -9.20 21.35 -45.21
N ASN C 336 -10.16 21.57 -46.12
CA ASN C 336 -10.02 20.82 -47.36
C ASN C 336 -8.96 21.43 -48.27
N LYS C 337 -8.54 22.68 -48.03
CA LYS C 337 -7.44 23.23 -48.81
C LYS C 337 -6.15 22.51 -48.42
N THR C 338 -5.96 22.29 -47.11
CA THR C 338 -4.81 21.54 -46.64
C THR C 338 -4.92 20.09 -47.08
N LEU C 339 -6.14 19.56 -47.18
CA LEU C 339 -6.32 18.20 -47.67
C LEU C 339 -5.89 18.10 -49.13
N GLN C 340 -6.18 19.15 -49.91
CA GLN C 340 -5.77 19.19 -51.30
C GLN C 340 -4.25 19.22 -51.40
N GLU C 341 -3.61 19.99 -50.51
CA GLU C 341 -2.15 20.05 -50.51
C GLU C 341 -1.55 18.70 -50.12
N VAL C 342 -2.16 18.02 -49.15
CA VAL C 342 -1.68 16.70 -48.75
C VAL C 342 -1.86 15.69 -49.88
N ALA C 343 -2.98 15.80 -50.61
CA ALA C 343 -3.23 14.90 -51.73
C ALA C 343 -2.22 15.11 -52.84
N GLU C 344 -1.94 16.38 -53.20
CA GLU C 344 -0.96 16.62 -54.25
C GLU C 344 0.45 16.27 -53.79
N LYS C 345 0.71 16.30 -52.48
CA LYS C 345 2.02 15.91 -51.99
C LYS C 345 2.16 14.38 -52.05
N LEU C 346 1.09 13.67 -51.72
CA LEU C 346 1.07 12.21 -51.79
C LEU C 346 1.12 11.74 -53.24
N ARG C 347 0.70 12.59 -54.17
CA ARG C 347 0.71 12.25 -55.59
C ARG C 347 2.14 12.04 -56.11
N THR C 348 3.13 12.63 -55.43
CA THR C 348 4.51 12.47 -55.88
C THR C 348 5.06 11.08 -55.58
N TYR C 349 4.46 10.37 -54.62
CA TYR C 349 4.92 9.04 -54.26
C TYR C 349 4.12 7.91 -54.89
N PHE C 350 2.83 8.13 -55.14
CA PHE C 350 1.97 7.11 -55.74
C PHE C 350 1.68 7.36 -57.21
N GLY C 351 2.41 8.27 -57.85
CA GLY C 351 2.18 8.55 -59.25
C GLY C 351 0.90 9.32 -59.47
N ASN C 352 0.39 9.23 -60.70
CA ASN C 352 -0.85 9.92 -61.09
C ASN C 352 -2.12 9.34 -60.45
N LYS C 353 -2.05 8.43 -59.48
CA LYS C 353 -3.25 7.89 -58.85
C LYS C 353 -3.94 8.96 -58.00
N THR C 354 -5.24 8.80 -57.84
CA THR C 354 -6.06 9.73 -57.07
C THR C 354 -6.10 9.30 -55.60
N ILE C 355 -6.09 10.27 -54.71
CA ILE C 355 -6.09 10.02 -53.28
C ILE C 355 -7.52 10.15 -52.74
N ILE C 356 -7.96 9.12 -52.01
CA ILE C 356 -9.29 9.09 -51.42
C ILE C 356 -9.15 8.85 -49.92
N PHE C 357 -9.88 9.64 -49.13
CA PHE C 357 -9.86 9.54 -47.68
C PHE C 357 -11.18 8.95 -47.19
N ALA C 358 -11.09 7.95 -46.33
CA ALA C 358 -12.26 7.29 -45.77
C ALA C 358 -12.09 7.19 -44.26
N ASN C 359 -13.19 6.91 -43.56
CA ASN C 359 -13.13 6.79 -42.12
C ASN C 359 -12.45 5.49 -41.70
N SER C 360 -12.05 5.43 -40.44
CA SER C 360 -11.37 4.26 -39.90
C SER C 360 -12.33 3.09 -39.76
N SER C 361 -11.78 1.88 -39.70
CA SER C 361 -12.57 0.67 -39.57
C SER C 361 -12.98 0.51 -38.11
N GLY C 362 -14.19 0.00 -37.89
CA GLY C 362 -14.73 -0.21 -36.54
C GLY C 362 -13.89 -1.06 -35.61
N GLY C 363 -13.86 -0.67 -34.34
CA GLY C 363 -13.09 -1.40 -33.34
C GLY C 363 -13.04 -0.62 -32.04
N ASP C 364 -11.83 -0.50 -31.49
CA ASP C 364 -11.59 0.21 -30.25
C ASP C 364 -11.88 1.70 -30.40
N LEU C 365 -12.58 2.28 -29.41
CA LEU C 365 -12.92 3.70 -29.46
C LEU C 365 -11.70 4.60 -29.36
N GLU C 366 -10.66 4.17 -28.64
CA GLU C 366 -9.45 4.99 -28.50
C GLU C 366 -8.70 5.16 -29.82
N ILE C 367 -8.88 4.22 -30.75
CA ILE C 367 -8.21 4.29 -32.04
C ILE C 367 -9.09 4.87 -33.15
N THR C 368 -10.35 4.43 -33.25
CA THR C 368 -11.29 4.88 -34.27
C THR C 368 -11.64 6.35 -34.17
N THR C 369 -11.56 6.96 -32.98
CA THR C 369 -11.92 8.36 -32.82
C THR C 369 -10.71 9.17 -32.38
N HIS C 370 -10.83 10.48 -32.58
CA HIS C 370 -9.79 11.43 -32.22
C HIS C 370 -9.95 11.81 -30.76
N SER C 371 -8.88 11.63 -29.98
CA SER C 371 -8.91 11.95 -28.55
C SER C 371 -7.97 13.08 -28.21
N PHE C 372 -8.32 13.81 -27.15
CA PHE C 372 -7.55 14.94 -26.63
C PHE C 372 -8.09 15.25 -25.25
N ASN C 373 -7.66 16.38 -24.69
CA ASN C 373 -8.09 16.79 -23.38
C ASN C 373 -8.15 18.32 -23.29
N CYS C 374 -9.15 18.83 -22.58
CA CYS C 374 -9.33 20.27 -22.39
C CYS C 374 -9.21 20.53 -20.88
N GLY C 375 -7.98 20.60 -20.38
CA GLY C 375 -7.76 20.87 -18.97
C GLY C 375 -8.36 19.87 -17.99
N GLY C 376 -8.36 18.59 -18.32
CA GLY C 376 -8.89 17.58 -17.42
C GLY C 376 -10.08 16.78 -17.91
N GLU C 377 -10.62 17.08 -19.09
CA GLU C 377 -11.76 16.35 -19.63
C GLU C 377 -11.35 15.69 -20.93
N PHE C 378 -11.50 14.37 -20.99
CA PHE C 378 -11.14 13.61 -22.18
C PHE C 378 -12.28 13.59 -23.17
N PHE C 379 -11.95 13.70 -24.45
CA PHE C 379 -12.93 13.70 -25.54
C PHE C 379 -12.61 12.60 -26.54
N TYR C 380 -13.61 12.27 -27.35
CA TYR C 380 -13.50 11.25 -28.40
C TYR C 380 -14.40 11.72 -29.53
N CYS C 381 -13.83 12.45 -30.49
CA CYS C 381 -14.59 13.00 -31.61
C CYS C 381 -14.53 12.11 -32.84
N ASN C 382 -15.65 12.08 -33.56
CA ASN C 382 -15.78 11.30 -34.78
C ASN C 382 -15.08 12.02 -35.93
N THR C 383 -14.16 11.33 -36.59
CA THR C 383 -13.40 11.92 -37.70
C THR C 383 -14.00 11.61 -39.06
N SER C 384 -15.23 11.11 -39.13
CA SER C 384 -15.85 10.81 -40.42
C SER C 384 -16.20 12.08 -41.17
N GLY C 385 -16.41 13.19 -40.46
CA GLY C 385 -16.74 14.44 -41.10
C GLY C 385 -15.59 15.15 -41.77
N LEU C 386 -14.36 14.68 -41.54
CA LEU C 386 -13.17 15.28 -42.12
C LEU C 386 -12.53 14.42 -43.20
N PHE C 387 -12.43 13.11 -42.98
CA PHE C 387 -11.84 12.19 -43.95
C PHE C 387 -12.91 11.60 -44.86
N ASN C 388 -13.65 12.47 -45.52
CA ASN C 388 -14.73 12.08 -46.42
C ASN C 388 -14.68 12.99 -47.65
N SER C 389 -13.86 12.60 -48.63
CA SER C 389 -13.67 13.34 -49.87
C SER C 389 -12.76 12.52 -50.78
N THR C 390 -12.64 12.98 -52.02
CA THR C 390 -11.78 12.37 -53.03
C THR C 390 -11.09 13.50 -53.78
N TRP C 391 -9.85 13.26 -54.21
CA TRP C 391 -9.09 14.28 -54.91
C TRP C 391 -8.44 13.69 -56.16
N TYR C 392 -8.67 14.33 -57.30
CA TYR C 392 -8.12 13.91 -58.58
C TYR C 392 -6.89 14.75 -58.91
N VAL C 393 -6.27 14.44 -60.05
CA VAL C 393 -5.10 15.18 -60.48
C VAL C 393 -5.50 16.60 -60.89
N ASN C 394 -6.63 16.73 -61.60
CA ASN C 394 -7.15 18.01 -62.05
C ASN C 394 -8.11 18.64 -61.06
N SER C 395 -8.32 18.03 -59.90
CA SER C 395 -9.23 18.58 -58.91
C SER C 395 -8.63 19.80 -58.23
N THR C 396 -9.50 20.74 -57.87
CA THR C 396 -9.10 21.99 -57.22
C THR C 396 -10.18 22.33 -56.20
N TRP C 397 -9.75 22.71 -54.99
CA TRP C 397 -10.71 23.04 -53.93
C TRP C 397 -11.51 24.29 -54.27
N ASN C 398 -10.94 25.20 -55.06
CA ASN C 398 -11.57 26.45 -55.49
C ASN C 398 -12.02 27.32 -54.31
N SER C 406 -17.20 33.73 -45.34
CA SER C 406 -18.06 32.58 -45.19
C SER C 406 -17.54 31.66 -44.07
N ASN C 407 -18.44 31.22 -43.19
CA ASN C 407 -18.04 30.35 -42.09
C ASN C 407 -17.93 28.91 -42.55
N ASP C 408 -19.08 28.28 -42.85
CA ASP C 408 -19.20 26.91 -43.31
C ASP C 408 -18.45 25.92 -42.42
N THR C 409 -18.60 26.03 -41.11
CA THR C 409 -17.91 25.14 -40.19
C THR C 409 -18.45 23.72 -40.27
N ILE C 410 -17.63 22.77 -39.82
CA ILE C 410 -17.99 21.35 -39.81
C ILE C 410 -18.25 20.93 -38.38
N THR C 411 -19.40 20.30 -38.15
CA THR C 411 -19.79 19.82 -36.83
C THR C 411 -19.29 18.39 -36.64
N LEU C 412 -18.41 18.21 -35.67
CA LEU C 412 -17.83 16.91 -35.36
C LEU C 412 -18.38 16.42 -34.03
N PRO C 413 -19.23 15.38 -34.01
CA PRO C 413 -19.75 14.88 -32.74
C PRO C 413 -18.63 14.25 -31.91
N CYS C 414 -18.68 14.46 -30.61
CA CYS C 414 -17.67 13.94 -29.71
C CYS C 414 -18.28 13.20 -28.53
N ARG C 415 -17.50 12.27 -27.98
CA ARG C 415 -17.88 11.46 -26.84
C ARG C 415 -16.91 11.74 -25.70
N ILE C 416 -17.41 11.71 -24.47
CA ILE C 416 -16.60 11.98 -23.30
C ILE C 416 -16.60 10.76 -22.38
N LYS C 417 -15.40 10.31 -22.00
CA LYS C 417 -15.24 9.17 -21.12
C LYS C 417 -14.41 9.57 -19.92
N GLN C 418 -14.84 9.14 -18.73
CA GLN C 418 -14.13 9.42 -17.49
C GLN C 418 -13.16 8.30 -17.13
N ILE C 419 -13.52 7.06 -17.41
CA ILE C 419 -12.68 5.90 -17.13
C ILE C 419 -11.83 5.67 -18.39
N ILE C 420 -10.55 6.04 -18.32
CA ILE C 420 -9.65 5.91 -19.46
C ILE C 420 -8.39 5.14 -19.05
N ASN C 421 -7.76 4.51 -20.03
CA ASN C 421 -6.52 3.76 -19.83
C ASN C 421 -5.32 4.49 -20.39
N MET C 422 -5.50 5.20 -21.51
CA MET C 422 -4.58 6.05 -22.27
C MET C 422 -3.25 5.40 -22.67
N TRP C 423 -3.10 4.11 -22.45
CA TRP C 423 -1.88 3.36 -22.79
C TRP C 423 -2.18 1.95 -23.31
N GLN C 424 -3.46 1.63 -23.55
CA GLN C 424 -3.91 0.33 -24.04
C GLN C 424 -3.46 -0.82 -23.14
N ARG C 425 -3.33 -0.56 -21.84
CA ARG C 425 -2.90 -1.58 -20.89
C ARG C 425 -4.10 -2.36 -20.36
N ALA C 426 -3.84 -3.60 -19.97
CA ALA C 426 -4.87 -4.47 -19.41
C ALA C 426 -4.97 -4.16 -17.93
N GLY C 427 -5.46 -2.98 -17.61
CA GLY C 427 -5.60 -2.53 -16.23
C GLY C 427 -4.94 -1.19 -15.99
N GLN C 428 -4.86 -0.84 -14.70
CA GLN C 428 -4.28 0.41 -14.22
C GLN C 428 -4.96 1.63 -14.86
N CYS C 429 -6.28 1.63 -14.86
CA CYS C 429 -7.09 2.69 -15.43
C CYS C 429 -7.03 3.95 -14.57
N MET C 430 -7.62 5.02 -15.08
CA MET C 430 -7.67 6.31 -14.40
C MET C 430 -9.07 6.89 -14.56
N TYR C 431 -9.61 7.44 -13.47
CA TYR C 431 -10.94 8.04 -13.48
C TYR C 431 -10.75 9.55 -13.49
N ALA C 432 -11.09 10.18 -14.60
CA ALA C 432 -10.93 11.62 -14.72
C ALA C 432 -11.99 12.36 -13.92
N PRO C 433 -11.62 13.24 -12.98
CA PRO C 433 -12.62 13.95 -12.21
C PRO C 433 -13.33 14.99 -13.08
N PRO C 434 -14.60 15.27 -12.82
CA PRO C 434 -15.32 16.26 -13.64
C PRO C 434 -14.92 17.68 -13.28
N ILE C 435 -14.61 18.47 -14.31
CA ILE C 435 -14.23 19.86 -14.11
C ILE C 435 -15.49 20.71 -14.07
N PRO C 436 -15.71 21.49 -13.01
CA PRO C 436 -16.93 22.32 -12.94
C PRO C 436 -16.93 23.43 -13.98
N GLY C 437 -18.13 23.82 -14.39
CA GLY C 437 -18.29 24.88 -15.36
C GLY C 437 -18.10 24.39 -16.79
N VAL C 438 -18.15 25.34 -17.72
CA VAL C 438 -17.99 25.03 -19.14
C VAL C 438 -16.53 25.14 -19.51
N ILE C 439 -15.98 24.06 -20.07
CA ILE C 439 -14.60 23.98 -20.48
C ILE C 439 -14.50 23.92 -22.00
N LYS C 440 -13.61 24.75 -22.55
CA LYS C 440 -13.40 24.85 -24.00
C LYS C 440 -11.89 24.97 -24.25
N CYS C 441 -11.35 24.15 -25.16
CA CYS C 441 -9.92 24.26 -25.45
C CYS C 441 -9.77 24.44 -26.96
N GLU C 442 -8.86 25.31 -27.36
CA GLU C 442 -8.59 25.55 -28.77
C GLU C 442 -7.20 24.99 -29.10
N SER C 443 -7.12 24.21 -30.18
CA SER C 443 -5.86 23.59 -30.57
C SER C 443 -5.47 23.96 -31.99
N ASN C 444 -4.20 23.77 -32.29
CA ASN C 444 -3.62 24.03 -33.61
C ASN C 444 -3.29 22.69 -34.25
N ILE C 445 -4.07 22.30 -35.25
CA ILE C 445 -3.83 21.03 -35.94
C ILE C 445 -2.62 21.21 -36.85
N THR C 446 -1.52 20.55 -36.51
CA THR C 446 -0.29 20.65 -37.28
C THR C 446 0.05 19.38 -38.06
N GLY C 447 -0.52 18.24 -37.71
CA GLY C 447 -0.21 17.00 -38.41
C GLY C 447 -1.24 15.94 -38.11
N LEU C 448 -1.18 14.87 -38.90
CA LEU C 448 -2.10 13.75 -38.74
C LEU C 448 -1.38 12.45 -39.03
N LEU C 449 -2.04 11.34 -38.68
CA LEU C 449 -1.52 10.00 -38.89
C LEU C 449 -2.37 9.32 -39.95
N LEU C 450 -1.72 8.60 -40.87
CA LEU C 450 -2.42 7.92 -41.95
C LEU C 450 -2.14 6.43 -41.96
N THR C 451 -3.09 5.68 -42.52
CA THR C 451 -3.01 4.24 -42.66
C THR C 451 -3.64 3.87 -43.99
N ARG C 452 -2.84 3.33 -44.91
CA ARG C 452 -3.30 2.95 -46.22
C ARG C 452 -3.89 1.55 -46.19
N ASP C 453 -4.93 1.34 -47.01
CA ASP C 453 -5.58 0.03 -47.09
C ASP C 453 -4.74 -0.92 -47.93
N GLY C 454 -4.69 -2.18 -47.51
CA GLY C 454 -3.92 -3.19 -48.20
C GLY C 454 -4.53 -3.67 -49.50
N GLY C 455 -4.55 -2.80 -50.51
CA GLY C 455 -5.10 -3.16 -51.80
C GLY C 455 -4.07 -3.81 -52.69
N LYS C 456 -4.47 -4.05 -53.94
CA LYS C 456 -3.58 -4.68 -54.90
C LYS C 456 -2.62 -3.69 -55.54
N ASP C 457 -2.83 -2.39 -55.32
CA ASP C 457 -2.05 -1.24 -55.80
C ASP C 457 -2.09 -1.03 -57.31
N ASN C 458 -2.74 -1.91 -58.07
CA ASN C 458 -2.80 -1.72 -59.52
C ASN C 458 -3.96 -0.82 -59.93
N ASN C 459 -4.86 -0.48 -59.01
CA ASN C 459 -5.99 0.37 -59.32
C ASN C 459 -5.55 1.83 -59.46
N VAL C 460 -6.47 2.65 -59.98
CA VAL C 460 -6.20 4.07 -60.17
C VAL C 460 -6.40 4.86 -58.88
N ASN C 461 -6.99 4.25 -57.86
CA ASN C 461 -7.24 4.95 -56.60
C ASN C 461 -6.95 4.03 -55.42
N GLU C 462 -6.51 4.65 -54.32
CA GLU C 462 -6.23 3.94 -53.08
C GLU C 462 -6.84 4.73 -51.94
N THR C 463 -7.42 4.03 -50.98
CA THR C 463 -8.06 4.68 -49.85
C THR C 463 -7.12 4.80 -48.66
N PHE C 464 -7.21 5.95 -47.98
CA PHE C 464 -6.41 6.25 -46.81
C PHE C 464 -7.32 6.38 -45.60
N ARG C 465 -6.93 5.75 -44.51
CA ARG C 465 -7.66 5.73 -43.26
C ARG C 465 -6.92 6.55 -42.20
N PRO C 466 -7.64 7.09 -41.19
CA PRO C 466 -6.94 7.86 -40.15
C PRO C 466 -6.08 6.97 -39.29
N GLY C 467 -4.76 7.12 -39.42
CA GLY C 467 -3.83 6.31 -38.67
C GLY C 467 -3.87 6.60 -37.18
N GLY C 468 -3.38 5.63 -36.42
CA GLY C 468 -3.36 5.77 -34.98
C GLY C 468 -2.83 4.50 -34.34
N GLY C 469 -3.13 4.36 -33.06
CA GLY C 469 -2.69 3.21 -32.30
C GLY C 469 -1.92 3.60 -31.06
N ASP C 470 -0.65 3.23 -31.01
CA ASP C 470 0.20 3.57 -29.88
C ASP C 470 0.55 5.05 -29.90
N MET C 471 0.81 5.61 -28.72
CA MET C 471 1.16 7.02 -28.59
C MET C 471 2.63 7.29 -28.88
N ARG C 472 3.37 6.29 -29.35
CA ARG C 472 4.79 6.41 -29.68
C ARG C 472 4.97 7.36 -30.85
N ASP C 473 4.03 7.31 -31.80
CA ASP C 473 4.10 8.17 -32.98
C ASP C 473 3.92 9.64 -32.61
N ASN C 474 3.20 9.93 -31.53
CA ASN C 474 2.99 11.30 -31.07
C ASN C 474 4.31 11.93 -30.69
N TRP C 475 5.14 11.19 -29.96
CA TRP C 475 6.46 11.70 -29.58
C TRP C 475 7.43 11.61 -30.75
N ARG C 476 7.23 10.65 -31.64
CA ARG C 476 8.11 10.49 -32.80
C ARG C 476 7.93 11.66 -33.76
N SER C 477 6.72 12.23 -33.83
CA SER C 477 6.47 13.36 -34.71
C SER C 477 7.15 14.64 -34.21
N GLU C 478 7.60 14.66 -32.96
CA GLU C 478 8.28 15.82 -32.40
C GLU C 478 9.77 15.60 -32.18
N LEU C 479 10.21 14.34 -32.06
CA LEU C 479 11.62 14.03 -31.86
C LEU C 479 12.32 13.58 -33.13
N TYR C 480 11.70 13.78 -34.30
CA TYR C 480 12.32 13.37 -35.55
C TYR C 480 13.56 14.21 -35.86
N LYS C 481 13.53 15.49 -35.50
CA LYS C 481 14.62 16.43 -35.73
C LYS C 481 15.78 16.25 -34.77
N TYR C 482 15.60 15.46 -33.72
CA TYR C 482 16.64 15.25 -32.72
C TYR C 482 17.13 13.81 -32.67
N LYS C 483 18.42 13.67 -32.39
CA LYS C 483 19.08 12.38 -32.25
C LYS C 483 20.03 12.49 -31.07
N VAL C 484 20.24 11.39 -30.36
CA VAL C 484 21.11 11.36 -29.19
C VAL C 484 22.46 10.76 -29.57
N VAL C 485 23.54 11.44 -29.18
CA VAL C 485 24.90 11.01 -29.47
C VAL C 485 25.72 11.06 -28.19
N GLU C 486 26.86 10.38 -28.21
CA GLU C 486 27.79 10.33 -27.08
C GLU C 486 29.13 10.86 -27.53
N ILE C 487 29.59 11.94 -26.90
CA ILE C 487 30.87 12.55 -27.25
C ILE C 487 32.00 11.76 -26.62
N GLU C 488 33.01 11.41 -27.42
CA GLU C 488 34.18 10.67 -26.97
C GLU C 488 35.34 11.67 -27.01
N PRO C 489 35.72 12.28 -25.89
CA PRO C 489 36.81 13.26 -25.90
C PRO C 489 38.20 12.66 -26.09
N LEU C 490 38.32 11.33 -26.24
CA LEU C 490 39.61 10.68 -26.41
C LEU C 490 39.87 10.47 -27.89
N GLY C 491 40.66 11.35 -28.49
CA GLY C 491 41.01 11.28 -29.89
C GLY C 491 42.43 10.78 -30.11
N VAL C 492 42.61 9.99 -31.16
CA VAL C 492 43.90 9.41 -31.51
C VAL C 492 44.31 9.92 -32.88
N ALA C 493 45.50 10.53 -32.96
CA ALA C 493 46.01 11.06 -34.21
C ALA C 493 47.52 11.24 -34.07
N PRO C 494 48.29 10.87 -35.10
CA PRO C 494 49.74 11.03 -35.03
C PRO C 494 50.23 12.35 -35.63
N THR C 495 51.47 12.69 -35.28
CA THR C 495 52.12 13.91 -35.75
C THR C 495 53.62 13.75 -35.55
N ARG C 496 54.39 14.66 -36.16
CA ARG C 496 55.85 14.65 -36.05
C ARG C 496 56.25 15.42 -34.81
N CYS C 497 56.17 14.74 -33.67
CA CYS C 497 56.53 15.33 -32.38
C CYS C 497 57.99 15.00 -32.05
N LYS C 498 58.35 15.24 -30.79
CA LYS C 498 59.70 15.00 -30.24
C LYS C 498 60.76 15.80 -31.00
N ARG C 499 60.51 17.11 -31.13
CA ARG C 499 61.43 17.99 -31.82
C ARG C 499 61.96 19.06 -30.87
N ARG D 8 33.95 33.59 -32.49
CA ARG D 8 34.37 32.24 -32.13
C ARG D 8 33.17 31.31 -32.00
N ARG D 9 33.36 30.05 -32.37
CA ARG D 9 32.28 29.07 -32.30
C ARG D 9 32.02 28.68 -30.85
N GLY D 10 30.83 28.13 -30.61
CA GLY D 10 30.44 27.71 -29.28
C GLY D 10 30.80 26.27 -28.99
N PHE D 11 29.95 25.57 -28.23
CA PHE D 11 30.19 24.18 -27.88
C PHE D 11 29.93 23.30 -29.11
N LEU D 12 30.93 22.49 -29.46
CA LEU D 12 30.88 21.56 -30.60
C LEU D 12 30.58 22.30 -31.90
N GLY D 13 31.25 23.43 -32.12
CA GLY D 13 31.04 24.21 -33.32
C GLY D 13 32.06 24.03 -34.43
N ALA D 14 33.16 23.35 -34.14
CA ALA D 14 34.21 23.13 -35.14
C ALA D 14 34.36 21.66 -35.53
N ALA D 15 33.24 20.94 -35.63
CA ALA D 15 33.32 19.53 -36.01
C ALA D 15 33.56 19.35 -37.50
N GLY D 16 32.99 20.22 -38.34
CA GLY D 16 33.18 20.09 -39.77
C GLY D 16 34.52 20.59 -40.27
N SER D 17 35.25 21.32 -39.45
CA SER D 17 36.55 21.83 -39.85
C SER D 17 37.57 20.70 -39.87
N THR D 18 38.72 20.98 -40.50
CA THR D 18 39.77 19.98 -40.59
C THR D 18 40.41 19.75 -39.22
N MET D 19 41.13 18.63 -39.11
CA MET D 19 41.78 18.28 -37.85
C MET D 19 42.86 19.30 -37.46
N GLY D 20 43.45 19.99 -38.43
CA GLY D 20 44.47 20.97 -38.11
C GLY D 20 43.89 22.23 -37.49
N ALA D 21 42.61 22.51 -37.76
CA ALA D 21 41.96 23.69 -37.22
C ALA D 21 40.94 23.38 -36.13
N ALA D 22 40.46 22.14 -36.04
CA ALA D 22 39.48 21.80 -35.00
C ALA D 22 40.12 21.60 -33.64
N SER D 23 41.45 21.54 -33.56
CA SER D 23 42.15 21.35 -32.31
C SER D 23 42.44 22.67 -31.58
N ILE D 24 41.69 23.72 -31.92
CA ILE D 24 41.87 25.02 -31.30
C ILE D 24 40.85 25.27 -30.18
N THR D 25 39.58 24.98 -30.44
CA THR D 25 38.50 25.19 -29.49
C THR D 25 38.22 23.97 -28.60
N LEU D 26 39.22 23.12 -28.37
CA LEU D 26 39.05 21.93 -27.55
C LEU D 26 38.65 22.25 -26.10
N THR D 27 38.95 23.47 -25.64
CA THR D 27 38.60 23.83 -24.27
C THR D 27 37.10 23.92 -24.04
N VAL D 28 36.33 24.25 -25.09
CA VAL D 28 34.88 24.35 -24.91
C VAL D 28 34.28 22.96 -24.74
N GLN D 29 34.87 21.94 -25.39
CA GLN D 29 34.35 20.59 -25.22
C GLN D 29 34.85 19.99 -23.91
N ALA D 30 36.07 20.38 -23.50
CA ALA D 30 36.61 19.86 -22.24
C ALA D 30 35.89 20.44 -21.04
N ARG D 31 35.46 21.71 -21.13
CA ARG D 31 34.77 22.35 -20.02
C ARG D 31 33.34 21.83 -19.86
N GLN D 32 32.65 21.55 -20.97
CA GLN D 32 31.28 21.06 -20.93
C GLN D 32 31.16 19.57 -20.60
N LEU D 33 32.21 18.93 -20.10
CA LEU D 33 32.13 17.51 -19.77
C LEU D 33 31.46 17.25 -18.42
N LEU D 34 31.20 18.28 -17.63
CA LEU D 34 30.56 18.14 -16.34
C LEU D 34 29.43 19.13 -16.10
N SER D 35 29.14 19.99 -17.07
CA SER D 35 28.07 20.98 -16.92
C SER D 35 27.45 21.34 -18.26
N GLN D 52 16.10 24.22 -6.62
CA GLN D 52 15.63 23.04 -5.90
C GLN D 52 16.79 22.17 -5.44
N HIS D 53 17.15 22.29 -4.16
CA HIS D 53 18.25 21.52 -3.59
C HIS D 53 17.81 20.17 -3.06
N LEU D 54 16.61 20.09 -2.47
CA LEU D 54 16.11 18.83 -1.93
C LEU D 54 15.67 17.92 -3.08
N LEU D 55 16.05 16.65 -3.00
CA LEU D 55 15.70 15.68 -4.03
C LEU D 55 14.48 14.89 -3.57
N LYS D 56 13.51 14.73 -4.47
CA LYS D 56 12.29 14.00 -4.17
C LYS D 56 12.43 12.52 -4.51
N LEU D 57 13.44 12.17 -5.31
CA LEU D 57 13.74 10.79 -5.76
C LEU D 57 12.55 10.21 -6.52
N GLY D 58 11.91 11.03 -7.34
CA GLY D 58 10.79 10.59 -8.15
C GLY D 58 11.28 10.08 -9.48
N VAL D 59 10.40 10.15 -10.48
CA VAL D 59 10.79 9.71 -11.83
C VAL D 59 11.90 10.59 -12.37
N TRP D 60 11.75 11.90 -12.22
CA TRP D 60 12.80 12.81 -12.69
C TRP D 60 13.98 12.84 -11.73
N GLY D 61 13.74 12.60 -10.44
CA GLY D 61 14.82 12.59 -9.48
C GLY D 61 15.77 11.42 -9.67
N ILE D 62 15.21 10.22 -9.89
CA ILE D 62 16.03 9.03 -10.11
C ILE D 62 16.82 9.17 -11.41
N LYS D 63 16.18 9.67 -12.46
CA LYS D 63 16.87 9.86 -13.73
C LYS D 63 17.95 10.93 -13.61
N GLN D 64 17.69 11.97 -12.82
CA GLN D 64 18.69 13.01 -12.60
C GLN D 64 19.90 12.46 -11.88
N LEU D 65 19.67 11.66 -10.83
CA LEU D 65 20.78 11.06 -10.09
C LEU D 65 21.56 10.11 -10.97
N GLN D 66 20.85 9.31 -11.78
CA GLN D 66 21.52 8.38 -12.67
C GLN D 66 22.32 9.10 -13.74
N ALA D 67 21.80 10.22 -14.26
CA ALA D 67 22.52 10.99 -15.26
C ALA D 67 23.77 11.62 -14.66
N ARG D 68 23.67 12.13 -13.43
CA ARG D 68 24.82 12.74 -12.78
C ARG D 68 25.90 11.70 -12.48
N VAL D 69 25.49 10.52 -11.99
CA VAL D 69 26.44 9.46 -11.70
C VAL D 69 27.07 8.94 -13.00
N LEU D 70 26.29 8.83 -14.07
CA LEU D 70 26.82 8.39 -15.35
C LEU D 70 27.80 9.40 -15.91
N ALA D 71 27.52 10.69 -15.74
CA ALA D 71 28.42 11.72 -16.23
C ALA D 71 29.74 11.69 -15.44
N VAL D 72 29.64 11.49 -14.13
CA VAL D 72 30.83 11.40 -13.28
C VAL D 72 31.67 10.19 -13.68
N GLU D 73 30.99 9.05 -13.92
CA GLU D 73 31.69 7.84 -14.32
C GLU D 73 32.33 7.99 -15.68
N ARG D 74 31.64 8.67 -16.61
CA ARG D 74 32.20 8.88 -17.95
C ARG D 74 33.44 9.76 -17.89
N TYR D 75 33.37 10.86 -17.12
CA TYR D 75 34.52 11.76 -16.99
C TYR D 75 35.69 11.07 -16.32
N LEU D 76 35.43 10.31 -15.24
CA LEU D 76 36.51 9.62 -14.55
C LEU D 76 37.08 8.49 -15.41
N ARG D 77 36.23 7.81 -16.19
CA ARG D 77 36.69 6.73 -17.05
C ARG D 77 37.58 7.27 -18.16
N ASP D 78 37.25 8.44 -18.70
CA ASP D 78 38.07 9.00 -19.76
C ASP D 78 39.24 9.80 -19.19
N GLN D 79 39.23 10.05 -17.87
CA GLN D 79 40.31 10.81 -17.24
C GLN D 79 41.38 9.88 -16.67
N GLN D 80 40.98 8.67 -16.25
CA GLN D 80 41.95 7.73 -15.70
C GLN D 80 42.94 7.29 -16.77
N LEU D 81 42.51 7.29 -18.04
CA LEU D 81 43.42 6.93 -19.12
C LEU D 81 44.53 7.97 -19.22
N LEU D 82 44.17 9.26 -19.21
CA LEU D 82 45.17 10.31 -19.26
C LEU D 82 46.02 10.30 -18.00
N GLY D 83 45.44 9.88 -16.87
CA GLY D 83 46.20 9.81 -15.63
C GLY D 83 47.27 8.75 -15.67
N ILE D 84 46.94 7.57 -16.22
CA ILE D 84 47.93 6.50 -16.29
C ILE D 84 48.86 6.66 -17.49
N TRP D 85 48.52 7.50 -18.47
CA TRP D 85 49.38 7.71 -19.63
C TRP D 85 50.42 8.79 -19.40
N GLY D 86 50.45 9.39 -18.21
CA GLY D 86 51.41 10.44 -17.93
C GLY D 86 51.05 11.77 -18.55
N CYS D 87 49.79 11.98 -18.91
CA CYS D 87 49.36 13.23 -19.53
C CYS D 87 48.11 13.80 -18.87
N SER D 88 47.92 13.61 -17.56
CA SER D 88 46.75 14.15 -16.89
C SER D 88 46.87 15.66 -16.77
N GLY D 89 45.78 16.35 -17.06
CA GLY D 89 45.76 17.80 -17.01
C GLY D 89 46.35 18.47 -18.22
N LYS D 90 46.62 17.73 -19.29
CA LYS D 90 47.18 18.27 -20.53
C LYS D 90 46.26 17.92 -21.68
N LEU D 91 45.90 18.91 -22.48
CA LEU D 91 45.01 18.68 -23.62
C LEU D 91 45.69 17.91 -24.74
N ILE D 92 46.97 18.19 -24.99
CA ILE D 92 47.72 17.52 -26.05
C ILE D 92 49.12 17.18 -25.54
N CYS D 93 49.54 15.94 -25.77
CA CYS D 93 50.86 15.49 -25.34
C CYS D 93 51.37 14.45 -26.33
N CYS D 94 52.68 14.23 -26.31
CA CYS D 94 53.34 13.27 -27.18
C CYS D 94 53.99 12.19 -26.33
N THR D 95 53.85 10.95 -26.77
CA THR D 95 54.39 9.78 -26.07
C THR D 95 55.54 9.15 -26.86
N ASN D 96 56.01 8.02 -26.35
CA ASN D 96 57.10 7.28 -26.96
C ASN D 96 56.64 6.20 -27.94
N VAL D 97 55.34 5.98 -28.08
CA VAL D 97 54.84 4.95 -29.00
C VAL D 97 54.84 5.49 -30.43
N PRO D 98 55.54 4.85 -31.35
CA PRO D 98 55.55 5.32 -32.74
C PRO D 98 54.31 4.87 -33.50
N TRP D 99 53.96 5.64 -34.52
CA TRP D 99 52.81 5.32 -35.33
C TRP D 99 53.09 4.12 -36.23
N ASN D 100 52.06 3.30 -36.44
CA ASN D 100 52.15 2.11 -37.27
C ASN D 100 51.37 2.36 -38.56
N SER D 101 51.98 2.01 -39.69
CA SER D 101 51.33 2.22 -40.98
C SER D 101 50.17 1.26 -41.22
N SER D 102 50.05 0.18 -40.43
CA SER D 102 48.96 -0.76 -40.61
C SER D 102 47.62 -0.13 -40.22
N TRP D 103 47.64 0.76 -39.22
CA TRP D 103 46.41 1.41 -38.78
C TRP D 103 45.90 2.38 -39.84
N SER D 104 46.81 3.12 -40.48
CA SER D 104 46.46 4.06 -41.52
C SER D 104 47.65 4.24 -42.44
N ASN D 105 47.42 4.08 -43.74
CA ASN D 105 48.48 4.22 -44.75
C ASN D 105 48.56 5.64 -45.30
N LYS D 106 47.79 6.57 -44.75
CA LYS D 106 47.79 7.95 -45.21
C LYS D 106 49.11 8.65 -44.86
N SER D 107 49.34 9.79 -45.51
CA SER D 107 50.57 10.54 -45.31
C SER D 107 50.57 11.27 -43.96
N LEU D 108 51.61 12.09 -43.77
CA LEU D 108 51.78 12.82 -42.53
C LEU D 108 50.78 13.97 -42.37
N ASP D 109 50.51 14.73 -43.43
CA ASP D 109 49.62 15.87 -43.31
C ASP D 109 48.39 15.87 -44.21
N GLU D 110 47.99 14.75 -44.80
CA GLU D 110 46.79 14.78 -45.64
C GLU D 110 45.54 14.77 -44.78
N ILE D 111 45.66 14.33 -43.53
CA ILE D 111 44.49 14.31 -42.65
C ILE D 111 44.38 15.63 -41.88
N TRP D 112 45.51 16.27 -41.61
CA TRP D 112 45.51 17.53 -40.88
C TRP D 112 45.10 18.71 -41.76
N ASN D 113 45.02 18.53 -43.08
CA ASN D 113 44.66 19.63 -43.96
C ASN D 113 43.41 19.39 -44.79
N ASN D 114 42.92 18.14 -44.89
CA ASN D 114 41.74 17.87 -45.70
C ASN D 114 40.68 17.00 -45.04
N MET D 115 41.00 16.25 -43.99
CA MET D 115 40.03 15.37 -43.35
C MET D 115 39.64 15.89 -41.97
N THR D 116 38.37 15.73 -41.64
CA THR D 116 37.82 16.14 -40.36
C THR D 116 37.96 15.01 -39.35
N TRP D 117 37.58 15.30 -38.10
CA TRP D 117 37.68 14.29 -37.05
C TRP D 117 36.60 13.22 -37.18
N LEU D 118 35.49 13.55 -37.85
CA LEU D 118 34.41 12.58 -38.00
C LEU D 118 34.80 11.46 -38.96
N GLN D 119 35.57 11.77 -39.99
CA GLN D 119 36.02 10.79 -40.97
C GLN D 119 37.32 10.10 -40.59
N TRP D 120 37.90 10.46 -39.45
CA TRP D 120 39.16 9.87 -38.99
C TRP D 120 38.98 8.89 -37.85
N ASP D 121 37.96 9.07 -37.00
CA ASP D 121 37.74 8.18 -35.87
C ASP D 121 37.33 6.77 -36.31
N LYS D 122 36.65 6.64 -37.45
CA LYS D 122 36.23 5.33 -37.93
C LYS D 122 37.36 4.52 -38.53
N GLU D 123 38.41 5.16 -39.02
CA GLU D 123 39.53 4.45 -39.63
C GLU D 123 40.44 3.79 -38.60
N ILE D 124 40.52 4.34 -37.39
CA ILE D 124 41.36 3.81 -36.32
C ILE D 124 40.52 3.20 -35.21
N GLY D 125 39.21 3.04 -35.44
CA GLY D 125 38.33 2.49 -34.41
C GLY D 125 38.62 1.04 -34.06
N ASN D 126 39.20 0.28 -35.00
CA ASN D 126 39.49 -1.12 -34.72
C ASN D 126 40.82 -1.30 -33.99
N TYR D 127 41.63 -0.25 -33.86
CA TYR D 127 42.92 -0.35 -33.20
C TYR D 127 43.03 0.49 -31.94
N THR D 128 41.93 0.97 -31.39
CA THR D 128 41.99 1.79 -30.18
C THR D 128 42.54 1.01 -28.99
N GLN D 129 42.03 -0.21 -28.78
CA GLN D 129 42.48 -1.02 -27.64
C GLN D 129 43.95 -1.37 -27.73
N LEU D 130 44.43 -1.73 -28.93
CA LEU D 130 45.84 -2.07 -29.10
C LEU D 130 46.73 -0.86 -28.82
N ILE D 131 46.34 0.32 -29.31
CA ILE D 131 47.11 1.53 -29.06
C ILE D 131 47.10 1.86 -27.57
N TYR D 132 45.97 1.67 -26.90
CA TYR D 132 45.90 1.94 -25.47
C TYR D 132 46.82 1.02 -24.68
N ARG D 133 46.83 -0.28 -25.02
CA ARG D 133 47.70 -1.21 -24.31
C ARG D 133 49.18 -0.90 -24.55
N LEU D 134 49.55 -0.60 -25.80
CA LEU D 134 50.94 -0.26 -26.08
C LEU D 134 51.34 1.03 -25.39
N ILE D 135 50.42 2.00 -25.34
CA ILE D 135 50.69 3.27 -24.69
C ILE D 135 50.91 3.07 -23.19
N GLU D 136 50.06 2.26 -22.57
CA GLU D 136 50.18 1.99 -21.13
C GLU D 136 51.48 1.27 -20.81
N GLU D 137 51.83 0.23 -21.59
CA GLU D 137 53.06 -0.49 -21.29
C GLU D 137 54.29 0.38 -21.54
N SER D 138 54.28 1.22 -22.59
CA SER D 138 55.43 2.08 -22.86
C SER D 138 55.59 3.14 -21.78
N GLN D 139 54.47 3.73 -21.33
CA GLN D 139 54.54 4.74 -20.28
C GLN D 139 55.00 4.14 -18.96
N ASN D 140 54.51 2.94 -18.63
CA ASN D 140 54.91 2.28 -17.40
C ASN D 140 56.40 1.90 -17.45
N GLN D 141 56.87 1.45 -18.62
CA GLN D 141 58.27 1.10 -18.77
C GLN D 141 59.16 2.34 -18.65
N GLN D 142 58.70 3.47 -19.20
CA GLN D 142 59.45 4.72 -19.12
C GLN D 142 59.54 5.19 -17.68
N GLU D 143 58.43 5.09 -16.94
CA GLU D 143 58.45 5.51 -15.53
C GLU D 143 59.30 4.57 -14.70
N LYS D 144 59.32 3.28 -15.06
CA LYS D 144 60.13 2.32 -14.33
C LYS D 144 61.62 2.55 -14.57
N ASN D 145 61.99 2.90 -15.79
CA ASN D 145 63.40 3.15 -16.10
C ASN D 145 63.86 4.51 -15.58
N GLU D 146 62.99 5.52 -15.59
CA GLU D 146 63.37 6.83 -15.10
C GLU D 146 63.46 6.85 -13.58
N LYS D 147 62.35 6.56 -12.90
CA LYS D 147 62.32 6.53 -11.45
C LYS D 147 62.91 5.21 -10.95
N GLU D 148 62.97 5.06 -9.63
CA GLU D 148 63.50 3.87 -8.94
C GLU D 148 64.94 3.59 -9.39
N LEU D 149 65.82 4.52 -8.97
CA LEU D 149 67.24 4.43 -9.32
C LEU D 149 67.88 3.15 -8.81
N LEU D 150 67.54 2.72 -7.59
CA LEU D 150 68.12 1.50 -7.03
C LEU D 150 67.15 0.81 -6.09
N GLU E 1 -20.95 -9.33 45.39
CA GLU E 1 -21.85 -10.44 45.10
C GLU E 1 -22.85 -10.06 44.01
N VAL E 2 -23.58 -11.05 43.51
CA VAL E 2 -24.57 -10.86 42.46
C VAL E 2 -25.94 -11.15 43.07
N GLN E 3 -26.81 -10.15 43.07
CA GLN E 3 -28.15 -10.27 43.62
C GLN E 3 -29.14 -10.11 42.48
N LEU E 4 -30.03 -11.08 42.31
CA LEU E 4 -31.03 -11.05 41.24
C LEU E 4 -32.31 -11.70 41.73
N VAL E 5 -33.44 -11.03 41.48
CA VAL E 5 -34.75 -11.53 41.87
C VAL E 5 -35.67 -11.46 40.67
N GLU E 6 -36.71 -12.28 40.70
CA GLU E 6 -37.70 -12.33 39.63
C GLU E 6 -39.10 -12.37 40.23
N SER E 7 -40.06 -11.82 39.49
CA SER E 7 -41.44 -11.78 39.93
C SER E 7 -42.35 -11.78 38.71
N GLY E 8 -43.65 -11.66 38.96
CA GLY E 8 -44.64 -11.63 37.89
C GLY E 8 -45.27 -12.96 37.58
N GLY E 9 -44.69 -14.07 38.06
CA GLY E 9 -45.26 -15.38 37.78
C GLY E 9 -46.34 -15.75 38.78
N GLY E 10 -47.27 -16.58 38.32
CA GLY E 10 -48.36 -17.01 39.18
C GLY E 10 -49.50 -17.60 38.38
N LEU E 11 -50.71 -17.52 38.95
CA LEU E 11 -51.89 -18.05 38.29
C LEU E 11 -52.27 -17.17 37.10
N ALA E 12 -52.85 -17.81 36.09
CA ALA E 12 -53.27 -17.11 34.88
C ALA E 12 -54.43 -17.87 34.25
N LYS E 13 -54.81 -17.44 33.06
CA LYS E 13 -55.90 -18.04 32.29
C LYS E 13 -55.33 -18.96 31.20
N PRO E 14 -55.90 -20.15 31.03
CA PRO E 14 -55.41 -21.07 29.99
C PRO E 14 -55.61 -20.49 28.61
N GLY E 15 -54.50 -20.28 27.90
CA GLY E 15 -54.54 -19.72 26.57
C GLY E 15 -54.57 -18.20 26.53
N GLY E 16 -54.49 -17.53 27.66
CA GLY E 16 -54.52 -16.08 27.71
C GLY E 16 -53.14 -15.48 27.55
N SER E 17 -52.78 -14.54 28.44
CA SER E 17 -51.48 -13.89 28.37
C SER E 17 -51.00 -13.54 29.77
N LEU E 18 -49.69 -13.41 29.90
CA LEU E 18 -49.04 -13.07 31.16
C LEU E 18 -47.65 -12.54 30.82
N ARG E 19 -47.07 -11.77 31.72
CA ARG E 19 -45.74 -11.20 31.52
C ARG E 19 -44.90 -11.38 32.78
N LEU E 20 -43.80 -12.12 32.64
CA LEU E 20 -42.88 -12.34 33.75
C LEU E 20 -41.94 -11.15 33.88
N SER E 21 -41.12 -11.17 34.93
CA SER E 21 -40.17 -10.10 35.17
C SER E 21 -38.99 -10.62 35.97
N CYS E 22 -37.86 -9.93 35.84
CA CYS E 22 -36.63 -10.29 36.55
C CYS E 22 -35.75 -9.06 36.66
N ALA E 23 -35.26 -8.78 37.86
CA ALA E 23 -34.41 -7.63 38.12
C ALA E 23 -33.02 -8.12 38.51
N ALA E 24 -32.01 -7.37 38.09
CA ALA E 24 -30.63 -7.71 38.37
C ALA E 24 -29.88 -6.50 38.91
N SER E 25 -28.86 -6.76 39.71
CA SER E 25 -28.04 -5.71 40.30
C SER E 25 -26.70 -6.29 40.69
N GLY E 26 -25.74 -5.40 40.95
CA GLY E 26 -24.40 -5.79 41.35
C GLY E 26 -23.44 -6.07 40.21
N PHE E 27 -23.86 -5.90 38.96
CA PHE E 27 -22.99 -6.16 37.82
C PHE E 27 -23.50 -5.39 36.62
N THR E 28 -22.73 -5.44 35.54
CA THR E 28 -23.11 -4.78 34.30
C THR E 28 -24.11 -5.66 33.56
N PHE E 29 -25.40 -5.43 33.79
CA PHE E 29 -26.44 -6.23 33.16
C PHE E 29 -26.50 -6.01 31.64
N SER E 30 -26.04 -4.85 31.16
CA SER E 30 -26.07 -4.57 29.73
C SER E 30 -25.06 -5.37 28.93
N ASP E 31 -24.13 -6.07 29.58
CA ASP E 31 -23.11 -6.85 28.89
C ASP E 31 -23.24 -8.35 29.11
N TYR E 32 -24.19 -8.80 29.93
CA TYR E 32 -24.38 -10.21 30.20
C TYR E 32 -25.69 -10.70 29.62
N TRP E 33 -25.68 -11.90 29.04
CA TRP E 33 -26.89 -12.47 28.49
C TRP E 33 -27.81 -12.94 29.61
N MET E 34 -29.03 -13.30 29.25
CA MET E 34 -30.00 -13.78 30.21
C MET E 34 -30.74 -14.97 29.61
N ASN E 35 -31.07 -15.94 30.46
CA ASN E 35 -31.77 -17.14 30.02
C ASN E 35 -32.95 -17.43 30.93
N TRP E 36 -33.99 -18.02 30.34
CA TRP E 36 -35.19 -18.42 31.06
C TRP E 36 -35.37 -19.92 30.91
N VAL E 37 -35.30 -20.63 32.03
CA VAL E 37 -35.46 -22.08 32.03
C VAL E 37 -36.73 -22.42 32.80
N ARG E 38 -37.20 -23.66 32.66
CA ARG E 38 -38.41 -24.05 33.36
C ARG E 38 -38.25 -25.49 33.85
N GLN E 39 -38.63 -25.73 35.10
CA GLN E 39 -38.54 -27.06 35.71
C GLN E 39 -39.96 -27.49 36.06
N THR E 40 -40.48 -28.48 35.32
CA THR E 40 -41.81 -28.98 35.56
C THR E 40 -41.84 -29.73 36.90
N PRO E 41 -43.00 -29.73 37.59
CA PRO E 41 -43.08 -30.41 38.89
C PRO E 41 -42.75 -31.91 38.87
N GLY E 42 -41.67 -32.27 39.56
CA GLY E 42 -41.23 -33.65 39.66
C GLY E 42 -40.31 -34.14 38.55
N LYS E 43 -40.07 -33.36 37.51
CA LYS E 43 -39.22 -33.78 36.41
C LYS E 43 -37.93 -32.96 36.38
N GLY E 44 -37.17 -33.11 35.30
CA GLY E 44 -35.91 -32.42 35.13
C GLY E 44 -36.05 -30.95 34.76
N LEU E 45 -34.94 -30.41 34.26
CA LEU E 45 -34.83 -29.01 33.85
C LEU E 45 -35.00 -28.90 32.33
N GLU E 46 -35.65 -27.83 31.89
CA GLU E 46 -35.89 -27.57 30.47
C GLU E 46 -35.59 -26.10 30.16
N TRP E 47 -34.94 -25.87 29.03
CA TRP E 47 -34.60 -24.53 28.57
C TRP E 47 -35.56 -24.14 27.46
N ILE E 48 -36.00 -22.87 27.47
CA ILE E 48 -36.94 -22.41 26.45
C ILE E 48 -36.51 -21.14 25.73
N SER E 49 -35.70 -20.26 26.31
CA SER E 49 -35.37 -19.03 25.59
C SER E 49 -34.03 -18.48 26.05
N VAL E 50 -33.51 -17.56 25.24
CA VAL E 50 -32.24 -16.88 25.48
C VAL E 50 -32.34 -15.50 24.83
N ILE E 51 -31.70 -14.50 25.43
CA ILE E 51 -31.71 -13.14 24.92
C ILE E 51 -30.27 -12.62 24.89
N ASN E 52 -29.97 -11.79 23.89
CA ASN E 52 -28.65 -11.22 23.74
C ASN E 52 -28.44 -10.09 24.75
N SER E 53 -27.25 -9.50 24.71
CA SER E 53 -26.93 -8.41 25.61
C SER E 53 -27.66 -7.13 25.20
N TYR E 54 -27.83 -6.92 23.90
CA TYR E 54 -28.51 -5.74 23.39
C TYR E 54 -30.01 -5.93 23.24
N GLY E 55 -30.52 -7.16 23.40
CA GLY E 55 -31.94 -7.40 23.28
C GLY E 55 -32.41 -8.04 21.99
N GLY E 56 -31.82 -7.65 20.86
CA GLY E 56 -32.21 -8.20 19.59
C GLY E 56 -31.58 -9.55 19.28
N SER E 57 -32.14 -10.21 18.27
CA SER E 57 -31.71 -11.52 17.77
C SER E 57 -31.74 -12.59 18.88
N THR E 58 -32.96 -12.91 19.29
CA THR E 58 -33.21 -13.89 20.33
C THR E 58 -33.51 -15.25 19.71
N HIS E 59 -33.22 -16.31 20.47
CA HIS E 59 -33.46 -17.68 20.04
C HIS E 59 -34.38 -18.36 21.05
N TYR E 60 -35.34 -19.12 20.55
CA TYR E 60 -36.28 -19.83 21.39
C TYR E 60 -36.31 -21.31 21.03
N ALA E 61 -36.95 -22.09 21.89
CA ALA E 61 -37.07 -23.52 21.67
C ALA E 61 -38.21 -23.79 20.67
N ASP E 62 -38.21 -25.01 20.13
CA ASP E 62 -39.25 -25.38 19.17
C ASP E 62 -40.62 -25.50 19.82
N SER E 63 -40.67 -25.86 21.11
CA SER E 63 -41.94 -25.99 21.80
C SER E 63 -42.54 -24.65 22.19
N VAL E 64 -41.73 -23.58 22.22
CA VAL E 64 -42.20 -22.26 22.59
C VAL E 64 -41.96 -21.22 21.51
N GLN E 65 -41.63 -21.62 20.28
CA GLN E 65 -41.39 -20.67 19.22
C GLN E 65 -42.70 -20.05 18.76
N GLY E 66 -42.77 -18.72 18.75
CA GLY E 66 -43.95 -17.99 18.35
C GLY E 66 -44.93 -17.72 19.46
N ARG E 67 -44.80 -18.41 20.60
CA ARG E 67 -45.71 -18.22 21.72
C ARG E 67 -45.14 -17.25 22.76
N PHE E 68 -43.90 -17.47 23.20
CA PHE E 68 -43.27 -16.63 24.21
C PHE E 68 -42.18 -15.79 23.56
N THR E 69 -42.13 -14.51 23.94
CA THR E 69 -41.15 -13.57 23.43
C THR E 69 -40.40 -12.97 24.61
N ILE E 70 -39.08 -12.81 24.46
CA ILE E 70 -38.25 -12.27 25.53
C ILE E 70 -37.76 -10.88 25.13
N SER E 71 -37.77 -9.96 26.09
CA SER E 71 -37.32 -8.60 25.89
C SER E 71 -36.60 -8.13 27.14
N ARG E 72 -35.79 -7.09 27.01
CA ARG E 72 -35.05 -6.57 28.14
C ARG E 72 -34.96 -5.06 28.06
N ASP E 73 -34.75 -4.43 29.21
CA ASP E 73 -34.61 -2.99 29.34
C ASP E 73 -33.28 -2.73 30.04
N ASN E 74 -32.25 -2.39 29.25
CA ASN E 74 -30.93 -2.13 29.82
C ASN E 74 -30.89 -0.83 30.60
N SER E 75 -31.85 0.07 30.35
CA SER E 75 -31.88 1.34 31.06
C SER E 75 -32.24 1.15 32.53
N LYS E 76 -33.12 0.21 32.83
CA LYS E 76 -33.53 -0.06 34.19
C LYS E 76 -32.92 -1.33 34.76
N ASN E 77 -32.06 -2.02 33.99
CA ASN E 77 -31.40 -3.26 34.39
C ASN E 77 -32.42 -4.34 34.78
N THR E 78 -33.51 -4.40 34.01
CA THR E 78 -34.58 -5.36 34.26
C THR E 78 -34.78 -6.23 33.03
N LEU E 79 -35.33 -7.41 33.26
CA LEU E 79 -35.61 -8.38 32.21
C LEU E 79 -37.04 -8.89 32.40
N PHE E 80 -37.81 -8.90 31.31
CA PHE E 80 -39.19 -9.35 31.37
C PHE E 80 -39.50 -10.28 30.21
N LEU E 81 -40.15 -11.40 30.53
CA LEU E 81 -40.51 -12.42 29.55
C LEU E 81 -42.02 -12.36 29.33
N GLN E 82 -42.43 -12.30 28.06
CA GLN E 82 -43.84 -12.23 27.70
C GLN E 82 -44.36 -13.63 27.39
N MET E 83 -45.51 -13.97 27.98
CA MET E 83 -46.13 -15.27 27.79
C MET E 83 -47.46 -15.09 27.07
N ASN E 84 -47.64 -15.81 25.96
CA ASN E 84 -48.87 -15.73 25.18
C ASN E 84 -49.32 -17.14 24.82
N SER E 85 -50.63 -17.38 24.95
CA SER E 85 -51.28 -18.66 24.66
C SER E 85 -50.67 -19.81 25.46
N LEU E 86 -50.38 -19.58 26.74
CA LEU E 86 -49.80 -20.61 27.57
C LEU E 86 -50.86 -21.66 27.93
N ARG E 87 -50.52 -22.92 27.75
CA ARG E 87 -51.36 -24.08 27.99
C ARG E 87 -51.10 -24.66 29.37
N PRO E 88 -52.03 -25.45 29.92
CA PRO E 88 -51.80 -26.04 31.25
C PRO E 88 -50.62 -27.00 31.31
N GLU E 89 -50.21 -27.57 30.17
CA GLU E 89 -49.07 -28.49 30.19
C GLU E 89 -47.75 -27.73 30.33
N ASP E 90 -47.78 -26.41 30.20
CA ASP E 90 -46.58 -25.58 30.33
C ASP E 90 -46.27 -25.21 31.77
N THR E 91 -46.99 -25.78 32.74
CA THR E 91 -46.72 -25.49 34.14
C THR E 91 -45.33 -25.99 34.54
N ALA E 92 -44.57 -25.13 35.20
CA ALA E 92 -43.21 -25.43 35.61
C ALA E 92 -42.73 -24.37 36.59
N VAL E 93 -41.61 -24.67 37.25
CA VAL E 93 -41.00 -23.75 38.20
C VAL E 93 -39.92 -23.02 37.40
N TYR E 94 -40.26 -21.83 36.93
CA TYR E 94 -39.34 -21.05 36.10
C TYR E 94 -38.25 -20.41 36.94
N TYR E 95 -37.08 -20.24 36.32
CA TYR E 95 -35.92 -19.64 36.97
C TYR E 95 -35.29 -18.59 36.06
N CYS E 96 -34.71 -17.59 36.69
CA CYS E 96 -34.02 -16.50 36.00
C CYS E 96 -32.54 -16.66 36.34
N ALA E 97 -31.71 -16.93 35.34
CA ALA E 97 -30.29 -17.13 35.56
C ALA E 97 -29.44 -16.25 34.66
N LYS E 98 -28.17 -16.12 35.06
CA LYS E 98 -27.18 -15.33 34.37
C LYS E 98 -26.06 -16.23 33.86
N VAL E 99 -25.50 -15.89 32.71
CA VAL E 99 -24.43 -16.65 32.09
C VAL E 99 -23.12 -16.49 32.87
N ASP E 100 -22.10 -17.26 32.48
CA ASP E 100 -20.81 -17.21 33.16
C ASP E 100 -20.13 -15.86 32.99
N ALA E 101 -19.68 -15.54 31.78
CA ALA E 101 -18.97 -14.29 31.53
C ALA E 101 -19.71 -13.46 30.49
N ASP E 102 -19.36 -12.18 30.46
CA ASP E 102 -19.98 -11.24 29.52
C ASP E 102 -19.57 -11.56 28.09
N ASP E 103 -20.35 -11.01 27.15
CA ASP E 103 -20.23 -11.16 25.71
C ASP E 103 -18.93 -10.58 25.11
N TYR E 104 -17.98 -10.04 25.87
CA TYR E 104 -16.77 -9.50 25.27
C TYR E 104 -15.87 -10.62 24.78
N GLY E 105 -15.68 -10.70 23.47
CA GLY E 105 -14.85 -11.71 22.86
C GLY E 105 -15.21 -11.91 21.41
N TYR E 106 -14.66 -12.98 20.82
CA TYR E 106 -14.90 -13.31 19.42
C TYR E 106 -16.36 -13.75 19.22
N PHE E 107 -16.89 -13.42 18.05
CA PHE E 107 -18.27 -13.79 17.75
C PHE E 107 -18.48 -13.85 16.23
N SER E 108 -19.52 -14.58 15.83
CA SER E 108 -19.84 -14.71 14.41
C SER E 108 -20.87 -13.69 13.95
N THR E 109 -22.08 -13.75 14.51
CA THR E 109 -23.15 -12.82 14.14
C THR E 109 -23.63 -11.99 15.32
N VAL E 110 -24.07 -12.61 16.41
CA VAL E 110 -24.53 -11.90 17.59
C VAL E 110 -23.30 -11.70 18.46
N PRO E 111 -23.20 -10.60 19.23
CA PRO E 111 -22.00 -10.36 20.05
C PRO E 111 -21.62 -11.44 21.05
N GLY E 112 -22.58 -12.14 21.64
CA GLY E 112 -22.24 -13.17 22.61
C GLY E 112 -22.04 -14.56 22.05
N ASP E 113 -22.00 -14.73 20.73
CA ASP E 113 -21.81 -16.04 20.13
C ASP E 113 -20.37 -16.53 20.36
N LEU E 114 -20.23 -17.86 20.40
CA LEU E 114 -18.95 -18.56 20.58
C LEU E 114 -18.28 -18.17 21.90
N LYS E 115 -18.93 -18.57 23.00
CA LYS E 115 -18.41 -18.28 24.33
C LYS E 115 -18.98 -19.29 25.32
N ASN E 116 -18.10 -19.85 26.15
CA ASN E 116 -18.46 -20.85 27.17
C ASN E 116 -19.45 -20.22 28.14
N TYR E 117 -20.71 -20.63 28.05
CA TYR E 117 -21.77 -20.11 28.90
C TYR E 117 -22.30 -21.20 29.84
N TYR E 118 -22.29 -20.90 31.13
CA TYR E 118 -22.81 -21.82 32.14
C TYR E 118 -23.47 -20.95 33.20
N PHE E 119 -24.67 -21.38 33.63
CA PHE E 119 -25.43 -20.62 34.62
C PHE E 119 -24.75 -20.70 35.98
N ASP E 120 -24.19 -19.59 36.44
CA ASP E 120 -23.50 -19.51 37.71
C ASP E 120 -24.33 -18.86 38.80
N TYR E 121 -25.20 -17.91 38.46
CA TYR E 121 -26.05 -17.22 39.41
C TYR E 121 -27.50 -17.38 39.00
N TRP E 122 -28.34 -17.77 39.95
CA TRP E 122 -29.77 -17.96 39.71
C TRP E 122 -30.57 -17.14 40.70
N GLY E 123 -31.87 -17.05 40.45
CA GLY E 123 -32.79 -16.30 41.30
C GLY E 123 -33.60 -17.22 42.19
N GLN E 124 -34.84 -16.84 42.44
CA GLN E 124 -35.76 -17.60 43.27
C GLN E 124 -36.73 -18.37 42.38
N GLY E 125 -37.12 -19.56 42.83
CA GLY E 125 -38.03 -20.39 42.08
C GLY E 125 -39.45 -19.86 42.05
N VAL E 126 -39.88 -19.33 40.90
CA VAL E 126 -41.22 -18.80 40.73
C VAL E 126 -42.06 -19.87 40.03
N LEU E 127 -43.34 -19.96 40.42
CA LEU E 127 -44.24 -20.95 39.86
C LEU E 127 -45.23 -20.26 38.94
N VAL E 128 -45.30 -20.70 37.68
CA VAL E 128 -46.20 -20.15 36.68
C VAL E 128 -47.12 -21.26 36.19
N THR E 129 -48.43 -21.03 36.28
CA THR E 129 -49.42 -22.01 35.86
C THR E 129 -50.73 -21.29 35.58
N VAL E 130 -51.72 -22.05 35.11
CA VAL E 130 -53.05 -21.54 34.80
C VAL E 130 -54.07 -22.41 35.53
N SER E 131 -55.23 -21.83 35.82
CA SER E 131 -56.30 -22.54 36.52
C SER E 131 -57.62 -21.86 36.19
N SER E 132 -58.67 -22.30 36.88
CA SER E 132 -60.00 -21.74 36.68
C SER E 132 -60.13 -20.37 37.34
N GLN F 1 -29.86 -31.93 15.51
CA GLN F 1 -30.01 -31.54 16.91
C GLN F 1 -29.40 -32.59 17.82
N ILE F 2 -28.76 -32.13 18.90
CA ILE F 2 -28.12 -33.03 19.85
C ILE F 2 -29.05 -33.30 21.03
N VAL F 3 -29.04 -34.54 21.50
CA VAL F 3 -29.86 -34.98 22.63
C VAL F 3 -28.95 -35.64 23.66
N LEU F 4 -29.04 -35.19 24.91
CA LEU F 4 -28.23 -35.72 25.99
C LEU F 4 -28.98 -36.83 26.72
N THR F 5 -28.22 -37.69 27.38
CA THR F 5 -28.80 -38.82 28.11
C THR F 5 -27.87 -39.21 29.25
N GLN F 6 -28.41 -39.28 30.46
CA GLN F 6 -27.67 -39.64 31.65
C GLN F 6 -27.94 -41.10 32.02
N SER F 7 -27.04 -41.67 32.83
CA SER F 7 -27.15 -43.04 33.27
C SER F 7 -26.32 -43.22 34.52
N PRO F 8 -26.85 -43.84 35.59
CA PRO F 8 -28.21 -44.37 35.74
C PRO F 8 -29.23 -43.28 36.11
N ALA F 9 -30.52 -43.56 35.94
CA ALA F 9 -31.54 -42.56 36.26
C ALA F 9 -31.70 -42.38 37.76
N ILE F 10 -31.76 -43.48 38.51
CA ILE F 10 -31.94 -43.42 39.96
C ILE F 10 -30.86 -44.29 40.61
N MET F 11 -30.14 -43.71 41.57
CA MET F 11 -29.09 -44.43 42.28
C MET F 11 -29.23 -44.18 43.77
N SER F 12 -28.77 -45.17 44.55
CA SER F 12 -28.81 -45.09 46.00
C SER F 12 -27.41 -45.35 46.54
N ALA F 13 -26.94 -44.46 47.42
CA ALA F 13 -25.62 -44.59 48.00
C ALA F 13 -25.68 -44.32 49.50
N SER F 14 -24.75 -44.93 50.22
CA SER F 14 -24.66 -44.75 51.67
C SER F 14 -23.64 -43.68 52.01
N LEU F 15 -23.39 -43.52 53.31
CA LEU F 15 -22.43 -42.52 53.76
C LEU F 15 -21.01 -43.00 53.48
N GLY F 16 -20.25 -42.19 52.75
CA GLY F 16 -18.89 -42.55 52.41
C GLY F 16 -18.75 -43.60 51.34
N GLU F 17 -19.76 -43.79 50.50
CA GLU F 17 -19.72 -44.78 49.44
C GLU F 17 -19.32 -44.14 48.11
N GLU F 18 -18.40 -44.79 47.41
CA GLU F 18 -17.90 -44.32 46.13
C GLU F 18 -18.89 -44.65 45.03
N ILE F 19 -19.29 -43.64 44.26
CA ILE F 19 -20.23 -43.79 43.16
C ILE F 19 -19.70 -43.03 41.95
N THR F 20 -20.39 -43.21 40.82
CA THR F 20 -20.02 -42.56 39.58
C THR F 20 -21.25 -42.31 38.72
N LEU F 21 -21.40 -41.06 38.29
CA LEU F 21 -22.50 -40.62 37.45
C LEU F 21 -21.94 -40.32 36.06
N THR F 22 -22.69 -40.69 35.02
CA THR F 22 -22.24 -40.48 33.65
C THR F 22 -23.31 -39.77 32.81
N CYS F 23 -22.83 -39.02 31.83
CA CYS F 23 -23.68 -38.28 30.89
C CYS F 23 -23.14 -38.52 29.48
N SER F 24 -24.05 -38.78 28.54
CA SER F 24 -23.68 -39.03 27.16
C SER F 24 -24.53 -38.17 26.23
N ALA F 25 -24.03 -37.99 25.01
CA ALA F 25 -24.70 -37.19 24.01
C ALA F 25 -24.54 -37.86 22.65
N THR F 26 -25.39 -37.45 21.70
CA THR F 26 -25.36 -38.00 20.36
C THR F 26 -24.27 -37.40 19.48
N SER F 27 -23.60 -36.34 19.93
CA SER F 27 -22.55 -35.71 19.15
C SER F 27 -21.50 -35.16 20.11
N SER F 28 -20.31 -34.92 19.57
CA SER F 28 -19.21 -34.41 20.38
C SER F 28 -19.44 -32.93 20.74
N VAL F 29 -19.07 -32.59 21.97
CA VAL F 29 -19.21 -31.22 22.48
C VAL F 29 -17.89 -30.78 23.08
N ASN F 30 -17.74 -29.47 23.24
CA ASN F 30 -16.51 -28.92 23.82
C ASN F 30 -16.37 -29.28 25.28
N SER F 31 -17.45 -29.11 26.05
CA SER F 31 -17.41 -29.42 27.47
C SER F 31 -18.84 -29.64 27.96
N ILE F 32 -18.94 -30.21 29.16
CA ILE F 32 -20.21 -30.51 29.80
C ILE F 32 -20.19 -29.96 31.22
N HIS F 33 -21.19 -29.16 31.56
CA HIS F 33 -21.30 -28.55 32.87
C HIS F 33 -22.26 -29.36 33.73
N TRP F 34 -21.80 -29.73 34.92
CA TRP F 34 -22.59 -30.52 35.86
C TRP F 34 -23.30 -29.60 36.84
N TYR F 35 -24.50 -30.00 37.25
CA TYR F 35 -25.30 -29.20 38.18
C TYR F 35 -25.91 -30.10 39.25
N GLN F 36 -26.59 -29.44 40.19
CA GLN F 36 -27.28 -30.09 41.29
C GLN F 36 -28.34 -29.15 41.81
N GLN F 37 -29.54 -29.68 42.05
CA GLN F 37 -30.63 -28.85 42.52
C GLN F 37 -31.45 -29.61 43.57
N LYS F 38 -32.02 -28.85 44.51
CA LYS F 38 -32.85 -29.36 45.57
C LYS F 38 -34.25 -28.78 45.39
N SER F 39 -35.27 -29.54 45.84
CA SER F 39 -36.67 -29.15 45.73
C SER F 39 -36.95 -27.78 46.34
N GLY F 40 -37.33 -26.81 45.49
CA GLY F 40 -37.62 -25.47 45.93
C GLY F 40 -36.44 -24.52 45.93
N THR F 41 -35.24 -24.99 45.59
CA THR F 41 -34.06 -24.15 45.58
C THR F 41 -33.60 -23.87 44.15
N ALA F 42 -32.51 -23.14 44.04
CA ALA F 42 -31.93 -22.78 42.74
C ALA F 42 -30.82 -23.75 42.37
N PRO F 43 -30.77 -24.23 41.12
CA PRO F 43 -29.71 -25.17 40.71
C PRO F 43 -28.32 -24.53 40.72
N ASN F 44 -27.41 -25.08 41.51
CA ASN F 44 -26.05 -24.56 41.60
C ASN F 44 -25.11 -25.33 40.68
N VAL F 45 -24.05 -24.65 40.25
CA VAL F 45 -23.05 -25.25 39.36
C VAL F 45 -21.90 -25.76 40.22
N LEU F 46 -21.36 -26.92 39.85
CA LEU F 46 -20.26 -27.54 40.59
C LEU F 46 -19.00 -27.72 39.76
N ILE F 47 -19.10 -28.34 38.59
CA ILE F 47 -17.95 -28.55 37.73
C ILE F 47 -18.26 -27.98 36.35
N TYR F 48 -17.42 -27.05 35.89
CA TYR F 48 -17.55 -26.42 34.59
C TYR F 48 -16.34 -26.79 33.75
N ASP F 49 -16.46 -26.64 32.43
CA ASP F 49 -15.46 -26.97 31.41
C ASP F 49 -14.90 -28.40 31.55
N THR F 50 -15.69 -29.28 32.20
CA THR F 50 -15.46 -30.71 32.48
C THR F 50 -14.31 -30.97 33.45
N SER F 51 -13.44 -29.99 33.68
CA SER F 51 -12.31 -30.21 34.56
C SER F 51 -12.22 -29.24 35.74
N ASN F 52 -12.63 -28.00 35.55
CA ASN F 52 -12.56 -27.02 36.63
C ASN F 52 -13.81 -27.05 37.50
N LEU F 53 -13.59 -27.13 38.81
CA LEU F 53 -14.68 -27.12 39.76
C LEU F 53 -15.07 -25.68 40.09
N ALA F 54 -16.30 -25.51 40.59
CA ALA F 54 -16.77 -24.18 40.93
C ALA F 54 -16.12 -23.68 42.22
N SER F 55 -16.37 -22.41 42.53
CA SER F 55 -15.81 -21.80 43.73
C SER F 55 -16.72 -22.04 44.93
N GLY F 56 -16.13 -22.55 46.01
CA GLY F 56 -16.87 -22.83 47.23
C GLY F 56 -17.51 -24.20 47.32
N VAL F 57 -17.49 -24.98 46.24
CA VAL F 57 -18.09 -26.32 46.27
C VAL F 57 -17.12 -27.28 46.93
N PRO F 58 -17.59 -28.37 47.54
CA PRO F 58 -16.67 -29.32 48.18
C PRO F 58 -15.79 -30.04 47.17
N SER F 59 -14.65 -30.52 47.64
CA SER F 59 -13.69 -31.23 46.79
C SER F 59 -14.09 -32.68 46.54
N ARG F 60 -15.18 -33.16 47.14
CA ARG F 60 -15.61 -34.54 46.94
C ARG F 60 -16.08 -34.78 45.50
N PHE F 61 -16.57 -33.74 44.84
CA PHE F 61 -17.05 -33.88 43.47
C PHE F 61 -15.89 -33.78 42.48
N SER F 62 -15.95 -34.63 41.45
CA SER F 62 -14.92 -34.66 40.41
C SER F 62 -15.53 -35.23 39.15
N GLY F 63 -14.88 -34.98 38.02
CA GLY F 63 -15.37 -35.48 36.75
C GLY F 63 -14.37 -35.27 35.65
N SER F 64 -14.54 -36.07 34.60
CA SER F 64 -13.67 -36.02 33.43
C SER F 64 -14.39 -36.67 32.26
N GLY F 65 -13.81 -36.53 31.08
CA GLY F 65 -14.39 -37.10 29.88
C GLY F 65 -13.96 -36.34 28.64
N SER F 66 -14.25 -36.96 27.50
CA SER F 66 -13.91 -36.38 26.21
C SER F 66 -14.81 -37.02 25.16
N GLY F 67 -14.90 -36.37 24.00
CA GLY F 67 -15.73 -36.89 22.92
C GLY F 67 -17.21 -36.78 23.27
N THR F 68 -17.92 -37.90 23.17
CA THR F 68 -19.34 -37.98 23.47
C THR F 68 -19.62 -38.63 24.81
N PHE F 69 -18.58 -39.01 25.56
CA PHE F 69 -18.73 -39.65 26.85
C PHE F 69 -18.18 -38.74 27.94
N TYR F 70 -18.95 -38.55 29.00
CA TYR F 70 -18.56 -37.72 30.12
C TYR F 70 -19.04 -38.38 31.40
N SER F 71 -18.42 -38.02 32.52
CA SER F 71 -18.80 -38.63 33.77
C SER F 71 -18.57 -37.69 34.95
N LEU F 72 -19.24 -38.01 36.06
CA LEU F 72 -19.16 -37.28 37.31
C LEU F 72 -18.82 -38.31 38.38
N THR F 73 -17.77 -38.04 39.16
CA THR F 73 -17.34 -38.96 40.20
C THR F 73 -17.43 -38.30 41.56
N ILE F 74 -18.14 -38.96 42.48
CA ILE F 74 -18.32 -38.49 43.85
C ILE F 74 -17.53 -39.45 44.75
N SER F 75 -16.41 -38.96 45.27
CA SER F 75 -15.56 -39.80 46.13
C SER F 75 -16.24 -40.14 47.44
N SER F 76 -16.79 -39.15 48.13
CA SER F 76 -17.47 -39.38 49.40
C SER F 76 -18.89 -38.85 49.31
N VAL F 77 -19.85 -39.65 49.77
CA VAL F 77 -21.26 -39.28 49.73
C VAL F 77 -21.73 -38.99 51.15
N GLU F 78 -22.30 -37.80 51.34
CA GLU F 78 -22.83 -37.36 52.62
C GLU F 78 -24.34 -37.30 52.54
N THR F 79 -24.95 -36.86 53.64
CA THR F 79 -26.41 -36.75 53.70
C THR F 79 -26.93 -35.65 52.78
N GLU F 80 -26.21 -34.53 52.70
CA GLU F 80 -26.62 -33.42 51.86
C GLU F 80 -26.50 -33.73 50.36
N ASP F 81 -25.64 -34.69 49.99
CA ASP F 81 -25.43 -35.04 48.58
C ASP F 81 -26.66 -35.66 47.93
N ALA F 82 -27.66 -36.08 48.69
CA ALA F 82 -28.86 -36.68 48.13
C ALA F 82 -29.69 -35.59 47.46
N ALA F 83 -29.54 -35.47 46.14
CA ALA F 83 -30.26 -34.47 45.36
C ALA F 83 -30.35 -34.95 43.92
N ASP F 84 -30.75 -34.05 43.03
CA ASP F 84 -30.91 -34.35 41.61
C ASP F 84 -29.83 -33.60 40.84
N TYR F 85 -29.09 -34.31 39.99
CA TYR F 85 -28.00 -33.75 39.21
C TYR F 85 -28.35 -33.72 37.73
N TYR F 86 -27.62 -32.88 36.98
CA TYR F 86 -27.83 -32.72 35.55
C TYR F 86 -26.50 -32.44 34.85
N CYS F 87 -26.54 -32.53 33.52
CA CYS F 87 -25.41 -32.26 32.64
C CYS F 87 -25.92 -31.34 31.55
N HIS F 88 -25.15 -30.28 31.25
CA HIS F 88 -25.56 -29.29 30.27
C HIS F 88 -24.48 -29.11 29.20
N GLN F 89 -24.94 -28.91 27.96
CA GLN F 89 -24.09 -28.71 26.80
C GLN F 89 -24.27 -27.30 26.26
N TRP F 90 -23.21 -26.78 25.61
CA TRP F 90 -23.22 -25.44 25.06
C TRP F 90 -22.78 -25.32 23.61
N THR F 91 -22.14 -26.36 23.03
CA THR F 91 -21.62 -26.29 21.67
C THR F 91 -22.68 -25.95 20.63
N THR F 92 -23.72 -26.77 20.49
CA THR F 92 -24.72 -26.51 19.47
C THR F 92 -26.12 -26.39 20.08
N TYR F 93 -27.05 -26.00 19.21
CA TYR F 93 -28.45 -25.84 19.54
C TYR F 93 -29.05 -27.23 19.83
N PRO F 94 -30.08 -27.33 20.70
CA PRO F 94 -30.79 -26.29 21.47
C PRO F 94 -30.34 -26.01 22.89
N TRP F 95 -29.07 -26.16 23.30
CA TRP F 95 -28.60 -25.88 24.67
C TRP F 95 -29.38 -26.67 25.73
N THR F 96 -29.82 -27.88 25.39
CA THR F 96 -30.61 -28.68 26.32
C THR F 96 -29.74 -29.28 27.42
N PHE F 97 -30.40 -29.64 28.52
CA PHE F 97 -29.76 -30.26 29.67
C PHE F 97 -29.81 -31.79 29.52
N GLY F 98 -29.45 -32.48 30.60
CA GLY F 98 -29.45 -33.93 30.60
C GLY F 98 -30.79 -34.49 31.03
N GLY F 99 -30.80 -35.82 31.20
CA GLY F 99 -32.01 -36.51 31.60
C GLY F 99 -32.30 -36.44 33.09
N GLY F 100 -31.34 -36.00 33.90
CA GLY F 100 -31.54 -35.91 35.33
C GLY F 100 -31.28 -37.21 36.06
N THR F 101 -30.65 -37.13 37.23
CA THR F 101 -30.33 -38.31 38.01
C THR F 101 -30.63 -38.03 39.49
N LYS F 102 -31.53 -38.83 40.07
CA LYS F 102 -31.93 -38.69 41.45
C LYS F 102 -31.04 -39.54 42.35
N LEU F 103 -30.55 -38.94 43.43
CA LEU F 103 -29.68 -39.61 44.39
C LEU F 103 -30.38 -39.62 45.74
N GLU F 104 -30.40 -40.79 46.39
CA GLU F 104 -31.03 -40.96 47.69
C GLU F 104 -30.11 -41.73 48.61
N ILE F 105 -30.15 -41.38 49.90
CA ILE F 105 -29.32 -42.03 50.91
C ILE F 105 -29.81 -43.47 51.10
N LYS F 106 -28.91 -44.42 50.96
CA LYS F 106 -29.24 -45.83 51.12
C LYS F 106 -29.41 -46.20 52.58
N ASN G 38 71.58 8.59 1.00
CA ASN G 38 70.49 8.39 1.96
C ASN G 38 69.24 7.76 1.32
N LEU G 39 68.13 7.76 2.05
CA LEU G 39 66.88 7.21 1.57
C LEU G 39 65.77 8.23 1.62
N TRP G 40 64.92 8.21 0.59
CA TRP G 40 63.77 9.09 0.45
C TRP G 40 62.52 8.24 0.29
N VAL G 41 61.43 8.65 0.93
CA VAL G 41 60.18 7.90 0.84
C VAL G 41 59.55 8.15 -0.52
N THR G 42 58.96 7.11 -1.09
CA THR G 42 58.31 7.17 -2.39
C THR G 42 56.91 6.58 -2.27
N VAL G 43 56.05 6.98 -3.20
CA VAL G 43 54.67 6.51 -3.25
C VAL G 43 54.46 5.73 -4.53
N TYR G 44 53.89 4.53 -4.40
CA TYR G 44 53.62 3.65 -5.53
C TYR G 44 52.12 3.61 -5.75
N TYR G 45 51.69 3.83 -6.99
CA TYR G 45 50.27 3.82 -7.34
C TYR G 45 49.94 2.49 -7.99
N GLY G 46 48.82 1.90 -7.59
CA GLY G 46 48.43 0.61 -8.13
C GLY G 46 49.22 -0.55 -7.59
N VAL G 47 49.70 -0.45 -6.36
CA VAL G 47 50.49 -1.51 -5.72
C VAL G 47 49.60 -2.72 -5.48
N PRO G 48 50.13 -3.95 -5.55
CA PRO G 48 49.28 -5.15 -5.32
C PRO G 48 49.15 -5.66 -3.89
N VAL G 49 48.37 -4.96 -3.07
CA VAL G 49 48.13 -5.35 -1.69
C VAL G 49 46.63 -5.35 -1.46
N TRP G 50 46.20 -6.05 -0.41
CA TRP G 50 44.78 -6.12 -0.11
C TRP G 50 44.58 -6.38 1.38
N ARG G 51 43.40 -6.00 1.86
CA ARG G 51 43.01 -6.18 3.26
C ARG G 51 41.58 -6.65 3.29
N ASP G 52 41.23 -7.37 4.35
CA ASP G 52 39.86 -7.87 4.49
C ASP G 52 38.95 -6.73 4.90
N ALA G 53 37.87 -6.54 4.15
CA ALA G 53 36.94 -5.46 4.45
C ALA G 53 35.54 -5.86 4.03
N GLU G 54 34.57 -5.04 4.43
CA GLU G 54 33.17 -5.26 4.11
C GLU G 54 32.73 -4.26 3.04
N THR G 55 32.07 -4.79 2.01
CA THR G 55 31.61 -3.93 0.91
C THR G 55 30.39 -4.54 0.24
N THR G 56 29.69 -3.70 -0.51
CA THR G 56 28.51 -4.15 -1.24
C THR G 56 28.94 -4.91 -2.47
N LEU G 57 28.00 -5.68 -3.05
CA LEU G 57 28.27 -6.48 -4.24
C LEU G 57 27.11 -6.35 -5.21
N PHE G 58 27.42 -6.38 -6.51
CA PHE G 58 26.40 -6.28 -7.55
C PHE G 58 26.29 -7.59 -8.33
N CYS G 59 25.07 -7.89 -8.78
CA CYS G 59 24.74 -9.10 -9.51
C CYS G 59 25.33 -9.13 -10.91
N ALA G 60 25.26 -10.33 -11.50
CA ALA G 60 25.72 -10.61 -12.85
C ALA G 60 25.12 -11.95 -13.27
N SER G 61 24.42 -11.97 -14.40
CA SER G 61 23.79 -13.18 -14.88
C SER G 61 23.61 -13.09 -16.39
N ASP G 62 23.20 -14.21 -16.99
CA ASP G 62 22.97 -14.29 -18.42
C ASP G 62 21.57 -13.77 -18.77
N ALA G 63 21.46 -12.44 -18.75
CA ALA G 63 20.19 -11.79 -19.06
C ALA G 63 19.85 -11.91 -20.54
N LYS G 64 18.57 -12.15 -20.81
CA LYS G 64 18.09 -12.30 -22.18
C LYS G 64 16.94 -11.34 -22.45
N GLU G 69 10.16 -14.09 -22.44
CA GLU G 69 11.08 -14.63 -21.41
C GLU G 69 10.49 -14.37 -20.02
N LYS G 70 10.04 -15.42 -19.34
CA LYS G 70 9.52 -15.26 -17.96
C LYS G 70 10.63 -14.67 -17.08
N HIS G 71 10.27 -13.75 -16.17
CA HIS G 71 11.27 -13.19 -15.23
C HIS G 71 11.45 -14.21 -14.09
N ASN G 72 12.50 -14.05 -13.27
CA ASN G 72 12.75 -15.07 -12.22
C ASN G 72 12.70 -14.38 -10.85
N VAL G 73 12.06 -15.03 -9.88
CA VAL G 73 11.91 -14.39 -8.53
C VAL G 73 13.21 -13.67 -8.19
N TRP G 74 14.34 -14.21 -8.63
CA TRP G 74 15.62 -13.62 -8.24
C TRP G 74 15.97 -12.34 -9.01
N ALA G 75 15.17 -11.96 -10.02
CA ALA G 75 15.39 -10.77 -10.85
C ALA G 75 16.77 -10.77 -11.48
N THR G 76 17.14 -11.90 -12.09
CA THR G 76 18.46 -12.01 -12.72
C THR G 76 18.55 -11.15 -13.96
N HIS G 77 17.40 -10.82 -14.57
CA HIS G 77 17.41 -9.98 -15.77
C HIS G 77 17.60 -8.52 -15.39
N ALA G 78 17.32 -8.16 -14.14
CA ALA G 78 17.45 -6.78 -13.70
C ALA G 78 18.90 -6.38 -13.46
N CYS G 79 19.75 -7.31 -13.02
CA CYS G 79 21.13 -6.96 -12.75
C CYS G 79 21.95 -6.87 -14.04
N VAL G 80 23.23 -6.56 -13.87
CA VAL G 80 24.20 -6.39 -14.95
C VAL G 80 24.35 -7.70 -15.73
N PRO G 81 24.42 -7.66 -17.07
CA PRO G 81 24.61 -8.90 -17.81
C PRO G 81 26.01 -9.46 -17.56
N THR G 82 26.10 -10.79 -17.53
CA THR G 82 27.38 -11.44 -17.26
C THR G 82 28.36 -11.24 -18.41
N ASP G 83 29.64 -11.32 -18.08
CA ASP G 83 30.70 -11.18 -19.06
C ASP G 83 30.80 -12.43 -19.91
N PRO G 84 31.29 -12.31 -21.16
CA PRO G 84 31.41 -13.51 -22.01
C PRO G 84 32.37 -14.55 -21.45
N ASN G 85 33.38 -14.11 -20.71
CA ASN G 85 34.37 -14.99 -20.09
C ASN G 85 34.98 -14.28 -18.89
N PRO G 86 34.82 -14.81 -17.67
CA PRO G 86 35.38 -14.15 -16.49
C PRO G 86 36.89 -14.29 -16.46
N GLN G 87 37.58 -13.15 -16.35
CA GLN G 87 39.03 -13.13 -16.32
C GLN G 87 39.51 -13.62 -14.96
N GLU G 88 40.05 -14.84 -14.92
CA GLU G 88 40.55 -15.46 -13.70
C GLU G 88 42.05 -15.61 -13.82
N ILE G 89 42.78 -15.08 -12.82
CA ILE G 89 44.23 -15.13 -12.81
C ILE G 89 44.70 -15.82 -11.54
N HIS G 90 45.64 -16.76 -11.68
CA HIS G 90 46.19 -17.50 -10.56
C HIS G 90 47.47 -16.80 -10.10
N LEU G 91 47.49 -16.37 -8.84
CA LEU G 91 48.65 -15.68 -8.28
C LEU G 91 49.69 -16.70 -7.85
N ASP G 92 50.92 -16.51 -8.32
CA ASP G 92 52.01 -17.40 -7.96
C ASP G 92 52.66 -16.89 -6.67
N ASN G 93 53.26 -17.81 -5.92
CA ASN G 93 53.94 -17.56 -4.64
C ASN G 93 53.03 -16.88 -3.61
N VAL G 94 51.72 -17.12 -3.64
CA VAL G 94 50.80 -16.47 -2.70
C VAL G 94 50.12 -17.48 -1.82
N THR G 95 50.18 -17.24 -0.51
CA THR G 95 49.54 -18.05 0.51
C THR G 95 48.66 -17.11 1.32
N GLU G 96 47.35 -17.32 1.28
CA GLU G 96 46.42 -16.45 1.97
C GLU G 96 45.54 -17.25 2.93
N LYS G 97 45.22 -16.62 4.05
CA LYS G 97 44.38 -17.23 5.08
C LYS G 97 42.92 -17.01 4.72
N PHE G 98 42.11 -18.06 4.90
CA PHE G 98 40.68 -18.02 4.60
C PHE G 98 39.88 -18.40 5.82
N ASN G 99 38.63 -17.94 5.86
CA ASN G 99 37.72 -18.24 6.97
C ASN G 99 36.31 -18.21 6.39
N MET G 100 35.76 -19.40 6.14
CA MET G 100 34.41 -19.48 5.57
C MET G 100 33.33 -19.18 6.60
N TRP G 101 33.63 -19.30 7.89
CA TRP G 101 32.63 -19.05 8.91
C TRP G 101 32.55 -17.57 9.30
N LYS G 102 33.65 -16.84 9.19
CA LYS G 102 33.67 -15.42 9.53
C LYS G 102 33.57 -14.53 8.30
N ASN G 103 33.20 -15.10 7.16
CA ASN G 103 33.07 -14.32 5.93
C ASN G 103 31.83 -13.44 5.97
N ASN G 104 31.90 -12.32 5.24
CA ASN G 104 30.81 -11.37 5.18
C ASN G 104 29.95 -11.55 3.94
N MET G 105 30.48 -12.22 2.91
CA MET G 105 29.72 -12.43 1.68
C MET G 105 28.50 -13.30 1.91
N VAL G 106 28.59 -14.26 2.82
CA VAL G 106 27.44 -15.12 3.09
C VAL G 106 26.31 -14.34 3.74
N GLU G 107 26.63 -13.45 4.69
CA GLU G 107 25.60 -12.64 5.33
C GLU G 107 25.00 -11.66 4.33
N GLN G 108 25.85 -11.04 3.50
CA GLN G 108 25.37 -10.10 2.49
C GLN G 108 24.49 -10.83 1.48
N MET G 109 24.86 -12.05 1.11
CA MET G 109 24.07 -12.83 0.17
C MET G 109 22.71 -13.17 0.77
N HIS G 110 22.68 -13.53 2.05
CA HIS G 110 21.42 -13.83 2.72
C HIS G 110 20.49 -12.62 2.71
N THR G 111 21.04 -11.44 3.03
CA THR G 111 20.24 -10.22 3.03
C THR G 111 19.77 -9.89 1.61
N ASP G 112 20.61 -10.08 0.60
CA ASP G 112 20.19 -9.79 -0.77
C ASP G 112 19.09 -10.73 -1.24
N ILE G 113 19.20 -12.03 -0.90
CA ILE G 113 18.16 -12.97 -1.32
C ILE G 113 16.84 -12.67 -0.64
N ILE G 114 16.85 -12.37 0.67
CA ILE G 114 15.58 -12.07 1.33
C ILE G 114 15.01 -10.74 0.82
N SER G 115 15.89 -9.79 0.47
CA SER G 115 15.42 -8.52 -0.09
C SER G 115 14.79 -8.73 -1.45
N LEU G 116 15.39 -9.57 -2.29
CA LEU G 116 14.82 -9.85 -3.61
C LEU G 116 13.51 -10.60 -3.47
N TRP G 117 13.41 -11.45 -2.43
CA TRP G 117 12.18 -12.19 -2.20
C TRP G 117 11.05 -11.23 -1.86
N ASP G 118 11.32 -10.28 -0.97
CA ASP G 118 10.32 -9.29 -0.60
C ASP G 118 9.98 -8.39 -1.78
N GLN G 119 10.98 -8.10 -2.61
CA GLN G 119 10.76 -7.27 -3.80
C GLN G 119 9.86 -7.98 -4.80
N SER G 120 10.08 -9.28 -5.00
CA SER G 120 9.28 -10.05 -5.95
C SER G 120 7.85 -10.22 -5.44
N LEU G 121 7.68 -10.33 -4.12
CA LEU G 121 6.33 -10.49 -3.60
C LEU G 121 5.57 -9.17 -3.44
N LYS G 122 6.25 -8.03 -3.59
CA LYS G 122 5.59 -6.74 -3.44
C LYS G 122 4.52 -6.40 -4.48
N PRO G 123 4.74 -6.54 -5.82
CA PRO G 123 3.66 -6.17 -6.75
C PRO G 123 2.56 -7.22 -6.89
N CYS G 124 2.77 -8.40 -6.32
CA CYS G 124 1.78 -9.45 -6.43
C CYS G 124 0.62 -9.26 -5.45
N VAL G 125 -0.44 -10.04 -5.68
CA VAL G 125 -1.65 -9.97 -4.84
C VAL G 125 -1.43 -10.72 -3.54
N LYS G 126 -2.04 -10.21 -2.47
CA LYS G 126 -1.96 -10.78 -1.14
C LYS G 126 -3.17 -11.66 -0.86
N LEU G 127 -3.07 -12.48 0.18
CA LEU G 127 -4.15 -13.39 0.60
C LEU G 127 -4.94 -12.86 1.79
N THR G 128 -5.17 -11.55 1.87
CA THR G 128 -5.93 -11.02 3.00
C THR G 128 -7.40 -11.45 3.09
N PRO G 129 -8.16 -11.70 2.02
CA PRO G 129 -9.55 -12.12 2.25
C PRO G 129 -9.76 -13.63 2.33
N LEU G 130 -8.68 -14.42 2.28
CA LEU G 130 -8.77 -15.88 2.33
C LEU G 130 -8.73 -16.44 3.75
N CYS G 131 -8.83 -15.59 4.77
CA CYS G 131 -8.82 -16.07 6.15
C CYS G 131 -10.20 -16.47 6.64
N VAL G 132 -11.14 -16.73 5.72
CA VAL G 132 -12.49 -17.13 6.08
C VAL G 132 -12.45 -18.58 6.59
N THR G 133 -13.43 -18.94 7.41
CA THR G 133 -13.50 -20.30 7.97
C THR G 133 -13.83 -21.29 6.85
N LEU G 134 -12.83 -22.07 6.44
CA LEU G 134 -13.01 -23.06 5.39
C LEU G 134 -13.77 -24.27 5.89
N HIS G 135 -14.44 -24.97 4.98
CA HIS G 135 -15.18 -26.19 5.25
C HIS G 135 -14.58 -27.27 4.37
N CYS G 136 -13.78 -28.14 4.97
CA CYS G 136 -13.10 -29.19 4.22
C CYS G 136 -13.52 -30.58 4.71
N THR G 137 -13.53 -31.51 3.76
CA THR G 137 -13.86 -32.91 4.01
C THR G 137 -12.81 -33.77 3.32
N ASN G 138 -12.98 -35.08 3.41
CA ASN G 138 -12.04 -35.99 2.77
C ASN G 138 -12.21 -35.98 1.26
N VAL G 139 -11.13 -36.30 0.55
CA VAL G 139 -11.18 -36.33 -0.90
C VAL G 139 -11.88 -37.60 -1.38
N THR G 140 -12.37 -37.54 -2.62
CA THR G 140 -13.07 -38.68 -3.22
C THR G 140 -12.09 -39.62 -3.92
N ASP G 147 -1.09 -43.84 2.07
CA ASP G 147 -2.34 -43.22 2.50
C ASP G 147 -2.90 -42.24 1.46
N ARG G 148 -4.20 -41.96 1.55
CA ARG G 148 -4.84 -41.05 0.62
C ARG G 148 -5.64 -39.95 1.31
N GLU G 149 -5.42 -39.72 2.61
CA GLU G 149 -6.13 -38.70 3.36
C GLU G 149 -5.31 -37.43 3.56
N GLU G 150 -4.26 -37.21 2.75
CA GLU G 150 -3.45 -36.01 2.88
C GLU G 150 -4.16 -34.78 2.35
N LEU G 151 -4.84 -34.91 1.22
CA LEU G 151 -5.57 -33.79 0.60
C LEU G 151 -6.97 -33.67 1.19
N LYS G 152 -7.47 -32.45 1.22
CA LYS G 152 -8.80 -32.15 1.74
C LYS G 152 -9.55 -31.28 0.74
N ASN G 153 -10.79 -31.66 0.43
CA ASN G 153 -11.61 -30.89 -0.51
C ASN G 153 -12.32 -29.80 0.28
N CYS G 154 -11.77 -28.59 0.24
CA CYS G 154 -12.31 -27.46 0.98
C CYS G 154 -13.37 -26.69 0.19
N SER G 155 -14.20 -25.96 0.94
CA SER G 155 -15.27 -25.13 0.40
C SER G 155 -15.38 -23.91 1.30
N PHE G 156 -15.36 -22.72 0.71
CA PHE G 156 -15.43 -21.50 1.53
C PHE G 156 -16.04 -20.36 0.72
N ASN G 157 -16.47 -19.34 1.46
CA ASN G 157 -17.05 -18.14 0.86
C ASN G 157 -15.93 -17.17 0.49
N MET G 158 -16.18 -16.37 -0.53
CA MET G 158 -15.17 -15.41 -0.97
C MET G 158 -15.85 -14.26 -1.69
N THR G 159 -15.35 -13.04 -1.45
CA THR G 159 -15.90 -11.87 -2.09
C THR G 159 -15.49 -11.85 -3.56
N THR G 160 -16.46 -11.60 -4.42
CA THR G 160 -16.24 -11.55 -5.87
C THR G 160 -15.77 -10.15 -6.26
N GLU G 161 -15.68 -9.91 -7.57
CA GLU G 161 -15.25 -8.61 -8.07
C GLU G 161 -16.26 -7.52 -7.68
N LEU G 162 -17.53 -7.89 -7.55
CA LEU G 162 -18.56 -6.96 -7.13
C LEU G 162 -18.41 -6.76 -5.62
N ARG G 163 -18.35 -5.51 -5.18
CA ARG G 163 -18.18 -5.26 -3.75
C ARG G 163 -19.42 -5.62 -2.94
N ASP G 164 -20.59 -5.65 -3.60
CA ASP G 164 -21.85 -5.98 -2.95
C ASP G 164 -22.17 -7.47 -3.00
N LYS G 165 -21.51 -8.23 -3.88
CA LYS G 165 -21.79 -9.65 -4.01
C LYS G 165 -20.56 -10.45 -3.59
N ARG G 166 -20.75 -11.77 -3.50
CA ARG G 166 -19.70 -12.71 -3.12
C ARG G 166 -19.76 -13.93 -4.03
N GLN G 167 -18.86 -14.88 -3.80
CA GLN G 167 -18.83 -16.11 -4.60
C GLN G 167 -18.43 -17.29 -3.73
N LYS G 168 -18.94 -18.46 -4.09
CA LYS G 168 -18.65 -19.71 -3.39
C LYS G 168 -17.81 -20.59 -4.30
N VAL G 169 -16.60 -20.93 -3.85
CA VAL G 169 -15.68 -21.75 -4.61
C VAL G 169 -15.24 -22.94 -3.79
N TYR G 170 -14.50 -23.85 -4.44
CA TYR G 170 -13.97 -25.03 -3.80
C TYR G 170 -12.55 -25.23 -4.30
N SER G 171 -11.70 -25.77 -3.43
CA SER G 171 -10.30 -26.00 -3.80
C SER G 171 -9.72 -27.06 -2.89
N LEU G 172 -8.61 -27.62 -3.32
CA LEU G 172 -7.92 -28.66 -2.57
C LEU G 172 -6.74 -28.06 -1.81
N PHE G 173 -6.64 -28.41 -0.53
CA PHE G 173 -5.55 -27.93 0.31
C PHE G 173 -4.98 -29.10 1.10
N TYR G 174 -3.68 -29.03 1.36
CA TYR G 174 -3.01 -30.09 2.12
C TYR G 174 -3.35 -29.96 3.59
N ARG G 175 -3.20 -31.08 4.32
CA ARG G 175 -3.49 -31.07 5.75
C ARG G 175 -2.48 -30.24 6.52
N LEU G 176 -1.23 -30.18 6.03
CA LEU G 176 -0.19 -29.41 6.71
C LEU G 176 -0.50 -27.92 6.73
N ASP G 177 -1.06 -27.37 5.64
CA ASP G 177 -1.42 -25.96 5.58
C ASP G 177 -2.85 -25.72 6.02
N ILE G 178 -3.41 -26.61 6.83
CA ILE G 178 -4.77 -26.53 7.31
C ILE G 178 -4.76 -26.69 8.83
N VAL G 179 -5.40 -25.76 9.53
CA VAL G 179 -5.49 -25.78 10.98
C VAL G 179 -6.93 -25.54 11.42
N PRO G 180 -7.53 -26.44 12.21
CA PRO G 180 -8.91 -26.22 12.64
C PRO G 180 -8.99 -25.15 13.72
N ILE G 181 -10.20 -24.60 13.90
CA ILE G 181 -10.41 -23.58 14.92
C ILE G 181 -10.27 -24.20 16.31
N ASN G 182 -10.83 -25.38 16.51
CA ASN G 182 -10.77 -26.13 17.76
C ASN G 182 -10.58 -27.60 17.41
N GLU G 183 -10.20 -28.39 18.42
CA GLU G 183 -9.98 -29.82 18.20
C GLU G 183 -11.22 -30.66 18.47
N ASN G 184 -12.39 -30.05 18.62
CA ASN G 184 -13.58 -30.85 18.90
C ASN G 184 -14.67 -30.76 17.83
N GLN G 185 -14.86 -29.59 17.21
CA GLN G 185 -15.89 -29.41 16.19
C GLN G 185 -15.72 -30.32 14.98
N GLY G 186 -14.67 -30.09 14.20
CA GLY G 186 -14.44 -30.89 13.01
C GLY G 186 -15.20 -30.36 11.82
N SER G 187 -14.56 -30.39 10.66
CA SER G 187 -14.97 -29.95 9.31
C SER G 187 -14.81 -28.44 9.10
N GLU G 188 -14.39 -27.67 10.10
CA GLU G 188 -14.15 -26.23 9.92
C GLU G 188 -12.67 -26.01 10.17
N TYR G 189 -11.97 -25.43 9.21
CA TYR G 189 -10.55 -25.20 9.35
C TYR G 189 -10.17 -23.82 8.85
N ARG G 190 -8.91 -23.45 9.12
CA ARG G 190 -8.33 -22.18 8.72
C ARG G 190 -6.96 -22.44 8.11
N LEU G 191 -6.34 -21.37 7.63
CA LEU G 191 -5.00 -21.49 7.07
C LEU G 191 -4.00 -21.57 8.20
N ILE G 192 -2.84 -22.17 7.94
CA ILE G 192 -1.81 -22.30 8.97
C ILE G 192 -1.25 -20.93 9.33
N ASN G 193 -1.15 -20.03 8.34
CA ASN G 193 -0.63 -18.68 8.60
C ASN G 193 -1.76 -17.68 8.34
N CYS G 194 -2.55 -17.45 9.36
CA CYS G 194 -3.67 -16.52 9.38
C CYS G 194 -3.63 -15.63 10.62
N ASN G 195 -3.19 -16.17 11.75
CA ASN G 195 -3.08 -15.40 12.99
C ASN G 195 -1.68 -14.83 13.18
N THR G 196 -0.80 -15.00 12.19
CA THR G 196 0.56 -14.51 12.21
C THR G 196 0.80 -13.38 11.22
N SER G 197 0.32 -13.55 9.98
CA SER G 197 0.42 -12.58 8.89
C SER G 197 -0.40 -13.10 7.72
N ALA G 198 -0.54 -12.24 6.71
CA ALA G 198 -1.27 -12.58 5.49
C ALA G 198 -0.26 -12.92 4.41
N CYS G 199 -0.37 -14.12 3.85
CA CYS G 199 0.55 -14.55 2.82
C CYS G 199 0.32 -13.78 1.52
N THR G 200 1.31 -13.85 0.63
CA THR G 200 1.27 -13.20 -0.66
C THR G 200 1.41 -14.26 -1.75
N GLN G 201 0.47 -14.26 -2.69
CA GLN G 201 0.50 -15.23 -3.78
C GLN G 201 1.60 -14.87 -4.75
N ALA G 202 2.43 -15.84 -5.10
CA ALA G 202 3.52 -15.59 -6.03
C ALA G 202 2.98 -15.31 -7.43
N CYS G 203 3.57 -14.34 -8.10
CA CYS G 203 3.16 -13.98 -9.44
C CYS G 203 3.49 -15.11 -10.43
N PRO G 204 2.53 -15.58 -11.21
CA PRO G 204 2.83 -16.67 -12.16
C PRO G 204 3.71 -16.25 -13.31
N LYS G 205 3.92 -14.95 -13.52
CA LYS G 205 4.77 -14.48 -14.62
C LYS G 205 6.25 -14.74 -14.36
N VAL G 206 6.63 -15.07 -13.14
CA VAL G 206 8.03 -15.35 -12.79
C VAL G 206 8.13 -16.80 -12.35
N SER G 207 9.34 -17.36 -12.45
CA SER G 207 9.58 -18.74 -12.08
C SER G 207 10.66 -18.82 -11.00
N PHE G 208 10.62 -19.90 -10.23
CA PHE G 208 11.56 -20.16 -9.16
C PHE G 208 12.74 -21.01 -9.60
N GLU G 209 13.11 -20.95 -10.88
CA GLU G 209 14.23 -21.72 -11.37
C GLU G 209 15.52 -21.17 -10.79
N PRO G 210 16.38 -22.01 -10.21
CA PRO G 210 17.63 -21.52 -9.64
C PRO G 210 18.62 -21.04 -10.69
N ILE G 211 18.38 -19.85 -11.24
CA ILE G 211 19.27 -19.30 -12.27
C ILE G 211 20.59 -18.93 -11.62
N PRO G 212 21.73 -19.37 -12.16
CA PRO G 212 23.02 -19.02 -11.56
C PRO G 212 23.33 -17.55 -11.68
N ILE G 213 23.74 -16.95 -10.56
CA ILE G 213 24.08 -15.53 -10.49
C ILE G 213 25.55 -15.41 -10.11
N HIS G 214 26.23 -14.45 -10.71
CA HIS G 214 27.65 -14.20 -10.45
C HIS G 214 27.75 -13.00 -9.52
N TYR G 215 28.34 -13.20 -8.35
CA TYR G 215 28.50 -12.14 -7.36
C TYR G 215 29.79 -11.39 -7.66
N CYS G 216 29.71 -10.38 -8.50
CA CYS G 216 30.87 -9.58 -8.86
C CYS G 216 31.20 -8.57 -7.77
N ALA G 217 32.47 -8.19 -7.74
CA ALA G 217 33.00 -7.21 -6.80
C ALA G 217 33.09 -5.84 -7.46
N PRO G 218 32.86 -4.76 -6.74
CA PRO G 218 32.95 -3.42 -7.35
C PRO G 218 34.37 -3.08 -7.72
N ALA G 219 34.52 -1.96 -8.42
CA ALA G 219 35.84 -1.49 -8.83
C ALA G 219 36.68 -1.16 -7.61
N GLY G 220 37.92 -1.64 -7.61
CA GLY G 220 38.83 -1.46 -6.50
C GLY G 220 38.80 -2.61 -5.52
N PHE G 221 37.88 -3.55 -5.70
CA PHE G 221 37.72 -4.74 -4.86
C PHE G 221 37.88 -5.97 -5.73
N ALA G 222 38.25 -7.09 -5.10
CA ALA G 222 38.41 -8.33 -5.82
C ALA G 222 38.03 -9.49 -4.92
N ILE G 223 37.81 -10.64 -5.55
CA ILE G 223 37.42 -11.87 -4.86
C ILE G 223 38.54 -12.88 -5.06
N LEU G 224 39.09 -13.39 -3.96
CA LEU G 224 40.17 -14.37 -4.03
C LEU G 224 39.59 -15.78 -4.01
N LYS G 225 40.16 -16.65 -4.82
CA LYS G 225 39.72 -18.04 -4.94
C LYS G 225 40.84 -18.97 -4.51
N CYS G 226 40.50 -19.99 -3.73
CA CYS G 226 41.47 -20.97 -3.23
C CYS G 226 41.35 -22.25 -4.05
N LYS G 227 42.39 -22.54 -4.85
CA LYS G 227 42.41 -23.73 -5.69
C LYS G 227 43.13 -24.90 -5.03
N ASP G 228 43.21 -24.93 -3.70
CA ASP G 228 43.88 -26.04 -3.02
C ASP G 228 43.02 -27.29 -3.10
N GLU G 229 43.68 -28.42 -3.36
CA GLU G 229 42.97 -29.69 -3.47
C GLU G 229 42.53 -30.16 -2.09
N GLY G 230 41.23 -30.35 -1.93
CA GLY G 230 40.69 -30.81 -0.65
C GLY G 230 40.82 -29.81 0.47
N PHE G 231 40.58 -28.53 0.19
CA PHE G 231 40.66 -27.50 1.21
C PHE G 231 39.44 -27.60 2.12
N ASN G 232 39.66 -27.59 3.42
CA ASN G 232 38.57 -27.72 4.38
C ASN G 232 37.82 -26.43 4.67
N GLY G 233 38.22 -25.30 4.09
CA GLY G 233 37.54 -24.04 4.32
C GLY G 233 38.04 -23.18 5.46
N THR G 234 39.04 -23.64 6.21
CA THR G 234 39.56 -22.85 7.31
C THR G 234 41.07 -23.03 7.40
N GLY G 235 41.79 -21.92 7.35
CA GLY G 235 43.22 -21.92 7.43
C GLY G 235 43.88 -21.19 6.27
N LEU G 236 45.15 -21.51 6.07
CA LEU G 236 45.96 -20.91 5.00
C LEU G 236 45.85 -21.77 3.74
N CYS G 237 45.65 -21.11 2.61
CA CYS G 237 45.53 -21.77 1.32
C CYS G 237 46.86 -21.70 0.58
N LYS G 238 47.32 -22.83 0.07
CA LYS G 238 48.59 -22.91 -0.63
C LYS G 238 48.46 -22.75 -2.14
N ASN G 239 47.25 -22.53 -2.66
CA ASN G 239 47.05 -22.37 -4.10
C ASN G 239 45.89 -21.38 -4.23
N VAL G 240 46.24 -20.10 -4.31
CA VAL G 240 45.26 -19.03 -4.39
C VAL G 240 45.18 -18.47 -5.80
N SER G 241 43.96 -18.07 -6.18
CA SER G 241 43.68 -17.48 -7.47
C SER G 241 42.76 -16.29 -7.24
N THR G 242 42.75 -15.35 -8.20
CA THR G 242 41.90 -14.17 -8.06
C THR G 242 40.99 -14.06 -9.27
N VAL G 243 39.83 -13.45 -9.05
CA VAL G 243 38.83 -13.26 -10.10
C VAL G 243 37.93 -12.10 -9.71
N GLN G 244 37.42 -11.39 -10.71
CA GLN G 244 36.54 -10.25 -10.46
C GLN G 244 35.13 -10.70 -10.07
N CYS G 245 34.66 -11.81 -10.63
CA CYS G 245 33.33 -12.31 -10.34
C CYS G 245 33.38 -13.80 -10.01
N THR G 246 32.51 -14.23 -9.11
CA THR G 246 32.45 -15.62 -8.71
C THR G 246 31.82 -16.46 -9.83
N HIS G 247 31.87 -17.77 -9.66
CA HIS G 247 31.32 -18.67 -10.67
C HIS G 247 29.80 -18.73 -10.56
N GLY G 248 29.21 -19.68 -11.26
CA GLY G 248 27.77 -19.85 -11.26
C GLY G 248 27.22 -20.27 -9.91
N ILE G 249 26.62 -19.33 -9.20
CA ILE G 249 26.05 -19.61 -7.88
C ILE G 249 24.54 -19.71 -8.03
N LYS G 250 24.02 -20.93 -7.93
CA LYS G 250 22.59 -21.16 -8.05
C LYS G 250 21.98 -20.99 -6.66
N PRO G 251 21.12 -20.00 -6.44
CA PRO G 251 20.54 -19.80 -5.10
C PRO G 251 19.39 -20.76 -4.81
N VAL G 252 19.63 -22.05 -4.94
CA VAL G 252 18.62 -23.07 -4.68
C VAL G 252 18.46 -23.17 -3.17
N VAL G 253 17.24 -23.43 -2.71
CA VAL G 253 16.97 -23.55 -1.28
C VAL G 253 16.87 -25.03 -0.94
N SER G 254 17.69 -25.47 0.01
CA SER G 254 17.68 -26.87 0.41
C SER G 254 17.97 -26.99 1.90
N THR G 255 17.46 -28.07 2.49
CA THR G 255 17.64 -28.34 3.91
C THR G 255 18.12 -29.77 4.08
N GLN G 256 19.14 -29.94 4.94
CA GLN G 256 19.79 -31.19 5.31
C GLN G 256 20.56 -31.86 4.17
N LEU G 257 20.45 -31.34 2.96
CA LEU G 257 21.13 -31.87 1.78
C LEU G 257 21.48 -30.70 0.88
N LEU G 258 22.49 -30.87 0.05
CA LEU G 258 22.89 -29.83 -0.89
C LEU G 258 22.56 -30.31 -2.30
N LEU G 259 21.62 -29.64 -2.95
CA LEU G 259 21.18 -29.99 -4.29
C LEU G 259 21.79 -29.05 -5.31
N ASN G 260 22.29 -29.64 -6.42
CA ASN G 260 22.91 -28.92 -7.53
C ASN G 260 24.10 -28.08 -7.08
N GLY G 261 24.82 -28.55 -6.06
CA GLY G 261 25.97 -27.82 -5.55
C GLY G 261 27.25 -28.14 -6.30
N SER G 262 28.34 -27.59 -5.77
CA SER G 262 29.65 -27.82 -6.39
C SER G 262 30.27 -29.10 -5.85
N LEU G 263 30.66 -29.98 -6.76
CA LEU G 263 31.28 -31.25 -6.40
C LEU G 263 32.70 -31.04 -5.89
N ALA G 264 33.16 -31.99 -5.08
CA ALA G 264 34.49 -31.91 -4.52
C ALA G 264 35.53 -32.21 -5.60
N GLU G 265 36.79 -31.89 -5.29
CA GLU G 265 37.88 -32.10 -6.23
C GLU G 265 38.41 -33.53 -6.25
N LYS G 266 38.96 -34.01 -5.12
CA LYS G 266 39.51 -35.35 -5.11
C LYS G 266 39.00 -36.25 -3.99
N ASN G 267 38.68 -35.68 -2.83
CA ASN G 267 38.22 -36.49 -1.72
C ASN G 267 37.08 -35.80 -0.99
N ILE G 268 36.43 -36.57 -0.12
CA ILE G 268 35.32 -36.05 0.68
C ILE G 268 35.89 -35.06 1.69
N THR G 269 35.36 -33.85 1.71
CA THR G 269 35.82 -32.81 2.60
C THR G 269 34.77 -32.46 3.64
N ILE G 270 35.21 -32.38 4.90
CA ILE G 270 34.36 -32.03 6.03
C ILE G 270 34.73 -30.63 6.46
N ARG G 271 33.75 -29.74 6.54
CA ARG G 271 33.98 -28.35 6.90
C ARG G 271 33.25 -27.98 8.18
N SER G 272 33.99 -27.41 9.13
CA SER G 272 33.49 -26.97 10.42
C SER G 272 34.57 -26.16 11.11
N GLU G 273 34.15 -25.12 11.85
CA GLU G 273 35.13 -24.30 12.56
C GLU G 273 35.67 -25.02 13.78
N ASN G 274 34.88 -25.94 14.35
CA ASN G 274 35.28 -26.71 15.52
C ASN G 274 34.55 -28.05 15.39
N ILE G 275 35.25 -29.05 14.86
CA ILE G 275 34.65 -30.37 14.68
C ILE G 275 34.34 -31.02 16.03
N THR G 276 35.14 -30.71 17.04
CA THR G 276 34.90 -31.29 18.37
C THR G 276 33.69 -30.66 19.05
N ASN G 277 33.37 -29.41 18.70
CA ASN G 277 32.23 -28.73 19.32
C ASN G 277 30.94 -29.35 18.81
N ASN G 278 30.07 -29.74 19.74
CA ASN G 278 28.80 -30.36 19.37
C ASN G 278 27.75 -29.34 18.97
N ALA G 279 27.90 -28.08 19.39
CA ALA G 279 26.92 -27.05 19.04
C ALA G 279 27.13 -26.47 17.66
N LYS G 280 28.23 -26.81 16.99
CA LYS G 280 28.51 -26.27 15.66
C LYS G 280 28.02 -27.22 14.58
N ILE G 281 27.53 -26.64 13.48
CA ILE G 281 27.02 -27.42 12.36
C ILE G 281 28.21 -28.01 11.59
N ILE G 282 27.96 -29.10 10.87
CA ILE G 282 28.99 -29.79 10.10
C ILE G 282 28.54 -29.84 8.64
N ILE G 283 29.41 -29.38 7.74
CA ILE G 283 29.14 -29.36 6.31
C ILE G 283 30.11 -30.33 5.64
N VAL G 284 29.57 -31.23 4.83
CA VAL G 284 30.37 -32.24 4.12
C VAL G 284 30.16 -32.06 2.62
N GLN G 285 31.13 -32.50 1.83
CA GLN G 285 31.09 -32.42 0.38
C GLN G 285 31.37 -33.80 -0.19
N LEU G 286 30.77 -34.11 -1.33
CA LEU G 286 30.94 -35.40 -1.98
C LEU G 286 31.63 -35.26 -3.33
N VAL G 287 32.29 -36.33 -3.77
CA VAL G 287 32.99 -36.34 -5.04
C VAL G 287 32.12 -36.91 -6.16
N GLN G 288 31.12 -37.72 -5.83
CA GLN G 288 30.24 -38.32 -6.82
C GLN G 288 28.85 -37.71 -6.71
N PRO G 289 28.30 -37.17 -7.80
CA PRO G 289 26.96 -36.59 -7.72
C PRO G 289 25.87 -37.64 -7.57
N VAL G 290 25.32 -37.75 -6.37
CA VAL G 290 24.27 -38.72 -6.09
C VAL G 290 22.98 -38.21 -6.72
N THR G 291 22.49 -38.92 -7.73
CA THR G 291 21.27 -38.51 -8.40
C THR G 291 20.04 -38.83 -7.56
N ILE G 292 18.96 -38.10 -7.82
CA ILE G 292 17.70 -38.27 -7.11
C ILE G 292 16.58 -37.86 -8.08
N LYS G 293 15.52 -38.67 -8.13
CA LYS G 293 14.39 -38.41 -9.00
C LYS G 293 13.15 -38.16 -8.17
N CYS G 294 12.73 -36.89 -8.09
CA CYS G 294 11.57 -36.49 -7.34
C CYS G 294 10.48 -36.04 -8.30
N ILE G 295 9.33 -36.71 -8.23
CA ILE G 295 8.19 -36.41 -9.11
C ILE G 295 6.96 -36.11 -8.27
N ARG G 296 5.97 -35.52 -8.92
CA ARG G 296 4.69 -35.16 -8.31
C ARG G 296 3.65 -35.88 -9.16
N PRO G 297 3.28 -37.11 -8.78
CA PRO G 297 2.31 -37.87 -9.59
C PRO G 297 0.90 -37.29 -9.65
N ASN G 298 0.53 -36.41 -8.73
CA ASN G 298 -0.81 -35.84 -8.76
C ASN G 298 -0.95 -34.88 -9.94
N ASN G 299 -2.00 -35.05 -10.73
CA ASN G 299 -2.27 -34.22 -11.89
C ASN G 299 -3.37 -33.24 -11.50
N TYR G 300 -2.96 -32.08 -11.01
CA TYR G 300 -3.89 -31.04 -10.59
C TYR G 300 -4.33 -30.18 -11.78
N THR G 301 -5.49 -29.54 -11.62
CA THR G 301 -6.05 -28.67 -12.63
C THR G 301 -6.03 -27.25 -12.06
N ARG G 302 -5.26 -26.37 -12.69
CA ARG G 302 -5.16 -25.00 -12.21
C ARG G 302 -6.43 -24.23 -12.57
N LYS G 303 -7.01 -23.59 -11.57
CA LYS G 303 -8.21 -22.79 -11.74
C LYS G 303 -7.95 -21.40 -11.18
N SER G 304 -8.64 -20.41 -11.75
CA SER G 304 -8.48 -19.02 -11.34
C SER G 304 -9.81 -18.43 -10.92
N ILE G 305 -9.83 -17.80 -9.76
CA ILE G 305 -11.01 -17.14 -9.21
C ILE G 305 -10.62 -15.71 -8.88
N ARG G 306 -11.55 -14.78 -9.11
CA ARG G 306 -11.29 -13.36 -8.86
C ARG G 306 -11.79 -13.01 -7.46
N ILE G 307 -10.84 -12.76 -6.55
CA ILE G 307 -11.20 -12.40 -5.18
C ILE G 307 -11.47 -10.91 -5.06
N GLY G 308 -11.16 -10.12 -6.09
CA GLY G 308 -11.37 -8.70 -6.06
C GLY G 308 -11.20 -8.10 -7.43
N PRO G 309 -11.46 -6.79 -7.56
CA PRO G 309 -11.31 -6.12 -8.86
C PRO G 309 -9.85 -6.06 -9.30
N GLY G 310 -9.53 -6.77 -10.37
CA GLY G 310 -8.18 -6.77 -10.90
C GLY G 310 -7.20 -7.69 -10.22
N GLN G 311 -7.68 -8.74 -9.55
CA GLN G 311 -6.80 -9.67 -8.87
C GLN G 311 -7.42 -11.06 -8.92
N ALA G 312 -6.56 -12.07 -9.02
CA ALA G 312 -7.02 -13.46 -9.11
C ALA G 312 -6.24 -14.34 -8.14
N PHE G 313 -6.86 -15.46 -7.79
CA PHE G 313 -6.29 -16.44 -6.87
C PHE G 313 -6.27 -17.79 -7.56
N TYR G 314 -5.13 -18.49 -7.49
CA TYR G 314 -4.97 -19.79 -8.12
C TYR G 314 -4.96 -20.90 -7.09
N ALA G 315 -5.61 -22.01 -7.42
CA ALA G 315 -5.69 -23.17 -6.54
C ALA G 315 -5.97 -24.41 -7.38
N MET G 316 -5.91 -25.57 -6.73
CA MET G 316 -6.16 -26.84 -7.42
C MET G 316 -7.64 -27.11 -7.50
N GLY G 317 -8.13 -27.43 -8.70
CA GLY G 317 -9.53 -27.73 -8.91
C GLY G 317 -9.87 -29.16 -8.54
N ASP G 318 -9.24 -30.11 -9.24
CA ASP G 318 -9.46 -31.53 -8.99
C ASP G 318 -8.20 -32.29 -9.37
N ILE G 319 -8.29 -33.62 -9.30
CA ILE G 319 -7.17 -34.50 -9.62
C ILE G 319 -7.60 -35.48 -10.70
N ILE G 320 -6.79 -35.57 -11.76
CA ILE G 320 -7.07 -36.47 -12.87
C ILE G 320 -6.47 -37.84 -12.54
N GLY G 321 -7.30 -38.87 -12.52
CA GLY G 321 -6.84 -40.21 -12.22
C GLY G 321 -7.18 -40.67 -10.82
N ASP G 322 -6.15 -40.85 -9.99
CA ASP G 322 -6.35 -41.28 -8.62
C ASP G 322 -5.30 -40.63 -7.72
N ILE G 323 -5.42 -40.89 -6.42
CA ILE G 323 -4.50 -40.32 -5.45
C ILE G 323 -3.20 -41.13 -5.44
N ARG G 324 -2.08 -40.44 -5.60
CA ARG G 324 -0.77 -41.09 -5.61
C ARG G 324 0.16 -40.29 -4.71
N GLN G 325 0.81 -40.96 -3.78
CA GLN G 325 1.71 -40.29 -2.85
C GLN G 325 3.01 -39.89 -3.55
N ALA G 326 3.42 -38.64 -3.34
CA ALA G 326 4.65 -38.15 -3.93
C ALA G 326 5.85 -38.75 -3.20
N HIS G 327 6.86 -39.14 -3.97
CA HIS G 327 8.05 -39.76 -3.39
C HIS G 327 9.27 -39.41 -4.24
N CYS G 328 10.43 -39.91 -3.80
CA CYS G 328 11.68 -39.70 -4.50
C CYS G 328 12.44 -41.02 -4.55
N ASN G 329 13.32 -41.14 -5.54
CA ASN G 329 14.12 -42.34 -5.75
C ASN G 329 15.60 -42.01 -5.68
N VAL G 330 16.38 -42.97 -5.21
CA VAL G 330 17.83 -42.83 -5.10
C VAL G 330 18.45 -44.22 -5.10
N SER G 331 19.60 -44.35 -5.76
CA SER G 331 20.29 -45.63 -5.82
C SER G 331 20.89 -45.95 -4.46
N ARG G 332 20.48 -47.07 -3.88
CA ARG G 332 20.96 -47.45 -2.55
C ARG G 332 22.45 -47.80 -2.56
N SER G 333 22.93 -48.41 -3.65
CA SER G 333 24.33 -48.80 -3.73
C SER G 333 25.26 -47.59 -3.68
N ARG G 334 25.03 -46.61 -4.55
CA ARG G 334 25.87 -45.42 -4.58
C ARG G 334 25.70 -44.60 -3.31
N TRP G 335 24.46 -44.51 -2.80
CA TRP G 335 24.21 -43.73 -1.59
C TRP G 335 24.92 -44.31 -0.39
N ASN G 336 24.79 -45.62 -0.14
CA ASN G 336 25.51 -46.09 1.04
C ASN G 336 27.00 -46.27 0.76
N LYS G 337 27.43 -46.28 -0.50
CA LYS G 337 28.86 -46.31 -0.76
C LYS G 337 29.46 -44.96 -0.37
N THR G 338 28.77 -43.87 -0.73
CA THR G 338 29.21 -42.54 -0.33
C THR G 338 29.10 -42.39 1.18
N LEU G 339 28.11 -43.05 1.80
CA LEU G 339 27.99 -43.00 3.25
C LEU G 339 29.19 -43.69 3.89
N GLN G 340 29.66 -44.78 3.29
CA GLN G 340 30.83 -45.48 3.80
C GLN G 340 32.06 -44.59 3.68
N GLU G 341 32.17 -43.86 2.57
CA GLU G 341 33.30 -42.94 2.39
C GLU G 341 33.24 -41.81 3.42
N VAL G 342 32.04 -41.30 3.70
CA VAL G 342 31.89 -40.24 4.70
C VAL G 342 32.24 -40.77 6.08
N ALA G 343 31.85 -42.02 6.38
CA ALA G 343 32.16 -42.62 7.67
C ALA G 343 33.66 -42.81 7.85
N GLU G 344 34.35 -43.32 6.81
CA GLU G 344 35.78 -43.50 6.94
C GLU G 344 36.51 -42.16 6.97
N LYS G 345 35.92 -41.12 6.37
CA LYS G 345 36.54 -39.80 6.43
C LYS G 345 36.37 -39.21 7.84
N LEU G 346 35.21 -39.43 8.44
CA LEU G 346 34.94 -38.96 9.79
C LEU G 346 35.76 -39.74 10.82
N ARG G 347 36.18 -40.96 10.45
CA ARG G 347 37.00 -41.78 11.34
C ARG G 347 38.35 -41.15 11.61
N THR G 348 38.82 -40.27 10.73
CA THR G 348 40.12 -39.62 10.94
C THR G 348 40.07 -38.58 12.04
N TYR G 349 38.89 -38.04 12.34
CA TYR G 349 38.74 -37.02 13.36
C TYR G 349 38.28 -37.56 14.71
N PHE G 350 37.49 -38.63 14.73
CA PHE G 350 37.00 -39.21 15.97
C PHE G 350 37.73 -40.48 16.36
N GLY G 351 38.85 -40.78 15.74
CA GLY G 351 39.60 -41.98 16.08
C GLY G 351 38.90 -43.24 15.57
N ASN G 352 39.24 -44.36 16.18
CA ASN G 352 38.69 -45.67 15.82
C ASN G 352 37.20 -45.83 16.18
N LYS G 353 36.48 -44.81 16.62
CA LYS G 353 35.06 -44.96 16.95
C LYS G 353 34.23 -45.22 15.69
N THR G 354 33.11 -45.89 15.88
CA THR G 354 32.20 -46.23 14.78
C THR G 354 31.19 -45.10 14.59
N ILE G 355 30.89 -44.80 13.33
CA ILE G 355 29.95 -43.74 12.98
C ILE G 355 28.57 -44.33 12.75
N ILE G 356 27.58 -43.78 13.45
CA ILE G 356 26.19 -44.22 13.35
C ILE G 356 25.33 -43.02 12.97
N PHE G 357 24.44 -43.21 12.01
CA PHE G 357 23.54 -42.16 11.55
C PHE G 357 22.12 -42.47 12.02
N ALA G 358 21.42 -41.44 12.50
CA ALA G 358 20.06 -41.56 12.97
C ALA G 358 19.18 -40.57 12.23
N ASN G 359 17.87 -40.69 12.42
CA ASN G 359 16.95 -39.79 11.74
C ASN G 359 16.87 -38.44 12.45
N SER G 360 15.88 -37.63 12.05
CA SER G 360 15.69 -36.32 12.64
C SER G 360 15.23 -36.43 14.09
N SER G 361 15.65 -35.45 14.90
CA SER G 361 15.29 -35.44 16.31
C SER G 361 13.79 -35.20 16.50
N GLY G 362 13.24 -34.25 15.76
CA GLY G 362 11.82 -33.94 15.88
C GLY G 362 11.57 -32.47 16.15
N GLY G 363 10.38 -31.99 15.78
CA GLY G 363 10.01 -30.60 16.00
C GLY G 363 9.38 -30.00 14.74
N ASP G 364 9.95 -28.89 14.28
CA ASP G 364 9.44 -28.22 13.09
C ASP G 364 9.71 -29.05 11.84
N LEU G 365 8.73 -29.06 10.94
CA LEU G 365 8.83 -29.82 9.69
C LEU G 365 9.90 -29.26 8.76
N GLU G 366 10.18 -27.96 8.83
CA GLU G 366 11.18 -27.34 7.96
C GLU G 366 12.60 -27.81 8.27
N ILE G 367 12.90 -28.08 9.55
CA ILE G 367 14.23 -28.52 9.92
C ILE G 367 14.39 -30.03 10.05
N THR G 368 13.30 -30.77 10.21
CA THR G 368 13.37 -32.23 10.34
C THR G 368 13.26 -32.96 9.01
N THR G 369 12.85 -32.29 7.94
CA THR G 369 12.72 -32.93 6.64
C THR G 369 13.50 -32.14 5.60
N HIS G 370 13.93 -32.86 4.56
CA HIS G 370 14.69 -32.25 3.47
C HIS G 370 13.70 -31.54 2.54
N SER G 371 13.83 -30.21 2.44
CA SER G 371 12.94 -29.42 1.62
C SER G 371 13.69 -28.73 0.48
N PHE G 372 12.97 -28.51 -0.62
CA PHE G 372 13.51 -27.85 -1.80
C PHE G 372 12.35 -27.40 -2.67
N ASN G 373 12.62 -26.41 -3.53
CA ASN G 373 11.64 -25.86 -4.44
C ASN G 373 11.85 -26.53 -5.81
N CYS G 374 10.88 -27.33 -6.23
CA CYS G 374 10.94 -28.05 -7.49
C CYS G 374 9.92 -27.46 -8.46
N GLY G 375 10.40 -26.67 -9.42
CA GLY G 375 9.57 -26.04 -10.44
C GLY G 375 8.38 -25.25 -9.95
N GLY G 376 8.52 -24.61 -8.79
CA GLY G 376 7.44 -23.84 -8.20
C GLY G 376 6.68 -24.54 -7.11
N GLU G 377 6.96 -25.82 -6.86
CA GLU G 377 6.30 -26.60 -5.83
C GLU G 377 7.30 -26.92 -4.74
N PHE G 378 6.94 -26.62 -3.49
CA PHE G 378 7.83 -26.88 -2.37
C PHE G 378 7.61 -28.29 -1.85
N PHE G 379 8.69 -29.06 -1.77
CA PHE G 379 8.67 -30.44 -1.32
C PHE G 379 9.19 -30.54 0.11
N TYR G 380 8.81 -31.63 0.78
CA TYR G 380 9.24 -31.93 2.14
C TYR G 380 9.29 -33.44 2.26
N CYS G 381 10.48 -34.01 2.05
CA CYS G 381 10.69 -35.45 2.08
C CYS G 381 11.30 -35.91 3.39
N ASN G 382 10.81 -37.05 3.88
CA ASN G 382 11.27 -37.66 5.11
C ASN G 382 12.57 -38.42 4.82
N THR G 383 13.64 -38.06 5.53
CA THR G 383 14.95 -38.68 5.32
C THR G 383 15.26 -39.77 6.33
N SER G 384 14.26 -40.56 6.74
CA SER G 384 14.54 -41.62 7.70
C SER G 384 15.11 -42.86 7.04
N GLY G 385 15.08 -42.95 5.70
CA GLY G 385 15.60 -44.10 5.01
C GLY G 385 17.03 -43.92 4.51
N LEU G 386 17.53 -42.68 4.59
CA LEU G 386 18.88 -42.38 4.14
C LEU G 386 19.89 -42.29 5.29
N PHE G 387 19.43 -41.97 6.50
CA PHE G 387 20.31 -41.86 7.66
C PHE G 387 19.98 -42.96 8.66
N ASN G 388 19.79 -44.18 8.17
CA ASN G 388 19.46 -45.34 9.00
C ASN G 388 20.43 -46.47 8.67
N SER G 389 21.60 -46.43 9.30
CA SER G 389 22.66 -47.42 9.11
C SER G 389 23.76 -47.14 10.13
N THR G 390 24.67 -48.10 10.25
CA THR G 390 25.82 -48.02 11.13
C THR G 390 27.04 -48.50 10.36
N TRP G 391 28.21 -47.96 10.68
CA TRP G 391 29.43 -48.33 9.99
C TRP G 391 30.55 -48.56 10.99
N TYR G 392 31.21 -49.71 10.88
CA TYR G 392 32.32 -50.07 11.75
C TYR G 392 33.64 -49.81 11.06
N VAL G 393 34.74 -50.14 11.76
CA VAL G 393 36.06 -49.95 11.18
C VAL G 393 36.32 -50.95 10.07
N ASN G 394 35.95 -52.21 10.28
CA ASN G 394 36.13 -53.26 9.29
C ASN G 394 34.92 -53.43 8.38
N SER G 395 33.90 -52.59 8.51
CA SER G 395 32.72 -52.69 7.67
C SER G 395 33.02 -52.25 6.24
N THR G 396 32.33 -52.90 5.30
CA THR G 396 32.49 -52.62 3.88
C THR G 396 31.10 -52.74 3.24
N TRP G 397 30.76 -51.79 2.37
CA TRP G 397 29.46 -51.79 1.73
C TRP G 397 29.30 -52.99 0.80
N ASN G 398 30.40 -53.50 0.25
CA ASN G 398 30.45 -54.64 -0.67
C ASN G 398 29.56 -54.46 -1.90
N SER G 406 21.43 -53.96 -10.96
CA SER G 406 20.44 -53.99 -9.89
C SER G 406 19.96 -52.57 -9.55
N ASN G 407 18.65 -52.40 -9.45
CA ASN G 407 18.12 -51.07 -9.13
C ASN G 407 18.17 -50.79 -7.63
N ASP G 408 17.36 -51.50 -6.86
CA ASP G 408 17.25 -51.41 -5.40
C ASP G 408 17.09 -49.96 -4.92
N THR G 409 16.20 -49.20 -5.54
CA THR G 409 16.00 -47.81 -5.16
C THR G 409 15.32 -47.69 -3.79
N ILE G 410 15.51 -46.54 -3.16
CA ILE G 410 14.94 -46.24 -1.86
C ILE G 410 13.78 -45.28 -2.04
N THR G 411 12.63 -45.63 -1.48
CA THR G 411 11.43 -44.82 -1.56
C THR G 411 11.36 -43.88 -0.36
N LEU G 412 11.43 -42.58 -0.62
CA LEU G 412 11.38 -41.55 0.42
C LEU G 412 10.04 -40.84 0.35
N PRO G 413 9.17 -40.99 1.35
CA PRO G 413 7.88 -40.29 1.31
C PRO G 413 8.08 -38.78 1.43
N CYS G 414 7.27 -38.02 0.72
CA CYS G 414 7.38 -36.57 0.73
C CYS G 414 6.04 -35.90 0.98
N ARG G 415 6.11 -34.68 1.50
CA ARG G 415 4.95 -33.85 1.80
C ARG G 415 5.04 -32.57 0.98
N ILE G 416 3.88 -31.99 0.67
CA ILE G 416 3.81 -30.78 -0.13
C ILE G 416 3.07 -29.70 0.65
N LYS G 417 3.69 -28.53 0.77
CA LYS G 417 3.10 -27.40 1.46
C LYS G 417 3.10 -26.18 0.55
N GLN G 418 1.94 -25.51 0.47
CA GLN G 418 1.81 -24.31 -0.34
C GLN G 418 2.10 -23.04 0.44
N ILE G 419 1.73 -23.02 1.72
CA ILE G 419 1.98 -21.87 2.60
C ILE G 419 3.34 -22.10 3.23
N ILE G 420 4.35 -21.35 2.81
CA ILE G 420 5.71 -21.49 3.32
C ILE G 420 6.22 -20.13 3.79
N ASN G 421 7.23 -20.17 4.67
CA ASN G 421 7.86 -18.97 5.20
C ASN G 421 9.28 -18.81 4.69
N MET G 422 10.00 -19.93 4.53
CA MET G 422 11.36 -20.13 4.02
C MET G 422 12.45 -19.28 4.68
N TRP G 423 12.14 -18.61 5.77
CA TRP G 423 13.11 -17.79 6.50
C TRP G 423 12.93 -17.87 8.01
N GLN G 424 12.01 -18.72 8.48
CA GLN G 424 11.70 -18.91 9.90
C GLN G 424 11.26 -17.60 10.57
N ARG G 425 10.63 -16.72 9.79
CA ARG G 425 10.17 -15.43 10.29
C ARG G 425 8.76 -15.57 10.87
N ALA G 426 8.42 -14.66 11.77
CA ALA G 426 7.10 -14.64 12.40
C ALA G 426 6.18 -13.83 11.50
N GLY G 427 5.91 -14.37 10.33
CA GLY G 427 5.06 -13.72 9.35
C GLY G 427 5.70 -13.63 7.98
N GLN G 428 5.07 -12.82 7.13
CA GLN G 428 5.49 -12.59 5.74
C GLN G 428 5.60 -13.89 4.95
N CYS G 429 4.58 -14.72 5.05
CA CYS G 429 4.53 -16.01 4.38
C CYS G 429 4.29 -15.83 2.88
N MET G 430 4.40 -16.93 2.14
CA MET G 430 4.22 -16.95 0.70
C MET G 430 3.37 -18.16 0.34
N TYR G 431 2.39 -17.97 -0.53
CA TYR G 431 1.50 -19.05 -0.98
C TYR G 431 1.97 -19.47 -2.37
N ALA G 432 2.51 -20.67 -2.46
CA ALA G 432 3.01 -21.17 -3.74
C ALA G 432 1.85 -21.54 -4.66
N PRO G 433 1.78 -20.99 -5.88
CA PRO G 433 0.69 -21.35 -6.78
C PRO G 433 0.86 -22.77 -7.28
N PRO G 434 -0.24 -23.47 -7.56
CA PRO G 434 -0.13 -24.85 -8.05
C PRO G 434 0.31 -24.90 -9.50
N ILE G 435 1.26 -25.79 -9.78
CA ILE G 435 1.77 -25.96 -11.14
C ILE G 435 0.91 -26.99 -11.86
N PRO G 436 0.33 -26.66 -13.01
CA PRO G 436 -0.51 -27.64 -13.72
C PRO G 436 0.30 -28.78 -14.29
N GLY G 437 -0.35 -29.94 -14.38
CA GLY G 437 0.29 -31.13 -14.92
C GLY G 437 1.21 -31.81 -13.92
N VAL G 438 1.86 -32.87 -14.40
CA VAL G 438 2.79 -33.64 -13.59
C VAL G 438 4.20 -33.12 -13.80
N ILE G 439 4.86 -32.76 -12.71
CA ILE G 439 6.21 -32.23 -12.73
C ILE G 439 7.19 -33.29 -12.24
N LYS G 440 8.43 -33.21 -12.72
CA LYS G 440 9.49 -34.13 -12.36
C LYS G 440 10.76 -33.35 -12.12
N CYS G 441 11.54 -33.73 -11.12
CA CYS G 441 12.78 -33.04 -10.78
C CYS G 441 13.91 -34.04 -10.59
N GLU G 442 15.09 -33.66 -11.10
CA GLU G 442 16.30 -34.46 -10.97
C GLU G 442 17.38 -33.53 -10.44
N SER G 443 17.99 -33.92 -9.31
CA SER G 443 19.01 -33.10 -8.68
C SER G 443 20.28 -33.91 -8.41
N ASN G 444 21.39 -33.20 -8.26
CA ASN G 444 22.69 -33.79 -8.00
C ASN G 444 23.05 -33.51 -6.55
N ILE G 445 22.99 -34.53 -5.71
CA ILE G 445 23.32 -34.38 -4.29
C ILE G 445 24.83 -34.32 -4.17
N THR G 446 25.35 -33.17 -3.77
CA THR G 446 26.79 -32.98 -3.62
C THR G 446 27.26 -32.84 -2.18
N GLY G 447 26.37 -32.58 -1.24
CA GLY G 447 26.78 -32.44 0.14
C GLY G 447 25.59 -32.49 1.07
N LEU G 448 25.88 -32.62 2.36
CA LEU G 448 24.83 -32.69 3.37
C LEU G 448 25.26 -31.93 4.62
N LEU G 449 24.31 -31.77 5.53
CA LEU G 449 24.50 -31.09 6.80
C LEU G 449 24.41 -32.12 7.92
N LEU G 450 25.33 -32.05 8.87
CA LEU G 450 25.37 -32.99 9.98
C LEU G 450 25.33 -32.28 11.32
N THR G 451 24.75 -32.97 12.31
CA THR G 451 24.64 -32.47 13.68
C THR G 451 24.89 -33.64 14.61
N ARG G 452 25.97 -33.58 15.37
CA ARG G 452 26.33 -34.64 16.30
C ARG G 452 25.56 -34.49 17.61
N ASP G 453 25.21 -35.62 18.21
CA ASP G 453 24.49 -35.62 19.47
C ASP G 453 25.44 -35.31 20.62
N GLY G 454 24.95 -34.54 21.60
CA GLY G 454 25.75 -34.16 22.74
C GLY G 454 25.99 -35.26 23.76
N GLY G 455 26.77 -36.27 23.38
CA GLY G 455 27.08 -37.37 24.26
C GLY G 455 28.27 -37.07 25.15
N LYS G 456 28.67 -38.09 25.91
CA LYS G 456 29.81 -37.94 26.81
C LYS G 456 31.15 -38.12 26.08
N ASP G 457 31.12 -38.59 24.83
CA ASP G 457 32.24 -38.81 23.92
C ASP G 457 33.17 -39.94 24.34
N ASN G 458 32.96 -40.57 25.50
CA ASN G 458 33.83 -41.66 25.92
C ASN G 458 33.38 -43.00 25.37
N ASN G 459 32.21 -43.07 24.75
CA ASN G 459 31.72 -44.32 24.20
C ASN G 459 32.44 -44.64 22.89
N VAL G 460 32.22 -45.89 22.42
CA VAL G 460 32.84 -46.35 21.18
C VAL G 460 32.05 -45.90 19.96
N ASN G 461 30.86 -45.33 20.15
CA ASN G 461 30.05 -44.89 19.03
C ASN G 461 29.35 -43.57 19.36
N GLU G 462 29.14 -42.77 18.32
CA GLU G 462 28.45 -41.49 18.44
C GLU G 462 27.45 -41.40 17.30
N THR G 463 26.27 -40.84 17.59
CA THR G 463 25.22 -40.73 16.60
C THR G 463 25.22 -39.37 15.92
N PHE G 464 24.86 -39.37 14.64
CA PHE G 464 24.77 -38.16 13.82
C PHE G 464 23.34 -38.01 13.32
N ARG G 465 22.89 -36.76 13.27
CA ARG G 465 21.56 -36.41 12.83
C ARG G 465 21.65 -35.47 11.64
N PRO G 466 20.61 -35.44 10.78
CA PRO G 466 20.65 -34.52 9.63
C PRO G 466 20.54 -33.08 10.10
N GLY G 467 21.64 -32.33 9.98
CA GLY G 467 21.64 -30.96 10.43
C GLY G 467 20.78 -30.04 9.58
N GLY G 468 20.30 -28.97 10.23
CA GLY G 468 19.47 -27.98 9.60
C GLY G 468 20.04 -26.58 9.79
N GLY G 469 19.32 -25.60 9.26
CA GLY G 469 19.75 -24.23 9.38
C GLY G 469 18.87 -23.29 8.59
N ASP G 470 19.26 -22.02 8.60
CA ASP G 470 18.54 -20.96 7.89
C ASP G 470 19.12 -20.71 6.51
N MET G 471 19.71 -21.72 5.88
CA MET G 471 20.34 -21.74 4.57
C MET G 471 21.62 -20.89 4.52
N ARG G 472 22.01 -20.27 5.64
CA ARG G 472 23.24 -19.50 5.67
C ARG G 472 24.43 -20.44 5.48
N ASP G 473 24.37 -21.62 6.10
CA ASP G 473 25.43 -22.60 5.91
C ASP G 473 25.38 -23.16 4.49
N ASN G 474 24.20 -23.14 3.86
CA ASN G 474 24.08 -23.58 2.48
C ASN G 474 24.85 -22.63 1.56
N TRP G 475 24.71 -21.33 1.81
CA TRP G 475 25.47 -20.35 1.02
C TRP G 475 26.95 -20.45 1.36
N ARG G 476 27.24 -20.81 2.62
CA ARG G 476 28.63 -20.96 3.05
C ARG G 476 29.29 -22.13 2.34
N SER G 477 28.51 -23.16 2.02
CA SER G 477 29.03 -24.33 1.32
C SER G 477 29.44 -24.01 -0.11
N GLU G 478 29.00 -22.87 -0.65
CA GLU G 478 29.35 -22.44 -1.99
C GLU G 478 30.30 -21.26 -2.00
N LEU G 479 30.33 -20.48 -0.93
CA LEU G 479 31.22 -19.32 -0.83
C LEU G 479 32.44 -19.56 0.04
N TYR G 480 32.72 -20.82 0.39
CA TYR G 480 33.88 -21.13 1.24
C TYR G 480 35.18 -20.84 0.51
N LYS G 481 35.20 -21.07 -0.80
CA LYS G 481 36.38 -20.87 -1.65
C LYS G 481 36.63 -19.41 -1.97
N TYR G 482 35.69 -18.52 -1.66
CA TYR G 482 35.82 -17.11 -1.96
C TYR G 482 35.88 -16.24 -0.71
N LYS G 483 36.66 -15.18 -0.80
CA LYS G 483 36.82 -14.20 0.27
C LYS G 483 36.85 -12.83 -0.39
N VAL G 484 36.36 -11.82 0.31
CA VAL G 484 36.29 -10.45 -0.21
C VAL G 484 37.43 -9.63 0.39
N VAL G 485 38.17 -8.93 -0.47
CA VAL G 485 39.30 -8.09 -0.08
C VAL G 485 39.15 -6.72 -0.71
N GLU G 486 39.90 -5.76 -0.17
CA GLU G 486 39.90 -4.38 -0.66
C GLU G 486 41.32 -4.02 -1.06
N ILE G 487 41.50 -3.69 -2.34
CA ILE G 487 42.82 -3.32 -2.85
C ILE G 487 43.13 -1.88 -2.49
N GLU G 488 44.32 -1.67 -1.93
CA GLU G 488 44.80 -0.34 -1.54
C GLU G 488 45.92 0.01 -2.51
N PRO G 489 45.64 0.79 -3.55
CA PRO G 489 46.69 1.13 -4.53
C PRO G 489 47.74 2.11 -4.01
N LEU G 490 47.66 2.56 -2.76
CA LEU G 490 48.61 3.50 -2.19
C LEU G 490 49.68 2.73 -1.42
N GLY G 491 50.83 2.53 -2.05
CA GLY G 491 51.93 1.82 -1.44
C GLY G 491 53.04 2.77 -1.01
N VAL G 492 53.67 2.43 0.11
CA VAL G 492 54.76 3.24 0.67
C VAL G 492 56.02 2.38 0.74
N ALA G 493 57.09 2.87 0.12
CA ALA G 493 58.36 2.16 0.11
C ALA G 493 59.48 3.14 -0.23
N PRO G 494 60.61 3.08 0.46
CA PRO G 494 61.71 4.00 0.18
C PRO G 494 62.72 3.43 -0.82
N THR G 495 63.51 4.33 -1.38
CA THR G 495 64.55 3.99 -2.35
C THR G 495 65.54 5.14 -2.42
N ARG G 496 66.68 4.89 -3.07
CA ARG G 496 67.73 5.89 -3.20
C ARG G 496 67.44 6.73 -4.46
N CYS G 497 66.54 7.70 -4.28
CA CYS G 497 66.16 8.58 -5.37
C CYS G 497 67.00 9.86 -5.32
N LYS G 498 66.56 10.88 -6.08
CA LYS G 498 67.22 12.18 -6.19
C LYS G 498 68.65 12.05 -6.69
N ARG G 499 68.80 11.34 -7.80
CA ARG G 499 70.11 11.15 -8.40
C ARG G 499 70.15 11.75 -9.80
N ARG H 8 52.68 -12.47 -20.13
CA ARG H 8 52.50 -11.48 -19.09
C ARG H 8 51.32 -11.83 -18.20
N ARG H 9 51.43 -11.51 -16.91
CA ARG H 9 50.36 -11.79 -15.97
C ARG H 9 49.19 -10.84 -16.18
N GLY H 10 48.03 -11.23 -15.68
CA GLY H 10 46.83 -10.43 -15.80
C GLY H 10 46.64 -9.48 -14.64
N PHE H 11 45.38 -9.27 -14.24
CA PHE H 11 45.07 -8.38 -13.13
C PHE H 11 45.44 -9.05 -11.82
N LEU H 12 46.25 -8.36 -11.01
CA LEU H 12 46.72 -8.83 -9.70
C LEU H 12 47.44 -10.18 -9.82
N GLY H 13 48.32 -10.30 -10.82
CA GLY H 13 49.03 -11.55 -11.03
C GLY H 13 50.46 -11.58 -10.50
N ALA H 14 50.99 -10.43 -10.08
CA ALA H 14 52.36 -10.35 -9.57
C ALA H 14 52.41 -10.01 -8.08
N ALA H 15 51.47 -10.53 -7.29
CA ALA H 15 51.47 -10.23 -5.86
C ALA H 15 52.54 -11.01 -5.11
N GLY H 16 52.79 -12.26 -5.53
CA GLY H 16 53.79 -13.06 -4.84
C GLY H 16 55.22 -12.71 -5.19
N SER H 17 55.42 -11.98 -6.29
CA SER H 17 56.76 -11.59 -6.69
C SER H 17 57.31 -10.53 -5.74
N THR H 18 58.63 -10.35 -5.81
CA THR H 18 59.29 -9.37 -4.95
C THR H 18 58.90 -7.95 -5.35
N MET H 19 59.13 -7.01 -4.44
CA MET H 19 58.81 -5.61 -4.68
C MET H 19 59.59 -5.02 -5.84
N GLY H 20 60.79 -5.56 -6.10
CA GLY H 20 61.57 -5.05 -7.22
C GLY H 20 61.01 -5.45 -8.57
N ALA H 21 60.25 -6.55 -8.60
CA ALA H 21 59.66 -7.03 -9.84
C ALA H 21 58.16 -6.82 -9.92
N ALA H 22 57.47 -6.61 -8.79
CA ALA H 22 56.02 -6.41 -8.82
C ALA H 22 55.64 -5.00 -9.26
N SER H 23 56.60 -4.08 -9.32
CA SER H 23 56.36 -2.70 -9.73
C SER H 23 56.40 -2.51 -11.24
N ILE H 24 56.24 -3.59 -12.00
CA ILE H 24 56.26 -3.50 -13.46
C ILE H 24 54.86 -3.49 -14.06
N THR H 25 53.98 -4.38 -13.59
CA THR H 25 52.61 -4.50 -14.08
C THR H 25 51.60 -3.65 -13.31
N LEU H 26 52.06 -2.54 -12.70
CA LEU H 26 51.18 -1.66 -11.93
C LEU H 26 50.06 -1.06 -12.78
N THR H 27 50.24 -0.98 -14.10
CA THR H 27 49.22 -0.41 -14.97
C THR H 27 47.96 -1.26 -15.02
N VAL H 28 48.08 -2.58 -14.83
CA VAL H 28 46.87 -3.42 -14.88
C VAL H 28 46.03 -3.20 -13.63
N GLN H 29 46.66 -2.88 -12.49
CA GLN H 29 45.88 -2.60 -11.29
C GLN H 29 45.36 -1.18 -11.31
N ALA H 30 46.10 -0.26 -11.93
CA ALA H 30 45.65 1.12 -12.01
C ALA H 30 44.48 1.27 -12.97
N ARG H 31 44.47 0.49 -14.05
CA ARG H 31 43.39 0.57 -15.02
C ARG H 31 42.10 -0.05 -14.50
N GLN H 32 42.19 -1.14 -13.74
CA GLN H 32 41.01 -1.81 -13.20
C GLN H 32 40.42 -1.14 -11.97
N LEU H 33 40.79 0.11 -11.67
CA LEU H 33 40.24 0.79 -10.51
C LEU H 33 38.86 1.37 -10.76
N LEU H 34 38.38 1.37 -12.01
CA LEU H 34 37.07 1.90 -12.35
C LEU H 34 36.27 0.98 -13.26
N SER H 35 36.80 -0.17 -13.63
CA SER H 35 36.10 -1.10 -14.50
C SER H 35 36.52 -2.54 -14.24
N GLN H 52 21.30 -2.92 -20.67
CA GLN H 52 20.26 -2.30 -19.86
C GLN H 52 20.70 -0.94 -19.34
N HIS H 53 20.22 0.11 -20.00
CA HIS H 53 20.56 1.48 -19.61
C HIS H 53 19.61 2.04 -18.57
N LEU H 54 18.32 1.71 -18.63
CA LEU H 54 17.36 2.20 -17.66
C LEU H 54 17.54 1.46 -16.33
N LEU H 55 17.52 2.22 -15.24
CA LEU H 55 17.68 1.65 -13.90
C LEU H 55 16.32 1.46 -13.27
N LYS H 56 16.10 0.29 -12.66
CA LYS H 56 14.84 -0.02 -12.01
C LYS H 56 14.84 0.38 -10.54
N LEU H 57 16.03 0.60 -9.98
CA LEU H 57 16.25 0.98 -8.58
C LEU H 57 15.67 -0.07 -7.62
N GLY H 58 15.84 -1.34 -7.97
CA GLY H 58 15.36 -2.43 -7.15
C GLY H 58 16.44 -2.86 -6.19
N VAL H 59 16.37 -4.13 -5.77
CA VAL H 59 17.37 -4.66 -4.86
C VAL H 59 18.74 -4.66 -5.52
N TRP H 60 18.81 -5.11 -6.77
CA TRP H 60 20.08 -5.12 -7.49
C TRP H 60 20.43 -3.73 -8.00
N GLY H 61 19.42 -2.91 -8.32
CA GLY H 61 19.69 -1.57 -8.82
C GLY H 61 20.30 -0.67 -7.75
N ILE H 62 19.76 -0.72 -6.53
CA ILE H 62 20.28 0.09 -5.43
C ILE H 62 21.70 -0.34 -5.09
N LYS H 63 21.95 -1.65 -5.07
CA LYS H 63 23.29 -2.14 -4.79
C LYS H 63 24.26 -1.76 -5.90
N GLN H 64 23.80 -1.76 -7.15
CA GLN H 64 24.66 -1.35 -8.26
C GLN H 64 25.03 0.12 -8.14
N LEU H 65 24.04 0.97 -7.83
CA LEU H 65 24.30 2.40 -7.68
C LEU H 65 25.25 2.65 -6.52
N GLN H 66 25.04 1.94 -5.41
CA GLN H 66 25.89 2.09 -4.23
C GLN H 66 27.31 1.63 -4.54
N ALA H 67 27.46 0.54 -5.30
CA ALA H 67 28.78 0.04 -5.65
C ALA H 67 29.50 1.02 -6.56
N ARG H 68 28.78 1.61 -7.52
CA ARG H 68 29.39 2.57 -8.43
C ARG H 68 29.82 3.83 -7.68
N VAL H 69 28.96 4.33 -6.78
CA VAL H 69 29.29 5.51 -6.00
C VAL H 69 30.47 5.23 -5.07
N LEU H 70 30.50 4.04 -4.46
CA LEU H 70 31.59 3.67 -3.58
C LEU H 70 32.90 3.55 -4.35
N ALA H 71 32.84 3.01 -5.57
CA ALA H 71 34.04 2.90 -6.39
C ALA H 71 34.57 4.28 -6.78
N VAL H 72 33.65 5.18 -7.13
CA VAL H 72 34.02 6.55 -7.49
C VAL H 72 34.65 7.25 -6.28
N GLU H 73 34.04 7.08 -5.10
CA GLU H 73 34.57 7.68 -3.88
C GLU H 73 35.94 7.11 -3.52
N ARG H 74 36.12 5.80 -3.71
CA ARG H 74 37.40 5.16 -3.41
C ARG H 74 38.49 5.68 -4.32
N TYR H 75 38.19 5.77 -5.63
CA TYR H 75 39.17 6.26 -6.59
C TYR H 75 39.52 7.72 -6.32
N LEU H 76 38.51 8.55 -6.05
CA LEU H 76 38.78 9.96 -5.79
C LEU H 76 39.50 10.16 -4.46
N ARG H 77 39.18 9.33 -3.46
CA ARG H 77 39.85 9.42 -2.17
C ARG H 77 41.31 9.03 -2.28
N ASP H 78 41.63 8.04 -3.10
CA ASP H 78 43.02 7.65 -3.24
C ASP H 78 43.73 8.50 -4.30
N GLN H 79 42.97 9.29 -5.06
CA GLN H 79 43.57 10.13 -6.09
C GLN H 79 43.84 11.54 -5.57
N GLN H 80 43.04 12.00 -4.59
CA GLN H 80 43.24 13.34 -4.04
C GLN H 80 44.57 13.40 -3.29
N LEU H 81 45.01 12.27 -2.74
CA LEU H 81 46.30 12.25 -2.05
C LEU H 81 47.42 12.52 -3.04
N LEU H 82 47.40 11.82 -4.18
CA LEU H 82 48.41 12.05 -5.21
C LEU H 82 48.29 13.46 -5.79
N GLY H 83 47.07 14.01 -5.81
CA GLY H 83 46.89 15.36 -6.31
C GLY H 83 47.52 16.40 -5.41
N ILE H 84 47.35 16.24 -4.09
CA ILE H 84 47.94 17.20 -3.16
C ILE H 84 49.41 16.92 -2.88
N TRP H 85 49.92 15.74 -3.23
CA TRP H 85 51.33 15.44 -3.02
C TRP H 85 52.20 15.86 -4.19
N GLY H 86 51.62 16.46 -5.22
CA GLY H 86 52.39 16.90 -6.37
C GLY H 86 52.78 15.77 -7.30
N CYS H 87 52.08 14.63 -7.23
CA CYS H 87 52.40 13.50 -8.08
C CYS H 87 51.16 12.94 -8.78
N SER H 88 50.19 13.78 -9.11
CA SER H 88 48.98 13.31 -9.78
C SER H 88 49.32 12.91 -11.22
N GLY H 89 48.79 11.77 -11.65
CA GLY H 89 49.05 11.29 -12.99
C GLY H 89 50.38 10.59 -13.15
N LYS H 90 51.08 10.30 -12.07
CA LYS H 90 52.37 9.62 -12.10
C LYS H 90 52.29 8.37 -11.24
N LEU H 91 52.72 7.23 -11.79
CA LEU H 91 52.68 5.99 -11.05
C LEU H 91 53.74 5.92 -9.95
N ILE H 92 54.92 6.48 -10.20
CA ILE H 92 56.01 6.48 -9.23
C ILE H 92 56.68 7.84 -9.23
N CYS H 93 56.90 8.40 -8.04
CA CYS H 93 57.55 9.70 -7.91
C CYS H 93 58.33 9.72 -6.60
N CYS H 94 59.27 10.65 -6.52
CA CYS H 94 60.12 10.83 -5.34
C CYS H 94 59.87 12.20 -4.76
N THR H 95 59.79 12.27 -3.44
CA THR H 95 59.53 13.50 -2.70
C THR H 95 60.75 13.92 -1.90
N ASN H 96 60.58 14.99 -1.11
CA ASN H 96 61.63 15.54 -0.27
C ASN H 96 61.66 14.96 1.14
N VAL H 97 60.71 14.11 1.50
CA VAL H 97 60.66 13.53 2.85
C VAL H 97 61.65 12.37 2.94
N PRO H 98 62.63 12.42 3.84
CA PRO H 98 63.57 11.31 3.97
C PRO H 98 62.99 10.17 4.79
N TRP H 99 63.52 8.97 4.53
CA TRP H 99 63.06 7.79 5.25
C TRP H 99 63.57 7.79 6.68
N ASN H 100 62.75 7.29 7.59
CA ASN H 100 63.08 7.21 9.01
C ASN H 100 63.33 5.75 9.36
N SER H 101 64.41 5.49 10.09
CA SER H 101 64.74 4.12 10.48
C SER H 101 63.80 3.56 11.54
N SER H 102 63.02 4.41 12.20
CA SER H 102 62.10 3.92 13.22
C SER H 102 60.96 3.12 12.60
N TRP H 103 60.55 3.49 11.38
CA TRP H 103 59.47 2.77 10.71
C TRP H 103 59.93 1.37 10.31
N SER H 104 61.17 1.25 9.82
CA SER H 104 61.72 -0.03 9.41
C SER H 104 63.23 0.04 9.53
N ASN H 105 63.82 -0.94 10.20
CA ASN H 105 65.27 -1.00 10.41
C ASN H 105 65.95 -1.83 9.32
N LYS H 106 65.21 -2.27 8.31
CA LYS H 106 65.78 -3.07 7.23
C LYS H 106 66.71 -2.25 6.36
N SER H 107 67.54 -2.95 5.57
CA SER H 107 68.51 -2.29 4.71
C SER H 107 67.83 -1.65 3.50
N LEU H 108 68.68 -1.14 2.61
CA LEU H 108 68.21 -0.44 1.41
C LEU H 108 67.58 -1.38 0.39
N ASP H 109 68.19 -2.55 0.15
CA ASP H 109 67.66 -3.46 -0.87
C ASP H 109 67.26 -4.85 -0.40
N GLU H 110 67.10 -5.10 0.89
CA GLU H 110 66.70 -6.45 1.29
C GLU H 110 65.20 -6.67 1.06
N ILE H 111 64.44 -5.59 0.93
CA ILE H 111 63.01 -5.71 0.69
C ILE H 111 62.73 -5.74 -0.81
N TRP H 112 63.56 -5.07 -1.60
CA TRP H 112 63.37 -5.03 -3.05
C TRP H 112 63.84 -6.31 -3.74
N ASN H 113 64.53 -7.20 -3.03
CA ASN H 113 65.04 -8.42 -3.63
C ASN H 113 64.52 -9.70 -2.98
N ASN H 114 63.97 -9.64 -1.77
CA ASN H 114 63.50 -10.84 -1.10
C ASN H 114 62.10 -10.77 -0.49
N MET H 115 61.54 -9.59 -0.27
CA MET H 115 60.22 -9.47 0.33
C MET H 115 59.21 -8.94 -0.68
N THR H 116 58.00 -9.48 -0.60
CA THR H 116 56.90 -9.06 -1.47
C THR H 116 56.17 -7.88 -0.83
N TRP H 117 55.13 -7.40 -1.53
CA TRP H 117 54.38 -6.27 -1.02
C TRP H 117 53.41 -6.69 0.08
N LEU H 118 53.11 -7.99 0.18
CA LEU H 118 52.18 -8.46 1.20
C LEU H 118 52.79 -8.40 2.60
N GLN H 119 54.08 -8.73 2.73
CA GLN H 119 54.75 -8.71 4.02
C GLN H 119 55.37 -7.35 4.35
N TRP H 120 55.23 -6.36 3.46
CA TRP H 120 55.80 -5.04 3.69
C TRP H 120 54.76 -4.02 4.13
N ASP H 121 53.49 -4.17 3.71
CA ASP H 121 52.45 -3.22 4.08
C ASP H 121 52.12 -3.27 5.57
N LYS H 122 52.26 -4.44 6.21
CA LYS H 122 51.96 -4.56 7.61
C LYS H 122 53.03 -3.96 8.51
N GLU H 123 54.27 -3.85 8.05
CA GLU H 123 55.34 -3.29 8.84
C GLU H 123 55.28 -1.78 8.96
N ILE H 124 54.73 -1.10 7.95
CA ILE H 124 54.61 0.36 7.92
C ILE H 124 53.15 0.78 8.10
N GLY H 125 52.26 -0.15 8.46
CA GLY H 125 50.86 0.19 8.61
C GLY H 125 50.56 1.13 9.76
N ASN H 126 51.42 1.13 10.78
CA ASN H 126 51.18 2.02 11.93
C ASN H 126 51.72 3.43 11.70
N TYR H 127 52.46 3.65 10.61
CA TYR H 127 53.04 4.96 10.34
C TYR H 127 52.53 5.59 9.05
N THR H 128 51.43 5.09 8.48
CA THR H 128 50.92 5.66 7.24
C THR H 128 50.44 7.09 7.41
N GLN H 129 49.68 7.36 8.48
CA GLN H 129 49.16 8.70 8.73
C GLN H 129 50.28 9.71 8.96
N LEU H 130 51.31 9.32 9.73
CA LEU H 130 52.42 10.23 9.99
C LEU H 130 53.17 10.56 8.71
N ILE H 131 53.41 9.55 7.87
CA ILE H 131 54.09 9.78 6.60
C ILE H 131 53.25 10.67 5.71
N TYR H 132 51.93 10.47 5.69
CA TYR H 132 51.06 11.30 4.87
C TYR H 132 51.09 12.76 5.32
N ARG H 133 51.04 13.00 6.63
CA ARG H 133 51.09 14.38 7.12
C ARG H 133 52.43 15.04 6.82
N LEU H 134 53.53 14.32 7.03
CA LEU H 134 54.85 14.89 6.73
C LEU H 134 54.99 15.16 5.23
N ILE H 135 54.46 14.26 4.40
CA ILE H 135 54.51 14.41 2.95
C ILE H 135 53.73 15.65 2.52
N GLU H 136 52.53 15.83 3.08
CA GLU H 136 51.69 16.97 2.72
C GLU H 136 52.34 18.28 3.15
N GLU H 137 52.87 18.35 4.37
CA GLU H 137 53.50 19.60 4.81
C GLU H 137 54.77 19.90 4.03
N SER H 138 55.56 18.88 3.69
CA SER H 138 56.78 19.11 2.92
C SER H 138 56.46 19.57 1.51
N GLN H 139 55.46 18.95 0.87
CA GLN H 139 55.06 19.35 -0.48
C GLN H 139 54.49 20.76 -0.50
N ASN H 140 53.67 21.09 0.50
CA ASN H 140 53.09 22.44 0.57
C ASN H 140 54.18 23.48 0.81
N GLN H 141 55.17 23.15 1.66
CA GLN H 141 56.26 24.07 1.93
C GLN H 141 57.12 24.27 0.68
N GLN H 142 57.33 23.19 -0.09
CA GLN H 142 58.12 23.29 -1.32
C GLN H 142 57.40 24.14 -2.34
N GLU H 143 56.07 23.98 -2.45
CA GLU H 143 55.32 24.80 -3.41
C GLU H 143 55.27 26.24 -2.96
N LYS H 144 55.25 26.48 -1.65
CA LYS H 144 55.21 27.84 -1.13
C LYS H 144 56.54 28.55 -1.37
N ASN H 145 57.66 27.82 -1.22
CA ASN H 145 58.96 28.42 -1.44
C ASN H 145 59.28 28.59 -2.92
N GLU H 146 58.83 27.65 -3.76
CA GLU H 146 59.08 27.76 -5.19
C GLU H 146 58.23 28.84 -5.83
N LYS H 147 56.91 28.70 -5.75
CA LYS H 147 55.98 29.68 -6.31
C LYS H 147 55.87 30.87 -5.36
N GLU H 148 55.07 31.86 -5.76
CA GLU H 148 54.81 33.09 -5.00
C GLU H 148 56.13 33.82 -4.68
N LEU H 149 56.74 34.33 -5.77
CA LEU H 149 58.01 35.03 -5.66
C LEU H 149 57.93 36.26 -4.75
N LEU H 150 56.84 37.01 -4.84
CA LEU H 150 56.68 38.20 -4.00
C LEU H 150 55.22 38.47 -3.68
N GLU I 1 -45.70 20.81 -8.22
CA GLU I 1 -46.44 20.44 -7.02
C GLU I 1 -46.45 18.92 -6.84
N VAL I 2 -46.91 18.47 -5.68
CA VAL I 2 -47.00 17.05 -5.36
C VAL I 2 -48.46 16.69 -5.22
N GLN I 3 -48.94 15.79 -6.07
CA GLN I 3 -50.32 15.33 -6.06
C GLN I 3 -50.35 13.86 -5.68
N LEU I 4 -51.11 13.54 -4.63
CA LEU I 4 -51.21 12.17 -4.16
C LEU I 4 -52.62 11.92 -3.66
N VAL I 5 -53.20 10.78 -4.09
CA VAL I 5 -54.54 10.39 -3.69
C VAL I 5 -54.50 8.95 -3.20
N GLU I 6 -55.49 8.60 -2.38
CA GLU I 6 -55.61 7.27 -1.81
C GLU I 6 -57.06 6.80 -1.91
N SER I 7 -57.22 5.48 -2.01
CA SER I 7 -58.55 4.88 -2.12
C SER I 7 -58.49 3.47 -1.54
N GLY I 8 -59.61 2.75 -1.69
CA GLY I 8 -59.71 1.39 -1.21
C GLY I 8 -60.26 1.25 0.20
N GLY I 9 -60.38 2.34 0.94
CA GLY I 9 -60.91 2.26 2.30
C GLY I 9 -62.42 2.39 2.34
N GLY I 10 -63.01 1.80 3.38
CA GLY I 10 -64.45 1.84 3.52
C GLY I 10 -64.94 0.77 4.47
N LEU I 11 -66.20 0.38 4.27
CA LEU I 11 -66.80 -0.65 5.10
C LEU I 11 -66.19 -2.01 4.81
N ALA I 12 -66.15 -2.85 5.85
CA ALA I 12 -65.58 -4.18 5.74
C ALA I 12 -66.24 -5.08 6.79
N LYS I 13 -65.70 -6.29 6.90
CA LYS I 13 -66.19 -7.29 7.84
C LYS I 13 -65.30 -7.33 9.07
N PRO I 14 -65.87 -7.40 10.28
CA PRO I 14 -65.05 -7.46 11.49
C PRO I 14 -64.24 -8.74 11.54
N GLY I 15 -62.92 -8.59 11.56
CA GLY I 15 -62.02 -9.72 11.59
C GLY I 15 -61.70 -10.31 10.23
N GLY I 16 -62.21 -9.72 9.15
CA GLY I 16 -61.96 -10.23 7.82
C GLY I 16 -60.68 -9.67 7.21
N SER I 17 -60.77 -9.17 5.98
CA SER I 17 -59.60 -8.62 5.31
C SER I 17 -60.03 -7.49 4.38
N LEU I 18 -59.08 -6.59 4.13
CA LEU I 18 -59.28 -5.44 3.26
C LEU I 18 -57.90 -4.98 2.80
N ARG I 19 -57.87 -4.30 1.66
CA ARG I 19 -56.61 -3.81 1.09
C ARG I 19 -56.76 -2.35 0.68
N LEU I 20 -55.99 -1.48 1.32
CA LEU I 20 -56.00 -0.06 1.00
C LEU I 20 -55.12 0.20 -0.20
N SER I 21 -55.13 1.45 -0.68
CA SER I 21 -54.33 1.83 -1.83
C SER I 21 -54.02 3.33 -1.77
N CYS I 22 -52.94 3.72 -2.44
CA CYS I 22 -52.51 5.10 -2.50
C CYS I 22 -51.64 5.29 -3.74
N ALA I 23 -51.94 6.34 -4.50
CA ALA I 23 -51.20 6.66 -5.72
C ALA I 23 -50.47 7.99 -5.55
N ALA I 24 -49.30 8.08 -6.15
CA ALA I 24 -48.48 9.28 -6.06
C ALA I 24 -48.00 9.67 -7.45
N SER I 25 -47.74 10.98 -7.61
CA SER I 25 -47.27 11.52 -8.88
C SER I 25 -46.59 12.86 -8.62
N GLY I 26 -45.84 13.32 -9.62
CA GLY I 26 -45.13 14.58 -9.52
C GLY I 26 -43.77 14.53 -8.88
N PHE I 27 -43.29 13.35 -8.49
CA PHE I 27 -41.98 13.23 -7.87
C PHE I 27 -41.49 11.80 -8.04
N THR I 28 -40.25 11.57 -7.62
CA THR I 28 -39.64 10.25 -7.69
C THR I 28 -40.13 9.42 -6.51
N PHE I 29 -41.21 8.66 -6.73
CA PHE I 29 -41.79 7.83 -5.67
C PHE I 29 -40.85 6.71 -5.23
N SER I 30 -39.96 6.25 -6.12
CA SER I 30 -39.04 5.18 -5.78
C SER I 30 -37.94 5.60 -4.82
N ASP I 31 -37.77 6.90 -4.58
CA ASP I 31 -36.73 7.39 -3.68
C ASP I 31 -37.28 8.01 -2.40
N TYR I 32 -38.59 7.98 -2.18
CA TYR I 32 -39.19 8.57 -1.00
C TYR I 32 -39.94 7.51 -0.20
N TRP I 33 -39.84 7.59 1.13
CA TRP I 33 -40.55 6.65 1.99
C TRP I 33 -42.04 6.96 1.99
N MET I 34 -42.81 6.07 2.60
CA MET I 34 -44.25 6.23 2.69
C MET I 34 -44.70 5.80 4.08
N ASN I 35 -45.58 6.58 4.67
CA ASN I 35 -46.08 6.31 6.02
C ASN I 35 -47.61 6.29 6.04
N TRP I 36 -48.15 5.42 6.88
CA TRP I 36 -49.59 5.30 7.07
C TRP I 36 -49.93 5.64 8.51
N VAL I 37 -50.79 6.62 8.70
CA VAL I 37 -51.21 7.06 10.02
C VAL I 37 -52.72 6.92 10.12
N ARG I 38 -53.22 6.94 11.34
CA ARG I 38 -54.66 6.80 11.57
C ARG I 38 -55.12 7.85 12.57
N GLN I 39 -56.31 8.40 12.35
CA GLN I 39 -56.91 9.41 13.22
C GLN I 39 -58.29 8.88 13.60
N THR I 40 -58.43 8.42 14.83
CA THR I 40 -59.70 7.91 15.30
C THR I 40 -60.69 9.06 15.45
N PRO I 41 -62.00 8.80 15.28
CA PRO I 41 -63.00 9.86 15.39
C PRO I 41 -63.05 10.57 16.73
N GLY I 42 -62.71 11.86 16.73
CA GLY I 42 -62.71 12.68 17.93
C GLY I 42 -61.43 12.71 18.72
N LYS I 43 -60.45 11.88 18.41
CA LYS I 43 -59.20 11.85 19.17
C LYS I 43 -58.05 12.36 18.31
N GLY I 44 -56.83 12.14 18.79
CA GLY I 44 -55.63 12.59 18.11
C GLY I 44 -55.21 11.69 16.96
N LEU I 45 -53.95 11.89 16.55
CA LEU I 45 -53.34 11.15 15.45
C LEU I 45 -52.51 9.99 15.99
N GLU I 46 -52.50 8.87 15.26
CA GLU I 46 -51.75 7.68 15.63
C GLU I 46 -51.04 7.12 14.41
N TRP I 47 -49.79 6.72 14.59
CA TRP I 47 -48.97 6.14 13.54
C TRP I 47 -48.96 4.63 13.69
N ILE I 48 -49.05 3.91 12.57
CA ILE I 48 -49.05 2.46 12.64
C ILE I 48 -47.99 1.78 11.79
N SER I 49 -47.53 2.35 10.68
CA SER I 49 -46.53 1.65 9.88
C SER I 49 -45.72 2.62 9.05
N VAL I 50 -44.63 2.09 8.48
CA VAL I 50 -43.71 2.82 7.63
C VAL I 50 -43.07 1.80 6.69
N ILE I 51 -42.75 2.23 5.47
CA ILE I 51 -42.12 1.35 4.49
C ILE I 51 -40.91 2.05 3.90
N ASN I 52 -39.89 1.27 3.57
CA ASN I 52 -38.66 1.80 2.99
C ASN I 52 -38.89 2.22 1.54
N SER I 53 -37.87 2.84 0.96
CA SER I 53 -37.96 3.26 -0.43
C SER I 53 -37.99 2.04 -1.35
N TYR I 54 -37.19 1.02 -1.03
CA TYR I 54 -37.13 -0.22 -1.78
C TYR I 54 -38.01 -1.30 -1.19
N GLY I 55 -38.75 -0.99 -0.12
CA GLY I 55 -39.61 -1.95 0.54
C GLY I 55 -38.84 -3.08 1.19
N GLY I 56 -37.72 -2.74 1.86
CA GLY I 56 -36.92 -3.76 2.51
C GLY I 56 -37.39 -4.08 3.91
N SER I 57 -37.42 -3.07 4.78
CA SER I 57 -37.85 -3.28 6.16
C SER I 57 -39.15 -2.52 6.40
N THR I 58 -40.05 -3.17 7.12
CA THR I 58 -41.36 -2.61 7.44
C THR I 58 -41.49 -2.59 8.96
N HIS I 59 -41.51 -1.40 9.54
CA HIS I 59 -41.61 -1.23 10.99
C HIS I 59 -43.06 -0.89 11.34
N TYR I 60 -43.75 -1.84 11.94
CA TYR I 60 -45.13 -1.64 12.35
C TYR I 60 -45.21 -1.36 13.84
N ALA I 61 -46.35 -0.80 14.27
CA ALA I 61 -46.54 -0.50 15.67
C ALA I 61 -46.85 -1.79 16.43
N ASP I 62 -46.77 -1.71 17.77
CA ASP I 62 -47.03 -2.88 18.60
C ASP I 62 -48.50 -3.29 18.54
N SER I 63 -49.40 -2.34 18.30
CA SER I 63 -50.82 -2.67 18.25
C SER I 63 -51.23 -3.23 16.89
N VAL I 64 -50.39 -3.09 15.86
CA VAL I 64 -50.69 -3.58 14.52
C VAL I 64 -49.63 -4.54 13.99
N GLN I 65 -48.70 -5.01 14.83
CA GLN I 65 -47.68 -5.92 14.35
C GLN I 65 -48.27 -7.30 14.10
N GLY I 66 -48.05 -7.82 12.90
CA GLY I 66 -48.55 -9.12 12.51
C GLY I 66 -49.93 -9.10 11.89
N ARG I 67 -50.67 -8.00 12.06
CA ARG I 67 -52.01 -7.90 11.50
C ARG I 67 -52.03 -7.17 10.15
N PHE I 68 -51.41 -6.00 10.07
CA PHE I 68 -51.38 -5.22 8.84
C PHE I 68 -49.98 -5.27 8.24
N THR I 69 -49.93 -5.42 6.91
CA THR I 69 -48.68 -5.47 6.17
C THR I 69 -48.70 -4.40 5.09
N ILE I 70 -47.57 -3.72 4.91
CA ILE I 70 -47.46 -2.66 3.91
C ILE I 70 -46.53 -3.10 2.79
N SER I 71 -46.94 -2.80 1.56
CA SER I 71 -46.16 -3.15 0.38
C SER I 71 -46.28 -2.00 -0.61
N ARG I 72 -45.35 -1.97 -1.57
CA ARG I 72 -45.37 -0.90 -2.57
C ARG I 72 -44.93 -1.44 -3.91
N ASP I 73 -45.35 -0.75 -4.98
CA ASP I 73 -45.03 -1.10 -6.36
C ASP I 73 -44.38 0.14 -6.98
N ASN I 74 -43.05 0.12 -7.07
CA ASN I 74 -42.34 1.26 -7.65
C ASN I 74 -42.52 1.34 -9.16
N SER I 75 -42.92 0.23 -9.80
CA SER I 75 -43.10 0.23 -11.24
C SER I 75 -44.32 1.08 -11.65
N LYS I 76 -45.37 1.06 -10.84
CA LYS I 76 -46.58 1.83 -11.13
C LYS I 76 -46.72 3.06 -10.25
N ASN I 77 -45.74 3.33 -9.38
CA ASN I 77 -45.74 4.46 -8.45
C ASN I 77 -46.97 4.46 -7.56
N THR I 78 -47.36 3.26 -7.12
CA THR I 78 -48.52 3.06 -6.27
C THR I 78 -48.10 2.42 -4.96
N LEU I 79 -48.92 2.64 -3.94
CA LEU I 79 -48.69 2.11 -2.60
C LEU I 79 -49.99 1.52 -2.09
N PHE I 80 -49.92 0.28 -1.60
CA PHE I 80 -51.12 -0.39 -1.09
C PHE I 80 -50.83 -1.00 0.27
N LEU I 81 -51.79 -0.85 1.19
CA LEU I 81 -51.68 -1.36 2.54
C LEU I 81 -52.68 -2.50 2.72
N GLN I 82 -52.21 -3.64 3.22
CA GLN I 82 -53.05 -4.80 3.44
C GLN I 82 -53.52 -4.84 4.89
N MET I 83 -54.83 -5.02 5.07
CA MET I 83 -55.44 -5.09 6.39
C MET I 83 -55.98 -6.49 6.61
N ASN I 84 -55.58 -7.12 7.72
CA ASN I 84 -56.03 -8.46 8.06
C ASN I 84 -56.45 -8.49 9.52
N SER I 85 -57.57 -9.15 9.79
CA SER I 85 -58.15 -9.32 11.13
C SER I 85 -58.40 -7.97 11.81
N LEU I 86 -58.90 -6.99 11.05
CA LEU I 86 -59.19 -5.69 11.62
C LEU I 86 -60.43 -5.74 12.50
N ARG I 87 -60.31 -5.19 13.70
CA ARG I 87 -61.34 -5.15 14.71
C ARG I 87 -62.10 -3.83 14.67
N PRO I 88 -63.31 -3.76 15.24
CA PRO I 88 -64.07 -2.49 15.22
C PRO I 88 -63.40 -1.36 15.97
N GLU I 89 -62.51 -1.66 16.93
CA GLU I 89 -61.83 -0.60 17.65
C GLU I 89 -60.74 0.06 16.80
N ASP I 90 -60.42 -0.52 15.65
CA ASP I 90 -59.41 0.02 14.75
C ASP I 90 -59.97 1.07 13.81
N THR I 91 -61.22 1.49 13.98
CA THR I 91 -61.81 2.50 13.12
C THR I 91 -61.10 3.84 13.30
N ALA I 92 -60.75 4.47 12.19
CA ALA I 92 -60.03 5.74 12.20
C ALA I 92 -60.06 6.34 10.80
N VAL I 93 -59.66 7.61 10.71
CA VAL I 93 -59.58 8.33 9.44
C VAL I 93 -58.12 8.20 9.02
N TYR I 94 -57.84 7.22 8.18
CA TYR I 94 -56.48 6.97 7.74
C TYR I 94 -56.03 8.00 6.72
N TYR I 95 -54.73 8.28 6.72
CA TYR I 95 -54.12 9.25 5.81
C TYR I 95 -52.88 8.66 5.18
N CYS I 96 -52.63 9.05 3.93
CA CYS I 96 -51.46 8.63 3.17
C CYS I 96 -50.58 9.87 3.03
N ALA I 97 -49.36 9.80 3.57
CA ALA I 97 -48.47 10.94 3.54
C ALA I 97 -47.08 10.55 3.03
N LYS I 98 -46.31 11.59 2.71
CA LYS I 98 -44.94 11.47 2.21
C LYS I 98 -44.00 12.17 3.17
N VAL I 99 -42.80 11.62 3.31
CA VAL I 99 -41.77 12.17 4.19
C VAL I 99 -41.20 13.46 3.62
N ASP I 100 -40.36 14.14 4.40
CA ASP I 100 -39.77 15.40 3.99
C ASP I 100 -38.88 15.26 2.75
N ALA I 101 -37.72 14.61 2.90
CA ALA I 101 -36.80 14.47 1.78
C ALA I 101 -36.53 13.00 1.47
N ASP I 102 -35.94 12.78 0.30
CA ASP I 102 -35.60 11.45 -0.17
C ASP I 102 -34.52 10.82 0.68
N ASP I 103 -34.43 9.49 0.60
CA ASP I 103 -33.49 8.64 1.33
C ASP I 103 -32.02 8.84 0.94
N TYR I 104 -31.63 9.77 0.08
CA TYR I 104 -30.23 9.93 -0.26
C TYR I 104 -29.47 10.56 0.90
N GLY I 105 -28.55 9.80 1.48
CA GLY I 105 -27.75 10.27 2.59
C GLY I 105 -27.18 9.11 3.38
N TYR I 106 -26.61 9.44 4.54
CA TYR I 106 -26.01 8.44 5.42
C TYR I 106 -27.08 7.53 6.01
N PHE I 107 -26.71 6.27 6.24
CA PHE I 107 -27.66 5.32 6.80
C PHE I 107 -26.91 4.18 7.49
N SER I 108 -27.62 3.50 8.39
CA SER I 108 -27.03 2.38 9.12
C SER I 108 -27.33 1.03 8.46
N THR I 109 -28.62 0.67 8.38
CA THR I 109 -29.02 -0.59 7.77
C THR I 109 -29.91 -0.40 6.55
N VAL I 110 -31.03 0.29 6.69
CA VAL I 110 -31.93 0.54 5.57
C VAL I 110 -31.48 1.85 4.96
N PRO I 111 -31.62 2.04 3.64
CA PRO I 111 -31.15 3.28 2.99
C PRO I 111 -31.70 4.59 3.54
N GLY I 112 -32.93 4.62 4.01
CA GLY I 112 -33.48 5.86 4.53
C GLY I 112 -33.30 6.12 6.01
N ASP I 113 -32.51 5.30 6.70
CA ASP I 113 -32.29 5.47 8.13
C ASP I 113 -31.43 6.71 8.39
N LEU I 114 -31.64 7.31 9.58
CA LEU I 114 -30.91 8.50 10.05
C LEU I 114 -31.12 9.69 9.12
N LYS I 115 -32.36 10.19 9.09
CA LYS I 115 -32.71 11.33 8.26
C LYS I 115 -33.95 12.00 8.83
N ASN I 116 -33.91 13.33 8.92
CA ASN I 116 -35.00 14.15 9.44
C ASN I 116 -36.22 13.96 8.56
N TYR I 117 -37.23 13.25 9.07
CA TYR I 117 -38.45 12.96 8.33
C TYR I 117 -39.63 13.64 8.99
N TYR I 118 -40.37 14.44 8.21
CA TYR I 118 -41.57 15.11 8.68
C TYR I 118 -42.56 15.08 7.51
N PHE I 119 -43.80 14.77 7.82
CA PHE I 119 -44.85 14.68 6.80
C PHE I 119 -45.17 16.07 6.27
N ASP I 120 -44.81 16.32 5.02
CA ASP I 120 -45.05 17.61 4.36
C ASP I 120 -46.22 17.57 3.39
N TYR I 121 -46.45 16.45 2.73
CA TYR I 121 -47.55 16.32 1.77
C TYR I 121 -48.44 15.17 2.21
N TRP I 122 -49.75 15.42 2.26
CA TRP I 122 -50.74 14.43 2.66
C TRP I 122 -51.79 14.30 1.57
N GLY I 123 -52.61 13.26 1.69
CA GLY I 123 -53.67 12.98 0.75
C GLY I 123 -55.03 13.39 1.29
N GLN I 124 -56.06 12.63 0.93
CA GLN I 124 -57.43 12.88 1.36
C GLN I 124 -57.77 11.94 2.50
N GLY I 125 -58.59 12.42 3.43
CA GLY I 125 -59.00 11.61 4.56
C GLY I 125 -59.96 10.50 4.22
N VAL I 126 -59.47 9.26 4.22
CA VAL I 126 -60.28 8.09 3.92
C VAL I 126 -60.72 7.47 5.24
N LEU I 127 -61.95 6.94 5.28
CA LEU I 127 -62.49 6.34 6.49
C LEU I 127 -62.55 4.83 6.31
N VAL I 128 -61.92 4.11 7.24
CA VAL I 128 -61.89 2.65 7.23
C VAL I 128 -62.53 2.13 8.51
N THR I 129 -63.54 1.27 8.36
CA THR I 129 -64.24 0.70 9.50
C THR I 129 -64.93 -0.59 9.06
N VAL I 130 -65.56 -1.26 10.02
CA VAL I 130 -66.28 -2.51 9.78
C VAL I 130 -67.68 -2.36 10.36
N SER I 131 -68.63 -3.11 9.80
CA SER I 131 -70.01 -3.07 10.26
C SER I 131 -70.68 -4.38 9.87
N SER I 132 -72.00 -4.43 10.08
CA SER I 132 -72.78 -5.62 9.75
C SER I 132 -73.00 -5.74 8.25
N GLN J 1 -39.05 2.88 25.42
CA GLN J 1 -39.76 3.64 24.40
C GLN J 1 -40.08 5.05 24.90
N ILE J 2 -40.14 6.00 23.98
CA ILE J 2 -40.43 7.39 24.34
C ILE J 2 -41.91 7.68 24.17
N VAL J 3 -42.45 8.47 25.09
CA VAL J 3 -43.85 8.87 25.09
C VAL J 3 -43.92 10.39 25.19
N LEU J 4 -44.66 11.01 24.28
CA LEU J 4 -44.81 12.46 24.26
C LEU J 4 -46.06 12.87 25.03
N THR J 5 -46.06 14.12 25.50
CA THR J 5 -47.17 14.65 26.26
C THR J 5 -47.24 16.16 26.08
N GLN J 6 -48.42 16.66 25.70
CA GLN J 6 -48.65 18.07 25.48
C GLN J 6 -49.37 18.68 26.69
N SER J 7 -49.30 20.00 26.79
CA SER J 7 -49.93 20.74 27.87
C SER J 7 -50.10 22.21 27.48
N PRO J 8 -51.29 22.80 27.65
CA PRO J 8 -52.53 22.21 28.18
C PRO J 8 -53.29 21.42 27.13
N ALA J 9 -54.23 20.57 27.55
CA ALA J 9 -55.01 19.78 26.59
C ALA J 9 -56.02 20.63 25.83
N ILE J 10 -56.75 21.49 26.53
CA ILE J 10 -57.75 22.36 25.91
C ILE J 10 -57.50 23.79 26.34
N MET J 11 -57.43 24.70 25.37
CA MET J 11 -57.20 26.11 25.66
C MET J 11 -58.17 26.94 24.84
N SER J 12 -58.49 28.12 25.37
CA SER J 12 -59.39 29.06 24.73
C SER J 12 -58.70 30.41 24.63
N ALA J 13 -58.71 30.99 23.43
CA ALA J 13 -58.07 32.28 23.20
C ALA J 13 -58.98 33.16 22.35
N SER J 14 -58.83 34.47 22.53
CA SER J 14 -59.61 35.44 21.78
C SER J 14 -58.82 35.94 20.59
N LEU J 15 -59.39 36.92 19.89
CA LEU J 15 -58.74 37.49 18.72
C LEU J 15 -57.57 38.37 19.16
N GLY J 16 -56.38 38.07 18.66
CA GLY J 16 -55.20 38.85 19.01
C GLY J 16 -54.65 38.59 20.39
N GLU J 17 -54.95 37.43 20.98
CA GLU J 17 -54.48 37.09 22.31
C GLU J 17 -53.23 36.21 22.24
N GLU J 18 -52.23 36.57 23.04
CA GLU J 18 -50.96 35.85 23.09
C GLU J 18 -51.12 34.58 23.92
N ILE J 19 -50.74 33.44 23.34
CA ILE J 19 -50.83 32.14 24.00
C ILE J 19 -49.53 31.38 23.76
N THR J 20 -49.40 30.25 24.44
CA THR J 20 -48.22 29.40 24.32
C THR J 20 -48.60 27.94 24.54
N LEU J 21 -48.18 27.10 23.58
CA LEU J 21 -48.43 25.66 23.60
C LEU J 21 -47.10 24.98 23.86
N THR J 22 -47.10 23.93 24.68
CA THR J 22 -45.88 23.20 25.00
C THR J 22 -46.04 21.70 24.79
N CYS J 23 -44.92 21.05 24.46
CA CYS J 23 -44.85 19.61 24.23
C CYS J 23 -43.63 19.09 24.97
N SER J 24 -43.79 17.96 25.67
CA SER J 24 -42.72 17.35 26.43
C SER J 24 -42.63 15.86 26.09
N ALA J 25 -41.46 15.29 26.37
CA ALA J 25 -41.19 13.89 26.12
C ALA J 25 -40.38 13.31 27.26
N THR J 26 -40.37 11.97 27.34
CA THR J 26 -39.64 11.27 28.39
C THR J 26 -38.14 11.16 28.10
N SER J 27 -37.70 11.51 26.91
CA SER J 27 -36.29 11.44 26.56
C SER J 27 -35.95 12.56 25.59
N SER J 28 -34.66 12.87 25.49
CA SER J 28 -34.20 13.93 24.61
C SER J 28 -34.30 13.50 23.15
N VAL J 29 -34.70 14.45 22.30
CA VAL J 29 -34.84 14.23 20.86
C VAL J 29 -34.11 15.33 20.12
N ASN J 30 -33.83 15.06 18.84
CA ASN J 30 -33.13 16.05 18.01
C ASN J 30 -34.00 17.25 17.73
N SER J 31 -35.25 17.03 17.33
CA SER J 31 -36.17 18.12 17.03
C SER J 31 -37.60 17.62 17.16
N ILE J 32 -38.52 18.57 17.21
CA ILE J 32 -39.95 18.30 17.32
C ILE J 32 -40.68 19.08 16.24
N HIS J 33 -41.49 18.38 15.46
CA HIS J 33 -42.26 18.99 14.38
C HIS J 33 -43.68 19.26 14.85
N TRP J 34 -44.12 20.49 14.67
CA TRP J 34 -45.46 20.91 15.07
C TRP J 34 -46.42 20.78 13.89
N TYR J 35 -47.67 20.44 14.18
CA TYR J 35 -48.68 20.27 13.15
C TYR J 35 -49.98 20.94 13.57
N GLN J 36 -50.94 20.89 12.65
CA GLN J 36 -52.28 21.44 12.86
C GLN J 36 -53.22 20.78 11.87
N GLN J 37 -54.38 20.37 12.36
CA GLN J 37 -55.34 19.70 11.49
C GLN J 37 -56.76 20.16 11.83
N LYS J 38 -57.61 20.16 10.80
CA LYS J 38 -59.01 20.54 10.90
C LYS J 38 -59.85 19.31 10.56
N SER J 39 -61.05 19.24 11.15
CA SER J 39 -61.97 18.13 10.95
C SER J 39 -62.28 17.87 9.48
N GLY J 40 -61.86 16.71 8.97
CA GLY J 40 -62.08 16.33 7.60
C GLY J 40 -60.99 16.74 6.64
N THR J 41 -59.96 17.44 7.11
CA THR J 41 -58.86 17.89 6.25
C THR J 41 -57.59 17.10 6.54
N ALA J 42 -56.53 17.48 5.83
CA ALA J 42 -55.23 16.83 5.97
C ALA J 42 -54.35 17.64 6.91
N PRO J 43 -53.66 17.00 7.87
CA PRO J 43 -52.78 17.74 8.79
C PRO J 43 -51.60 18.40 8.10
N ASN J 44 -51.49 19.72 8.22
CA ASN J 44 -50.40 20.45 7.59
C ASN J 44 -49.28 20.70 8.58
N VAL J 45 -48.06 20.84 8.06
CA VAL J 45 -46.88 21.10 8.88
C VAL J 45 -46.63 22.60 8.91
N LEU J 46 -46.22 23.12 10.07
CA LEU J 46 -45.96 24.54 10.24
C LEU J 46 -44.53 24.85 10.64
N ILE J 47 -44.02 24.20 11.69
CA ILE J 47 -42.65 24.42 12.15
C ILE J 47 -41.93 23.09 12.20
N TYR J 48 -40.82 22.99 11.48
CA TYR J 48 -39.99 21.79 11.44
C TYR J 48 -38.63 22.14 12.02
N ASP J 49 -37.89 21.10 12.43
CA ASP J 49 -36.56 21.17 13.06
C ASP J 49 -36.51 22.13 14.27
N THR J 50 -37.69 22.38 14.87
CA THR J 50 -37.98 23.23 16.04
C THR J 50 -37.75 24.72 15.79
N SER J 51 -37.02 25.08 14.72
CA SER J 51 -36.73 26.49 14.48
C SER J 51 -37.20 26.99 13.12
N ASN J 52 -37.15 26.16 12.09
CA ASN J 52 -37.55 26.59 10.76
C ASN J 52 -39.03 26.39 10.53
N LEU J 53 -39.69 27.45 10.05
CA LEU J 53 -41.10 27.39 9.75
C LEU J 53 -41.31 26.85 8.34
N ALA J 54 -42.51 26.34 8.08
CA ALA J 54 -42.81 25.79 6.76
C ALA J 54 -42.99 26.90 5.74
N SER J 55 -43.12 26.50 4.48
CA SER J 55 -43.30 27.45 3.40
C SER J 55 -44.77 27.78 3.20
N GLY J 56 -45.09 29.07 3.18
CA GLY J 56 -46.46 29.53 2.99
C GLY J 56 -47.28 29.66 4.25
N VAL J 57 -46.77 29.23 5.40
CA VAL J 57 -47.51 29.35 6.65
C VAL J 57 -47.37 30.77 7.18
N PRO J 58 -48.33 31.26 7.97
CA PRO J 58 -48.21 32.63 8.49
C PRO J 58 -47.08 32.76 9.50
N SER J 59 -46.58 33.99 9.65
CA SER J 59 -45.49 34.27 10.56
C SER J 59 -45.93 34.37 12.01
N ARG J 60 -47.23 34.26 12.30
CA ARG J 60 -47.71 34.34 13.68
C ARG J 60 -47.25 33.15 14.51
N PHE J 61 -46.99 32.01 13.87
CA PHE J 61 -46.55 30.82 14.60
C PHE J 61 -45.05 30.86 14.82
N SER J 62 -44.63 30.42 16.01
CA SER J 62 -43.22 30.39 16.38
C SER J 62 -43.04 29.34 17.46
N GLY J 63 -41.79 28.90 17.63
CA GLY J 63 -41.50 27.91 18.65
C GLY J 63 -40.02 27.72 18.82
N SER J 64 -39.66 27.19 19.98
CA SER J 64 -38.27 26.93 20.34
C SER J 64 -38.25 25.91 21.47
N GLY J 65 -37.06 25.42 21.77
CA GLY J 65 -36.89 24.44 22.82
C GLY J 65 -35.65 23.61 22.60
N SER J 66 -35.29 22.86 23.64
CA SER J 66 -34.12 21.99 23.62
C SER J 66 -34.30 20.93 24.71
N GLY J 67 -33.53 19.86 24.59
CA GLY J 67 -33.62 18.78 25.56
C GLY J 67 -34.93 18.03 25.44
N THR J 68 -35.64 17.92 26.57
CA THR J 68 -36.92 17.24 26.62
C THR J 68 -38.10 18.21 26.70
N PHE J 69 -37.84 19.51 26.65
CA PHE J 69 -38.87 20.52 26.73
C PHE J 69 -38.92 21.29 25.42
N TYR J 70 -40.13 21.45 24.88
CA TYR J 70 -40.34 22.17 23.63
C TYR J 70 -41.63 22.96 23.75
N SER J 71 -41.76 23.99 22.91
CA SER J 71 -42.95 24.82 22.99
C SER J 71 -43.30 25.43 21.64
N LEU J 72 -44.55 25.87 21.54
CA LEU J 72 -45.11 26.51 20.36
C LEU J 72 -45.71 27.83 20.84
N THR J 73 -45.34 28.92 20.20
CA THR J 73 -45.82 30.24 20.57
C THR J 73 -46.60 30.88 19.42
N ILE J 74 -47.83 31.29 19.71
CA ILE J 74 -48.71 31.93 18.74
C ILE J 74 -48.84 33.38 19.19
N SER J 75 -48.21 34.29 18.44
CA SER J 75 -48.25 35.71 18.79
C SER J 75 -49.64 36.29 18.63
N SER J 76 -50.30 36.05 17.49
CA SER J 76 -51.62 36.56 17.24
C SER J 76 -52.55 35.41 16.90
N VAL J 77 -53.72 35.39 17.52
CA VAL J 77 -54.71 34.34 17.30
C VAL J 77 -55.87 34.89 16.51
N GLU J 78 -56.18 34.23 15.39
CA GLU J 78 -57.28 34.61 14.51
C GLU J 78 -58.39 33.57 14.62
N THR J 79 -59.43 33.76 13.81
CA THR J 79 -60.56 32.84 13.81
C THR J 79 -60.17 31.48 13.24
N GLU J 80 -59.33 31.49 12.19
CA GLU J 80 -58.91 30.24 11.55
C GLU J 80 -57.96 29.42 12.42
N ASP J 81 -57.27 30.06 13.38
CA ASP J 81 -56.33 29.37 14.25
C ASP J 81 -56.99 28.35 15.18
N ALA J 82 -58.31 28.39 15.34
CA ALA J 82 -59.01 27.45 16.21
C ALA J 82 -59.01 26.08 15.55
N ALA J 83 -58.07 25.22 15.97
CA ALA J 83 -57.95 23.88 15.43
C ALA J 83 -57.24 23.01 16.47
N ASP J 84 -56.80 21.82 16.04
CA ASP J 84 -56.11 20.87 16.89
C ASP J 84 -54.66 20.77 16.44
N TYR J 85 -53.72 20.92 17.38
CA TYR J 85 -52.30 20.88 17.09
C TYR J 85 -51.65 19.64 17.68
N TYR J 86 -50.47 19.30 17.16
CA TYR J 86 -49.73 18.13 17.62
C TYR J 86 -48.23 18.41 17.54
N CYS J 87 -47.47 17.51 18.17
CA CYS J 87 -46.01 17.54 18.19
C CYS J 87 -45.53 16.14 17.83
N HIS J 88 -44.56 16.04 16.92
CA HIS J 88 -44.06 14.76 16.46
C HIS J 88 -42.55 14.66 16.63
N GLN J 89 -42.10 13.45 17.00
CA GLN J 89 -40.69 13.15 17.21
C GLN J 89 -40.21 12.15 16.16
N TRP J 90 -38.91 12.20 15.87
CA TRP J 90 -38.30 11.33 14.87
C TRP J 90 -37.04 10.59 15.32
N THR J 91 -36.43 10.99 16.44
CA THR J 91 -35.18 10.36 16.90
C THR J 91 -35.28 8.85 17.09
N THR J 92 -36.16 8.40 17.98
CA THR J 92 -36.25 6.97 18.24
C THR J 92 -37.65 6.44 18.00
N TYR J 93 -37.75 5.11 18.07
CA TYR J 93 -39.00 4.39 17.91
C TYR J 93 -39.91 4.69 19.10
N PRO J 94 -41.25 4.68 18.93
CA PRO J 94 -42.06 4.37 17.74
C PRO J 94 -42.54 5.53 16.86
N TRP J 95 -41.84 6.67 16.74
CA TRP J 95 -42.26 7.79 15.89
C TRP J 95 -43.67 8.29 16.25
N THR J 96 -44.05 8.22 17.52
CA THR J 96 -45.38 8.63 17.93
C THR J 96 -45.51 10.15 17.98
N PHE J 97 -46.77 10.60 17.89
CA PHE J 97 -47.11 12.02 17.93
C PHE J 97 -47.36 12.44 19.37
N GLY J 98 -47.89 13.65 19.54
CA GLY J 98 -48.19 14.18 20.85
C GLY J 98 -49.59 13.81 21.31
N GLY J 99 -49.98 14.40 22.45
CA GLY J 99 -51.30 14.15 23.01
C GLY J 99 -52.41 14.94 22.36
N GLY J 100 -52.09 15.95 21.56
CA GLY J 100 -53.10 16.76 20.90
C GLY J 100 -53.61 17.88 21.77
N THR J 101 -53.79 19.07 21.18
CA THR J 101 -54.29 20.22 21.91
C THR J 101 -55.36 20.93 21.08
N LYS J 102 -56.56 21.04 21.65
CA LYS J 102 -57.69 21.67 20.98
C LYS J 102 -57.72 23.16 21.33
N LEU J 103 -57.89 23.99 20.30
CA LEU J 103 -57.96 25.44 20.46
C LEU J 103 -59.32 25.92 19.98
N GLU J 104 -59.97 26.77 20.78
CA GLU J 104 -61.28 27.30 20.45
C GLU J 104 -61.30 28.80 20.71
N ILE J 105 -62.04 29.52 19.87
CA ILE J 105 -62.16 30.97 19.99
C ILE J 105 -62.95 31.30 21.26
N LYS J 106 -62.37 32.12 22.11
CA LYS J 106 -63.01 32.52 23.36
C LYS J 106 -64.10 33.56 23.11
N ASN K 38 55.86 43.33 -13.99
CA ASN K 38 54.40 43.36 -14.11
C ASN K 38 53.71 42.36 -13.17
N LEU K 39 52.41 42.15 -13.39
CA LEU K 39 51.64 41.21 -12.57
C LEU K 39 50.96 40.16 -13.44
N TRP K 40 50.94 38.93 -12.94
CA TRP K 40 50.32 37.79 -13.59
C TRP K 40 49.29 37.18 -12.65
N VAL K 41 48.16 36.77 -13.19
CA VAL K 41 47.10 36.19 -12.38
C VAL K 41 47.50 34.77 -12.02
N THR K 42 47.19 34.37 -10.78
CA THR K 42 47.49 33.05 -10.25
C THR K 42 46.23 32.45 -9.65
N VAL K 43 46.22 31.12 -9.57
CA VAL K 43 45.10 30.38 -9.01
C VAL K 43 45.57 29.65 -7.76
N TYR K 44 44.82 29.81 -6.67
CA TYR K 44 45.12 29.19 -5.39
C TYR K 44 44.09 28.09 -5.14
N TYR K 45 44.56 26.89 -4.81
CA TYR K 45 43.69 25.76 -4.54
C TYR K 45 43.56 25.59 -3.03
N GLY K 46 42.34 25.35 -2.57
CA GLY K 46 42.11 25.20 -1.15
C GLY K 46 42.14 26.49 -0.37
N VAL K 47 41.78 27.60 -1.01
CA VAL K 47 41.78 28.91 -0.37
C VAL K 47 40.70 28.95 0.71
N PRO K 48 40.90 29.69 1.82
CA PRO K 48 39.86 29.72 2.88
C PRO K 48 38.79 30.80 2.78
N VAL K 49 37.83 30.61 1.86
CA VAL K 49 36.72 31.53 1.68
C VAL K 49 35.43 30.72 1.72
N TRP K 50 34.32 31.41 1.95
CA TRP K 50 33.03 30.74 2.01
C TRP K 50 31.92 31.72 1.66
N ARG K 51 30.81 31.15 1.22
CA ARG K 51 29.61 31.91 0.84
C ARG K 51 28.39 31.19 1.38
N ASP K 52 27.33 31.94 1.63
CA ASP K 52 26.11 31.34 2.14
C ASP K 52 25.38 30.62 1.01
N ALA K 53 25.06 29.34 1.23
CA ALA K 53 24.39 28.56 0.20
C ALA K 53 23.49 27.52 0.86
N GLU K 54 22.69 26.87 0.02
CA GLU K 54 21.77 25.84 0.47
C GLU K 54 22.28 24.47 0.04
N THR K 55 22.31 23.53 0.97
CA THR K 55 22.79 22.19 0.68
C THR K 55 22.14 21.17 1.61
N THR K 56 22.24 19.90 1.21
CA THR K 56 21.70 18.81 2.01
C THR K 56 22.61 18.54 3.20
N LEU K 57 22.09 17.84 4.19
CA LEU K 57 22.84 17.51 5.39
C LEU K 57 22.56 16.09 5.83
N PHE K 58 23.58 15.43 6.39
CA PHE K 58 23.43 14.06 6.86
C PHE K 58 23.63 13.99 8.37
N CYS K 59 22.90 13.06 8.99
CA CYS K 59 22.88 12.84 10.43
C CYS K 59 24.15 12.20 10.96
N ALA K 60 24.27 12.23 12.29
CA ALA K 60 25.37 11.65 13.05
C ALA K 60 24.85 11.41 14.46
N SER K 61 25.03 10.19 14.96
CA SER K 61 24.55 9.84 16.29
C SER K 61 25.42 8.73 16.88
N ASP K 62 25.27 8.54 18.20
CA ASP K 62 26.03 7.52 18.89
C ASP K 62 25.57 6.13 18.46
N ALA K 63 26.54 5.27 18.10
CA ALA K 63 26.22 3.93 17.68
C ALA K 63 25.88 3.06 18.88
N LYS K 64 24.71 2.42 18.84
CA LYS K 64 24.26 1.56 19.92
C LYS K 64 23.97 0.15 19.40
N GLU K 69 19.13 -3.85 21.12
CA GLU K 69 18.92 -2.42 21.26
C GLU K 69 17.71 -1.95 20.45
N LYS K 70 16.75 -1.33 21.13
CA LYS K 70 15.56 -0.84 20.46
C LYS K 70 15.88 0.41 19.65
N HIS K 71 15.37 0.45 18.42
CA HIS K 71 15.59 1.60 17.55
C HIS K 71 14.67 2.74 17.96
N ASN K 72 14.91 3.91 17.38
CA ASN K 72 14.12 5.10 17.68
C ASN K 72 13.35 5.57 16.45
N VAL K 73 12.39 6.47 16.70
CA VAL K 73 11.56 7.03 15.62
C VAL K 73 12.39 7.89 14.68
N TRP K 74 13.37 8.61 15.23
CA TRP K 74 14.23 9.49 14.43
C TRP K 74 15.23 8.74 13.57
N ALA K 75 15.32 7.41 13.69
CA ALA K 75 16.23 6.55 12.92
C ALA K 75 17.68 6.99 13.07
N THR K 76 18.12 7.16 14.31
CA THR K 76 19.50 7.58 14.57
C THR K 76 20.48 6.47 14.20
N HIS K 77 20.04 5.22 14.27
CA HIS K 77 20.90 4.10 13.92
C HIS K 77 21.09 4.01 12.41
N ALA K 78 20.10 4.48 11.65
CA ALA K 78 20.18 4.41 10.20
C ALA K 78 21.19 5.44 9.65
N CYS K 79 21.35 6.56 10.33
CA CYS K 79 22.28 7.57 9.85
C CYS K 79 23.72 7.19 10.18
N VAL K 80 24.65 8.00 9.69
CA VAL K 80 26.09 7.82 9.86
C VAL K 80 26.46 7.83 11.34
N PRO K 81 27.37 6.97 11.80
CA PRO K 81 27.77 7.01 13.22
C PRO K 81 28.51 8.29 13.52
N THR K 82 28.38 8.76 14.77
CA THR K 82 29.03 10.00 15.16
C THR K 82 30.55 9.82 15.26
N ASP K 83 31.25 10.94 15.17
CA ASP K 83 32.70 10.97 15.24
C ASP K 83 33.14 10.75 16.69
N PRO K 84 34.34 10.15 16.90
CA PRO K 84 34.81 9.94 18.27
C PRO K 84 35.06 11.24 19.01
N ASN K 85 35.45 12.28 18.27
CA ASN K 85 35.70 13.60 18.84
C ASN K 85 35.52 14.62 17.72
N PRO K 86 34.46 15.43 17.76
CA PRO K 86 34.25 16.44 16.71
C PRO K 86 35.33 17.50 16.68
N GLN K 87 36.02 17.62 15.55
CA GLN K 87 37.09 18.59 15.40
C GLN K 87 36.50 19.99 15.28
N GLU K 88 36.68 20.80 16.32
CA GLU K 88 36.18 22.17 16.35
C GLU K 88 37.38 23.11 16.42
N ILE K 89 37.44 24.06 15.49
CA ILE K 89 38.54 25.02 15.42
C ILE K 89 37.97 26.42 15.50
N HIS K 90 38.59 27.26 16.34
CA HIS K 90 38.18 28.65 16.50
C HIS K 90 39.01 29.52 15.58
N LEU K 91 38.34 30.23 14.68
CA LEU K 91 39.02 31.10 13.72
C LEU K 91 39.35 32.43 14.38
N ASP K 92 40.62 32.82 14.32
CA ASP K 92 41.06 34.08 14.89
C ASP K 92 40.87 35.19 13.85
N ASN K 93 40.69 36.42 14.33
CA ASN K 93 40.48 37.62 13.52
C ASN K 93 39.30 37.50 12.56
N VAL K 94 38.26 36.73 12.89
CA VAL K 94 37.12 36.55 12.00
C VAL K 94 35.84 37.08 12.62
N THR K 95 35.15 37.92 11.87
CA THR K 95 33.87 38.50 12.24
C THR K 95 32.90 38.16 11.12
N GLU K 96 31.88 37.36 11.43
CA GLU K 96 30.92 36.92 10.44
C GLU K 96 29.51 37.30 10.84
N LYS K 97 28.70 37.66 9.83
CA LYS K 97 27.31 38.03 10.03
C LYS K 97 26.45 36.79 10.11
N PHE K 98 25.52 36.77 11.06
CA PHE K 98 24.63 35.64 11.26
C PHE K 98 23.18 36.11 11.19
N ASN K 99 22.30 35.18 10.81
CA ASN K 99 20.87 35.47 10.70
C ASN K 99 20.16 34.16 11.00
N MET K 100 19.67 34.01 12.23
CA MET K 100 18.99 32.80 12.63
C MET K 100 17.61 32.67 12.00
N TRP K 101 16.95 33.80 11.71
CA TRP K 101 15.62 33.75 11.13
C TRP K 101 15.63 33.41 9.64
N LYS K 102 16.66 33.84 8.91
CA LYS K 102 16.76 33.57 7.49
C LYS K 102 17.61 32.33 7.20
N ASN K 103 17.93 31.55 8.23
CA ASN K 103 18.74 30.35 8.04
C ASN K 103 17.94 29.27 7.34
N ASN K 104 18.65 28.42 6.59
CA ASN K 104 18.03 27.33 5.85
C ASN K 104 18.09 26.00 6.59
N MET K 105 18.98 25.89 7.59
CA MET K 105 19.11 24.65 8.34
C MET K 105 17.85 24.32 9.13
N VAL K 106 17.15 25.34 9.63
CA VAL K 106 15.93 25.07 10.39
C VAL K 106 14.84 24.50 9.49
N GLU K 107 14.71 25.05 8.27
CA GLU K 107 13.71 24.54 7.33
C GLU K 107 14.07 23.14 6.87
N GLN K 108 15.36 22.91 6.59
CA GLN K 108 15.81 21.57 6.18
C GLN K 108 15.61 20.57 7.30
N MET K 109 15.84 20.99 8.54
CA MET K 109 15.64 20.12 9.68
C MET K 109 14.17 19.76 9.83
N HIS K 110 13.28 20.74 9.62
CA HIS K 110 11.85 20.47 9.71
C HIS K 110 11.43 19.46 8.65
N THR K 111 11.95 19.62 7.43
CA THR K 111 11.62 18.66 6.37
C THR K 111 12.18 17.28 6.67
N ASP K 112 13.39 17.20 7.24
CA ASP K 112 13.96 15.90 7.57
C ASP K 112 13.18 15.21 8.69
N ILE K 113 12.73 15.97 9.69
CA ILE K 113 11.98 15.36 10.79
C ILE K 113 10.60 14.90 10.31
N ILE K 114 9.93 15.69 9.45
CA ILE K 114 8.63 15.22 8.96
C ILE K 114 8.81 14.00 8.06
N SER K 115 9.91 13.95 7.29
CA SER K 115 10.17 12.79 6.45
C SER K 115 10.45 11.55 7.29
N LEU K 116 11.22 11.70 8.36
CA LEU K 116 11.50 10.56 9.23
C LEU K 116 10.25 10.11 9.96
N TRP K 117 9.37 11.06 10.28
CA TRP K 117 8.12 10.72 10.97
C TRP K 117 7.24 9.88 10.06
N ASP K 118 7.10 10.30 8.80
CA ASP K 118 6.31 9.54 7.84
C ASP K 118 6.96 8.19 7.54
N GLN K 119 8.31 8.15 7.55
CA GLN K 119 9.03 6.91 7.31
C GLN K 119 8.81 5.91 8.43
N SER K 120 8.83 6.39 9.68
CA SER K 120 8.64 5.50 10.82
C SER K 120 7.20 5.02 10.90
N LEU K 121 6.24 5.86 10.47
CA LEU K 121 4.86 5.42 10.52
C LEU K 121 4.45 4.56 9.33
N LYS K 122 5.28 4.48 8.29
CA LYS K 122 4.94 3.69 7.11
C LYS K 122 4.82 2.17 7.31
N PRO K 123 5.80 1.45 7.97
CA PRO K 123 5.62 0.00 8.09
C PRO K 123 4.63 -0.42 9.17
N CYS K 124 4.23 0.50 10.03
CA CYS K 124 3.32 0.17 11.11
C CYS K 124 1.88 0.04 10.62
N VAL K 125 1.05 -0.55 11.49
CA VAL K 125 -0.37 -0.77 11.19
C VAL K 125 -1.16 0.53 11.34
N LYS K 126 -2.16 0.69 10.48
CA LYS K 126 -3.03 1.86 10.46
C LYS K 126 -4.31 1.58 11.25
N LEU K 127 -5.06 2.65 11.55
CA LEU K 127 -6.31 2.56 12.28
C LEU K 127 -7.54 2.68 11.39
N THR K 128 -7.49 2.10 10.18
CA THR K 128 -8.66 2.19 9.30
C THR K 128 -9.93 1.46 9.77
N PRO K 129 -9.91 0.35 10.51
CA PRO K 129 -11.19 -0.24 10.91
C PRO K 129 -11.72 0.24 12.25
N LEU K 130 -11.01 1.16 12.92
CA LEU K 130 -11.42 1.68 14.22
C LEU K 130 -12.37 2.86 14.15
N CYS K 131 -12.89 3.19 12.97
CA CYS K 131 -13.83 4.30 12.84
C CYS K 131 -15.28 3.89 13.12
N VAL K 132 -15.47 2.76 13.81
CA VAL K 132 -16.81 2.30 14.14
C VAL K 132 -17.37 3.18 15.26
N THR K 133 -18.71 3.26 15.33
CA THR K 133 -19.37 4.08 16.34
C THR K 133 -19.14 3.48 17.72
N LEU K 134 -18.29 4.12 18.52
CA LEU K 134 -17.99 3.64 19.87
C LEU K 134 -19.14 3.94 20.82
N HIS K 135 -19.22 3.13 21.87
CA HIS K 135 -20.21 3.27 22.92
C HIS K 135 -19.44 3.45 24.23
N CYS K 136 -19.36 4.68 24.72
CA CYS K 136 -18.61 4.97 25.92
C CYS K 136 -19.50 5.54 27.02
N THR K 137 -19.12 5.23 28.26
CA THR K 137 -19.81 5.69 29.46
C THR K 137 -18.76 6.20 30.42
N ASN K 138 -19.21 6.63 31.60
CA ASN K 138 -18.28 7.12 32.61
C ASN K 138 -17.49 5.98 33.23
N VAL K 139 -16.30 6.31 33.73
CA VAL K 139 -15.46 5.29 34.34
C VAL K 139 -15.96 4.98 35.75
N THR K 140 -15.57 3.80 36.24
CA THR K 140 -15.97 3.36 37.57
C THR K 140 -14.99 3.84 38.63
N ASP K 147 -11.10 16.46 39.17
CA ASP K 147 -12.20 15.72 38.53
C ASP K 147 -11.78 14.30 38.11
N ARG K 148 -12.78 13.44 37.93
CA ARG K 148 -12.51 12.06 37.52
C ARG K 148 -13.32 11.64 36.31
N GLU K 149 -13.88 12.57 35.54
CA GLU K 149 -14.67 12.26 34.36
C GLU K 149 -13.91 12.45 33.06
N GLU K 150 -12.58 12.50 33.12
CA GLU K 150 -11.79 12.69 31.90
C GLU K 150 -11.75 11.43 31.04
N LEU K 151 -11.59 10.27 31.66
CA LEU K 151 -11.54 9.00 30.95
C LEU K 151 -12.95 8.46 30.73
N LYS K 152 -13.11 7.70 29.64
CA LYS K 152 -14.39 7.10 29.28
C LYS K 152 -14.17 5.63 28.96
N ASN K 153 -15.03 4.77 29.49
CA ASN K 153 -14.94 3.34 29.23
C ASN K 153 -15.74 3.03 27.98
N CYS K 154 -15.05 2.87 26.86
CA CYS K 154 -15.67 2.62 25.57
C CYS K 154 -15.82 1.13 25.27
N SER K 155 -16.81 0.82 24.43
CA SER K 155 -17.11 -0.52 23.98
C SER K 155 -17.52 -0.43 22.52
N PHE K 156 -16.91 -1.23 21.66
CA PHE K 156 -17.21 -1.17 20.24
C PHE K 156 -16.95 -2.51 19.56
N ASN K 157 -17.47 -2.64 18.35
CA ASN K 157 -17.29 -3.84 17.56
C ASN K 157 -16.02 -3.70 16.73
N MET K 158 -15.40 -4.85 16.42
CA MET K 158 -14.18 -4.83 15.63
C MET K 158 -14.02 -6.18 14.94
N THR K 159 -13.55 -6.11 13.69
CA THR K 159 -13.33 -7.33 12.92
C THR K 159 -12.12 -8.08 13.46
N THR K 160 -12.28 -9.38 13.66
CA THR K 160 -11.23 -10.23 14.17
C THR K 160 -10.35 -10.71 13.02
N GLU K 161 -9.42 -11.64 13.33
CA GLU K 161 -8.55 -12.17 12.30
C GLU K 161 -9.33 -12.95 11.24
N LEU K 162 -10.45 -13.55 11.64
CA LEU K 162 -11.30 -14.25 10.70
C LEU K 162 -12.08 -13.22 9.91
N ARG K 163 -12.08 -13.35 8.57
CA ARG K 163 -12.77 -12.36 7.75
C ARG K 163 -14.28 -12.46 7.88
N ASP K 164 -14.80 -13.63 8.27
CA ASP K 164 -16.24 -13.83 8.41
C ASP K 164 -16.72 -13.65 9.85
N LYS K 165 -15.84 -13.26 10.77
CA LYS K 165 -16.23 -13.07 12.15
C LYS K 165 -15.70 -11.74 12.66
N ARG K 166 -16.23 -11.31 13.80
CA ARG K 166 -15.84 -10.06 14.43
C ARG K 166 -15.59 -10.30 15.92
N GLN K 167 -15.18 -9.25 16.62
CA GLN K 167 -14.92 -9.35 18.05
C GLN K 167 -15.38 -8.08 18.75
N LYS K 168 -15.82 -8.23 20.00
CA LYS K 168 -16.28 -7.14 20.83
C LYS K 168 -15.25 -6.90 21.92
N VAL K 169 -14.67 -5.70 21.94
CA VAL K 169 -13.65 -5.35 22.92
C VAL K 169 -14.07 -4.10 23.67
N TYR K 170 -13.28 -3.76 24.68
CA TYR K 170 -13.52 -2.58 25.51
C TYR K 170 -12.17 -1.94 25.79
N SER K 171 -12.15 -0.62 25.84
CA SER K 171 -10.92 0.10 26.09
C SER K 171 -11.24 1.49 26.63
N LEU K 172 -10.24 2.14 27.20
CA LEU K 172 -10.38 3.47 27.77
C LEU K 172 -9.82 4.51 26.82
N PHE K 173 -10.55 5.60 26.64
CA PHE K 173 -10.14 6.70 25.78
C PHE K 173 -10.41 8.01 26.48
N TYR K 174 -9.57 9.00 26.19
CA TYR K 174 -9.74 10.31 26.78
C TYR K 174 -10.88 11.07 26.10
N ARG K 175 -11.43 12.05 26.82
CA ARG K 175 -12.53 12.83 26.27
C ARG K 175 -12.06 13.71 25.11
N LEU K 176 -10.81 14.16 25.15
CA LEU K 176 -10.27 15.01 24.09
C LEU K 176 -10.21 14.29 22.74
N ASP K 177 -9.91 12.99 22.75
CA ASP K 177 -9.86 12.20 21.53
C ASP K 177 -11.18 11.51 21.23
N ILE K 178 -12.28 12.02 21.78
CA ILE K 178 -13.60 11.43 21.61
C ILE K 178 -14.55 12.53 21.15
N VAL K 179 -15.27 12.27 20.06
CA VAL K 179 -16.22 13.22 19.49
C VAL K 179 -17.54 12.50 19.20
N PRO K 180 -18.67 12.98 19.73
CA PRO K 180 -19.95 12.32 19.46
C PRO K 180 -20.45 12.61 18.06
N ILE K 181 -21.37 11.76 17.59
CA ILE K 181 -21.93 11.97 16.26
C ILE K 181 -22.80 13.22 16.25
N ASN K 182 -23.60 13.43 17.29
CA ASN K 182 -24.46 14.58 17.45
C ASN K 182 -24.42 15.00 18.92
N GLU K 183 -24.93 16.19 19.20
CA GLU K 183 -24.91 16.69 20.58
C GLU K 183 -26.22 16.41 21.32
N ASN K 184 -27.03 15.47 20.86
CA ASN K 184 -28.29 15.20 21.54
C ASN K 184 -28.46 13.74 21.95
N GLN K 185 -27.95 12.78 21.15
CA GLN K 185 -28.11 11.36 21.48
C GLN K 185 -27.43 11.00 22.79
N GLY K 186 -26.10 11.05 22.82
CA GLY K 186 -25.37 10.71 24.02
C GLY K 186 -25.12 9.22 24.10
N SER K 187 -23.90 8.85 24.54
CA SER K 187 -23.29 7.53 24.72
C SER K 187 -22.74 6.95 23.42
N GLU K 188 -22.88 7.60 22.27
CA GLU K 188 -22.30 7.11 21.02
C GLU K 188 -21.29 8.15 20.60
N TYR K 189 -20.04 7.73 20.39
CA TYR K 189 -18.99 8.66 20.01
C TYR K 189 -18.12 8.06 18.92
N ARG K 190 -17.25 8.91 18.38
CA ARG K 190 -16.30 8.54 17.33
C ARG K 190 -14.93 9.09 17.70
N LEU K 191 -13.95 8.77 16.88
CA LEU K 191 -12.60 9.29 17.10
C LEU K 191 -12.55 10.73 16.61
N ILE K 192 -11.63 11.51 17.20
CA ILE K 192 -11.51 12.91 16.79
C ILE K 192 -11.00 13.02 15.36
N ASN K 193 -10.14 12.09 14.94
CA ASN K 193 -9.60 12.10 13.58
C ASN K 193 -10.11 10.86 12.85
N CYS K 194 -11.31 10.98 12.32
CA CYS K 194 -11.97 9.94 11.55
C CYS K 194 -12.50 10.49 10.23
N ASN K 195 -12.97 11.74 10.21
CA ASN K 195 -13.47 12.37 9.01
C ASN K 195 -12.39 13.19 8.30
N THR K 196 -11.17 13.17 8.82
CA THR K 196 -10.04 13.88 8.25
C THR K 196 -9.03 12.94 7.60
N SER K 197 -8.68 11.85 8.29
CA SER K 197 -7.74 10.83 7.84
C SER K 197 -7.76 9.69 8.85
N ALA K 198 -7.08 8.61 8.50
CA ALA K 198 -6.96 7.44 9.35
C ALA K 198 -5.59 7.48 10.02
N CYS K 199 -5.58 7.43 11.35
CA CYS K 199 -4.33 7.48 12.09
C CYS K 199 -3.56 6.17 11.93
N THR K 200 -2.27 6.23 12.26
CA THR K 200 -1.38 5.08 12.19
C THR K 200 -0.82 4.81 13.59
N GLN K 201 -0.98 3.57 14.05
CA GLN K 201 -0.48 3.21 15.37
C GLN K 201 1.03 3.12 15.35
N ALA K 202 1.68 3.76 16.32
CA ALA K 202 3.13 3.72 16.37
C ALA K 202 3.60 2.33 16.75
N CYS K 203 4.67 1.88 16.10
CA CYS K 203 5.23 0.56 16.35
C CYS K 203 5.81 0.50 17.76
N PRO K 204 5.43 -0.49 18.57
CA PRO K 204 5.98 -0.58 19.94
C PRO K 204 7.47 -0.89 19.99
N LYS K 205 8.04 -1.39 18.90
CA LYS K 205 9.46 -1.72 18.87
C LYS K 205 10.36 -0.48 18.87
N VAL K 206 9.82 0.69 18.53
CA VAL K 206 10.60 1.92 18.50
C VAL K 206 10.12 2.81 19.64
N SER K 207 10.99 3.72 20.07
CA SER K 207 10.70 4.64 21.15
C SER K 207 10.88 6.09 20.70
N PHE K 208 10.19 6.99 21.40
CA PHE K 208 10.24 8.41 21.09
C PHE K 208 11.25 9.16 21.97
N GLU K 209 12.31 8.49 22.38
CA GLU K 209 13.32 9.14 23.21
C GLU K 209 14.07 10.18 22.37
N PRO K 210 14.21 11.41 22.85
CA PRO K 210 14.92 12.43 22.07
C PRO K 210 16.42 12.18 22.01
N ILE K 211 16.82 11.24 21.16
CA ILE K 211 18.24 10.92 21.00
C ILE K 211 18.94 12.08 20.32
N PRO K 212 20.06 12.59 20.86
CA PRO K 212 20.74 13.70 20.22
C PRO K 212 21.37 13.30 18.90
N ILE K 213 21.20 14.15 17.89
CA ILE K 213 21.72 13.90 16.55
C ILE K 213 22.60 15.09 16.16
N HIS K 214 23.69 14.81 15.48
CA HIS K 214 24.61 15.84 15.03
C HIS K 214 24.41 16.06 13.54
N TYR K 215 24.05 17.28 13.16
CA TYR K 215 23.81 17.63 11.76
C TYR K 215 25.14 17.96 11.11
N CYS K 216 25.76 16.97 10.48
CA CYS K 216 27.04 17.15 9.81
C CYS K 216 26.84 17.73 8.41
N ALA K 217 27.87 18.44 7.95
CA ALA K 217 27.88 19.05 6.64
C ALA K 217 28.64 18.16 5.66
N PRO K 218 28.24 18.13 4.39
CA PRO K 218 28.95 17.28 3.42
C PRO K 218 30.35 17.82 3.14
N ALA K 219 31.11 17.03 2.40
CA ALA K 219 32.47 17.41 2.04
C ALA K 219 32.44 18.66 1.17
N GLY K 220 33.28 19.63 1.52
CA GLY K 220 33.33 20.90 0.83
C GLY K 220 32.49 21.97 1.48
N PHE K 221 31.70 21.60 2.48
CA PHE K 221 30.83 22.50 3.24
C PHE K 221 31.23 22.45 4.71
N ALA K 222 30.87 23.50 5.44
CA ALA K 222 31.20 23.56 6.85
C ALA K 222 30.12 24.34 7.58
N ILE K 223 30.11 24.19 8.90
CA ILE K 223 29.15 24.86 9.78
C ILE K 223 29.92 25.80 10.68
N LEU K 224 29.57 27.09 10.65
CA LEU K 224 30.23 28.09 11.48
C LEU K 224 29.50 28.24 12.80
N LYS K 225 30.24 28.36 13.90
CA LYS K 225 29.69 28.49 15.23
C LYS K 225 30.11 29.85 15.81
N CYS K 226 29.15 30.53 16.45
CA CYS K 226 29.39 31.83 17.07
C CYS K 226 29.54 31.67 18.57
N LYS K 227 30.75 31.88 19.07
CA LYS K 227 31.03 31.76 20.50
C LYS K 227 30.94 33.09 21.24
N ASP K 228 30.18 34.04 20.72
CA ASP K 228 30.04 35.33 21.40
C ASP K 228 29.20 35.18 22.66
N GLU K 229 29.61 35.85 23.72
CA GLU K 229 28.88 35.78 24.98
C GLU K 229 27.60 36.60 24.90
N GLY K 230 26.47 35.94 25.11
CA GLY K 230 25.19 36.63 25.05
C GLY K 230 24.80 37.12 23.67
N PHE K 231 25.06 36.31 22.63
CA PHE K 231 24.71 36.70 21.27
C PHE K 231 23.20 36.56 21.10
N ASN K 232 22.57 37.59 20.54
CA ASN K 232 21.12 37.59 20.36
C ASN K 232 20.64 36.85 19.12
N GLY K 233 21.54 36.30 18.30
CA GLY K 233 21.14 35.55 17.12
C GLY K 233 21.01 36.34 15.84
N THR K 234 21.22 37.66 15.85
CA THR K 234 21.11 38.45 14.63
C THR K 234 22.17 39.53 14.65
N GLY K 235 22.96 39.58 13.58
CA GLY K 235 24.02 40.56 13.44
C GLY K 235 25.37 39.93 13.21
N LEU K 236 26.40 40.72 13.47
CA LEU K 236 27.79 40.28 13.31
C LEU K 236 28.29 39.66 14.60
N CYS K 237 28.98 38.53 14.47
CA CYS K 237 29.53 37.82 15.62
C CYS K 237 31.02 38.13 15.74
N LYS K 238 31.44 38.49 16.94
CA LYS K 238 32.84 38.85 17.20
C LYS K 238 33.69 37.67 17.68
N ASN K 239 33.13 36.48 17.79
CA ASN K 239 33.89 35.31 18.24
C ASN K 239 33.29 34.13 17.49
N VAL K 240 33.87 33.83 16.32
CA VAL K 240 33.39 32.78 15.46
C VAL K 240 34.30 31.56 15.52
N SER K 241 33.69 30.38 15.42
CA SER K 241 34.38 29.09 15.44
C SER K 241 33.78 28.25 14.32
N THR K 242 34.53 27.24 13.88
CA THR K 242 34.04 26.37 12.82
C THR K 242 34.11 24.92 13.28
N VAL K 243 33.20 24.11 12.72
CA VAL K 243 33.11 22.70 13.06
C VAL K 243 32.42 21.96 11.92
N GLN K 244 32.79 20.70 11.72
CA GLN K 244 32.19 19.90 10.65
C GLN K 244 30.79 19.43 11.01
N CYS K 245 30.54 19.14 12.28
CA CYS K 245 29.23 18.68 12.73
C CYS K 245 28.78 19.47 13.94
N THR K 246 27.46 19.69 14.03
CA THR K 246 26.90 20.42 15.15
C THR K 246 26.92 19.56 16.41
N HIS K 247 26.58 20.19 17.53
CA HIS K 247 26.58 19.46 18.80
C HIS K 247 25.32 18.60 18.93
N GLY K 248 25.12 18.07 20.12
CA GLY K 248 23.97 17.22 20.39
C GLY K 248 22.64 17.93 20.29
N ILE K 249 21.91 17.70 19.21
CA ILE K 249 20.61 18.32 19.00
C ILE K 249 19.53 17.28 19.27
N LYS K 250 18.76 17.49 20.34
CA LYS K 250 17.69 16.58 20.69
C LYS K 250 16.41 17.07 20.03
N PRO K 251 15.85 16.33 19.07
CA PRO K 251 14.62 16.80 18.41
C PRO K 251 13.36 16.54 19.22
N VAL K 252 13.27 17.11 20.41
CA VAL K 252 12.11 16.96 21.26
C VAL K 252 11.04 17.94 20.80
N VAL K 253 9.78 17.49 20.81
CA VAL K 253 8.67 18.33 20.39
C VAL K 253 8.14 19.06 21.62
N SER K 254 8.22 20.39 21.61
CA SER K 254 7.77 21.17 22.74
C SER K 254 7.10 22.45 22.26
N THR K 255 6.09 22.89 23.01
CA THR K 255 5.34 24.09 22.71
C THR K 255 5.30 25.00 23.93
N GLN K 256 5.57 26.29 23.71
CA GLN K 256 5.58 27.39 24.67
C GLN K 256 6.72 27.33 25.69
N LEU K 257 7.44 26.22 25.74
CA LEU K 257 8.54 26.03 26.67
C LEU K 257 9.59 25.18 25.98
N LEU K 258 10.87 25.51 26.19
CA LEU K 258 11.95 24.74 25.60
C LEU K 258 12.46 23.75 26.65
N LEU K 259 12.29 22.47 26.40
CA LEU K 259 12.70 21.41 27.31
C LEU K 259 13.98 20.76 26.82
N ASN K 260 14.92 20.53 27.76
CA ASN K 260 16.21 19.90 27.50
C ASN K 260 17.02 20.66 26.45
N GLY K 261 16.86 21.99 26.40
CA GLY K 261 17.57 22.79 25.43
C GLY K 261 18.94 23.23 25.94
N SER K 262 19.57 24.08 25.15
CA SER K 262 20.90 24.59 25.51
C SER K 262 20.77 25.81 26.41
N LEU K 263 21.45 25.76 27.55
CA LEU K 263 21.42 26.85 28.51
C LEU K 263 22.25 28.04 28.01
N ALA K 264 21.91 29.21 28.50
CA ALA K 264 22.61 30.43 28.11
C ALA K 264 24.00 30.45 28.75
N GLU K 265 24.86 31.33 28.22
CA GLU K 265 26.23 31.45 28.71
C GLU K 265 26.34 32.29 29.97
N LYS K 266 25.96 33.56 29.91
CA LYS K 266 26.06 34.44 31.06
C LYS K 266 24.80 35.20 31.44
N ASN K 267 23.99 35.65 30.49
CA ASN K 267 22.79 36.39 30.85
C ASN K 267 21.61 35.91 30.01
N ILE K 268 20.43 36.35 30.41
CA ILE K 268 19.20 36.01 29.71
C ILE K 268 19.20 36.71 28.36
N THR K 269 19.06 35.93 27.29
CA THR K 269 19.08 36.46 25.94
C THR K 269 17.71 36.37 25.28
N ILE K 270 17.29 37.47 24.66
CA ILE K 270 16.02 37.57 23.96
C ILE K 270 16.33 37.60 22.47
N ARG K 271 15.70 36.70 21.72
CA ARG K 271 15.96 36.59 20.28
C ARG K 271 14.68 36.86 19.49
N SER K 272 14.79 37.78 18.52
CA SER K 272 13.69 38.18 17.64
C SER K 272 14.27 39.04 16.53
N GLU K 273 13.72 38.91 15.32
CA GLU K 273 14.21 39.72 14.21
C GLU K 273 13.71 41.16 14.33
N ASN K 274 12.57 41.36 14.99
CA ASN K 274 12.01 42.70 15.19
C ASN K 274 11.25 42.62 16.52
N ILE K 275 11.91 43.07 17.59
CA ILE K 275 11.29 43.04 18.92
C ILE K 275 10.10 43.98 18.99
N THR K 276 10.15 45.08 18.23
CA THR K 276 9.04 46.03 18.24
C THR K 276 7.83 45.50 17.48
N ASN K 277 8.05 44.61 16.50
CA ASN K 277 6.95 44.06 15.73
C ASN K 277 6.14 43.11 16.61
N ASN K 278 4.83 43.33 16.65
CA ASN K 278 3.96 42.49 17.47
C ASN K 278 3.60 41.17 16.79
N ALA K 279 3.72 41.09 15.46
CA ALA K 279 3.39 39.87 14.74
C ALA K 279 4.53 38.85 14.75
N LYS K 280 5.70 39.22 15.23
CA LYS K 280 6.83 38.31 15.26
C LYS K 280 6.93 37.60 16.61
N ILE K 281 7.34 36.34 16.57
CA ILE K 281 7.49 35.53 17.78
C ILE K 281 8.74 35.99 18.53
N ILE K 282 8.77 35.74 19.84
CA ILE K 282 9.89 36.12 20.69
C ILE K 282 10.43 34.86 21.36
N ILE K 283 11.73 34.63 21.23
CA ILE K 283 12.42 33.48 21.83
C ILE K 283 13.36 34.00 22.90
N VAL K 284 13.26 33.42 24.10
CA VAL K 284 14.07 33.82 25.23
C VAL K 284 14.87 32.60 25.70
N GLN K 285 16.01 32.84 26.34
CA GLN K 285 16.88 31.80 26.87
C GLN K 285 17.16 32.07 28.34
N LEU K 286 17.35 31.02 29.12
CA LEU K 286 17.60 31.13 30.55
C LEU K 286 18.99 30.62 30.90
N VAL K 287 19.53 31.13 32.01
CA VAL K 287 20.85 30.72 32.46
C VAL K 287 20.77 29.61 33.51
N GLN K 288 19.62 29.48 34.19
CA GLN K 288 19.43 28.46 35.21
C GLN K 288 18.44 27.43 34.74
N PRO K 289 18.79 26.15 34.72
CA PRO K 289 17.84 25.13 34.27
C PRO K 289 16.70 24.91 35.26
N VAL K 290 15.53 25.42 34.92
CA VAL K 290 14.35 25.29 35.78
C VAL K 290 13.86 23.85 35.68
N THR K 291 13.95 23.10 36.77
CA THR K 291 13.52 21.72 36.77
C THR K 291 12.00 21.62 36.84
N ILE K 292 11.47 20.51 36.34
CA ILE K 292 10.04 20.23 36.34
C ILE K 292 9.85 18.72 36.45
N LYS K 293 8.92 18.30 37.31
CA LYS K 293 8.65 16.89 37.52
C LYS K 293 7.24 16.57 37.06
N CYS K 294 7.13 15.85 35.94
CA CYS K 294 5.84 15.47 35.37
C CYS K 294 5.70 13.96 35.48
N ILE K 295 4.60 13.52 36.08
CA ILE K 295 4.33 12.10 36.27
C ILE K 295 2.95 11.77 35.70
N ARG K 296 2.73 10.46 35.52
CA ARG K 296 1.48 9.92 35.02
C ARG K 296 1.03 8.95 36.11
N PRO K 297 0.27 9.42 37.08
CA PRO K 297 -0.15 8.55 38.19
C PRO K 297 -1.07 7.40 37.80
N ASN K 298 -1.73 7.46 36.65
CA ASN K 298 -2.62 6.37 36.25
C ASN K 298 -1.81 5.15 35.86
N ASN K 299 -2.16 4.01 36.43
CA ASN K 299 -1.49 2.73 36.17
C ASN K 299 -2.36 1.94 35.20
N TYR K 300 -2.12 2.14 33.91
CA TYR K 300 -2.88 1.46 32.87
C TYR K 300 -2.32 0.06 32.61
N THR K 301 -3.17 -0.79 32.05
CA THR K 301 -2.81 -2.16 31.71
C THR K 301 -2.84 -2.26 30.20
N ARG K 302 -1.70 -2.52 29.59
CA ARG K 302 -1.63 -2.63 28.13
C ARG K 302 -2.23 -3.95 27.68
N LYS K 303 -3.16 -3.88 26.73
CA LYS K 303 -3.81 -5.06 26.17
C LYS K 303 -3.66 -5.01 24.66
N SER K 304 -3.64 -6.18 24.04
CA SER K 304 -3.48 -6.30 22.61
C SER K 304 -4.64 -7.08 22.00
N ILE K 305 -5.24 -6.51 20.96
CA ILE K 305 -6.35 -7.12 20.24
C ILE K 305 -5.96 -7.17 18.76
N ARG K 306 -6.32 -8.27 18.09
CA ARG K 306 -5.99 -8.44 16.68
C ARG K 306 -7.15 -7.93 15.82
N ILE K 307 -6.93 -6.80 15.16
CA ILE K 307 -7.97 -6.23 14.30
C ILE K 307 -7.95 -6.84 12.91
N GLY K 308 -6.92 -7.63 12.60
CA GLY K 308 -6.80 -8.27 11.31
C GLY K 308 -5.71 -9.31 11.29
N PRO K 309 -5.56 -10.02 10.18
CA PRO K 309 -4.52 -11.04 10.08
C PRO K 309 -3.12 -10.44 10.09
N GLY K 310 -2.37 -10.73 11.14
CA GLY K 310 -1.02 -10.23 11.26
C GLY K 310 -0.87 -8.80 11.75
N GLN K 311 -1.86 -8.28 12.45
CA GLN K 311 -1.79 -6.91 12.95
C GLN K 311 -2.53 -6.84 14.28
N ALA K 312 -2.03 -6.00 15.18
CA ALA K 312 -2.61 -5.84 16.51
C ALA K 312 -2.79 -4.37 16.85
N PHE K 313 -3.70 -4.12 17.79
CA PHE K 313 -4.01 -2.78 18.27
C PHE K 313 -3.84 -2.75 19.78
N TYR K 314 -3.20 -1.71 20.29
CA TYR K 314 -2.94 -1.57 21.71
C TYR K 314 -3.79 -0.46 22.31
N ALA K 315 -4.30 -0.69 23.52
CA ALA K 315 -5.13 0.28 24.22
C ALA K 315 -5.09 -0.03 25.70
N MET K 316 -5.68 0.86 26.50
CA MET K 316 -5.71 0.69 27.95
C MET K 316 -6.85 -0.23 28.35
N GLY K 317 -6.53 -1.25 29.16
CA GLY K 317 -7.53 -2.19 29.63
C GLY K 317 -8.31 -1.64 30.81
N ASP K 318 -7.61 -1.37 31.91
CA ASP K 318 -8.22 -0.83 33.11
C ASP K 318 -7.18 -0.02 33.87
N ILE K 319 -7.55 0.46 35.05
CA ILE K 319 -6.70 1.28 35.89
C ILE K 319 -6.56 0.62 37.26
N ILE K 320 -5.32 0.44 37.71
CA ILE K 320 -5.04 -0.16 39.00
C ILE K 320 -5.05 0.93 40.06
N GLY K 321 -5.91 0.78 41.06
CA GLY K 321 -6.02 1.76 42.11
C GLY K 321 -7.22 2.68 41.99
N ASP K 322 -6.98 3.95 41.73
CA ASP K 322 -8.05 4.92 41.59
C ASP K 322 -7.67 5.96 40.55
N ILE K 323 -8.61 6.87 40.27
CA ILE K 323 -8.37 7.91 39.28
C ILE K 323 -7.56 9.03 39.91
N ARG K 324 -6.45 9.39 39.27
CA ARG K 324 -5.59 10.45 39.75
C ARG K 324 -5.25 11.36 38.58
N GLN K 325 -5.47 12.66 38.76
CA GLN K 325 -5.21 13.62 37.70
C GLN K 325 -3.71 13.83 37.51
N ALA K 326 -3.28 13.78 36.24
CA ALA K 326 -1.87 13.99 35.93
C ALA K 326 -1.52 15.46 36.09
N HIS K 327 -0.37 15.73 36.71
CA HIS K 327 0.06 17.11 36.93
C HIS K 327 1.58 17.17 36.87
N CYS K 328 2.09 18.40 37.05
CA CYS K 328 3.52 18.66 37.04
C CYS K 328 3.86 19.59 38.20
N ASN K 329 5.11 19.52 38.64
CA ASN K 329 5.60 20.32 39.74
C ASN K 329 6.77 21.19 39.29
N VAL K 330 6.90 22.35 39.93
CA VAL K 330 7.97 23.30 39.64
C VAL K 330 8.17 24.20 40.86
N SER K 331 9.41 24.54 41.14
CA SER K 331 9.73 25.40 42.27
C SER K 331 9.28 26.81 41.96
N ARG K 332 8.38 27.36 42.78
CA ARG K 332 7.85 28.71 42.55
C ARG K 332 8.93 29.77 42.76
N SER K 333 9.84 29.56 43.71
CA SER K 333 10.88 30.55 43.99
C SER K 333 11.80 30.74 42.78
N ARG K 334 12.37 29.65 42.27
CA ARG K 334 13.27 29.73 41.13
C ARG K 334 12.53 30.20 39.88
N TRP K 335 11.30 29.72 39.69
CA TRP K 335 10.51 30.10 38.51
C TRP K 335 10.22 31.59 38.49
N ASN K 336 9.68 32.14 39.60
CA ASN K 336 9.42 33.57 39.50
C ASN K 336 10.69 34.41 39.64
N LYS K 337 11.80 33.82 40.14
CA LYS K 337 13.05 34.56 40.15
C LYS K 337 13.53 34.74 38.72
N THR K 338 13.45 33.66 37.93
CA THR K 338 13.81 33.73 36.52
C THR K 338 12.84 34.63 35.78
N LEU K 339 11.57 34.66 36.21
CA LEU K 339 10.60 35.55 35.58
C LEU K 339 10.97 37.00 35.86
N GLN K 340 11.49 37.28 37.05
CA GLN K 340 11.94 38.63 37.39
C GLN K 340 13.13 39.02 36.53
N GLU K 341 14.04 38.07 36.31
CA GLU K 341 15.20 38.34 35.45
C GLU K 341 14.76 38.60 34.01
N VAL K 342 13.77 37.84 33.52
CA VAL K 342 13.27 38.04 32.17
C VAL K 342 12.58 39.39 32.06
N ALA K 343 11.85 39.79 33.10
CA ALA K 343 11.17 41.08 33.11
C ALA K 343 12.16 42.23 33.09
N GLU K 344 13.22 42.14 33.92
CA GLU K 344 14.20 43.22 33.91
C GLU K 344 15.01 43.21 32.63
N LYS K 345 15.14 42.06 31.96
CA LYS K 345 15.84 42.03 30.69
C LYS K 345 14.99 42.66 29.60
N LEU K 346 13.67 42.41 29.65
CA LEU K 346 12.74 43.00 28.69
C LEU K 346 12.58 44.49 28.93
N ARG K 347 12.88 44.95 30.15
CA ARG K 347 12.79 46.37 30.47
C ARG K 347 13.79 47.20 29.68
N THR K 348 14.86 46.58 29.18
CA THR K 348 15.86 47.32 28.42
C THR K 348 15.37 47.65 27.01
N TYR K 349 14.39 46.91 26.51
CA TYR K 349 13.86 47.14 25.16
C TYR K 349 12.58 47.96 25.15
N PHE K 350 11.75 47.85 26.19
CA PHE K 350 10.49 48.58 26.24
C PHE K 350 10.54 49.78 27.19
N GLY K 351 11.73 50.20 27.61
CA GLY K 351 11.83 51.33 28.52
C GLY K 351 11.37 50.98 29.92
N ASN K 352 11.02 52.02 30.67
CA ASN K 352 10.56 51.88 32.05
C ASN K 352 9.16 51.24 32.18
N LYS K 353 8.56 50.69 31.12
CA LYS K 353 7.24 50.08 31.25
C LYS K 353 7.33 48.78 32.05
N THR K 354 6.21 48.43 32.67
CA THR K 354 6.11 47.23 33.49
C THR K 354 5.69 46.05 32.62
N ILE K 355 6.24 44.87 32.92
CA ILE K 355 5.95 43.66 32.17
C ILE K 355 4.91 42.83 32.91
N ILE K 356 3.85 42.44 32.21
CA ILE K 356 2.77 41.65 32.77
C ILE K 356 2.61 40.38 31.94
N PHE K 357 2.53 39.23 32.61
CA PHE K 357 2.36 37.94 31.96
C PHE K 357 0.96 37.40 32.20
N ALA K 358 0.28 37.03 31.12
CA ALA K 358 -1.06 36.47 31.18
C ALA K 358 -1.03 35.09 30.53
N ASN K 359 -2.14 34.36 30.65
CA ASN K 359 -2.18 33.04 30.04
C ASN K 359 -2.47 33.15 28.54
N SER K 360 -2.74 32.00 27.93
CA SER K 360 -3.02 31.96 26.50
C SER K 360 -4.32 32.69 26.18
N SER K 361 -4.37 33.29 24.99
CA SER K 361 -5.56 34.02 24.56
C SER K 361 -6.72 33.07 24.29
N GLY K 362 -6.44 31.94 23.65
CA GLY K 362 -7.46 30.97 23.35
C GLY K 362 -7.32 30.46 21.93
N GLY K 363 -7.95 29.31 21.68
CA GLY K 363 -7.90 28.70 20.37
C GLY K 363 -7.72 27.20 20.40
N ASP K 364 -6.76 26.70 19.62
CA ASP K 364 -6.51 25.27 19.58
C ASP K 364 -5.81 24.81 20.85
N LEU K 365 -5.98 23.52 21.17
CA LEU K 365 -5.37 22.97 22.37
C LEU K 365 -3.85 22.83 22.22
N GLU K 366 -3.38 22.60 20.99
CA GLU K 366 -1.95 22.44 20.74
C GLU K 366 -1.16 23.74 20.92
N ILE K 367 -1.78 24.89 20.64
CA ILE K 367 -1.08 26.17 20.76
C ILE K 367 -1.29 26.86 22.11
N THR K 368 -2.41 26.60 22.78
CA THR K 368 -2.69 27.22 24.07
C THR K 368 -2.14 26.43 25.25
N THR K 369 -1.66 25.21 25.03
CA THR K 369 -1.12 24.38 26.09
C THR K 369 0.28 23.92 25.72
N HIS K 370 1.09 23.68 26.75
CA HIS K 370 2.46 23.22 26.58
C HIS K 370 2.46 21.71 26.38
N SER K 371 2.96 21.26 25.23
CA SER K 371 3.01 19.84 24.91
C SER K 371 4.44 19.32 24.92
N PHE K 372 4.56 18.04 25.24
CA PHE K 372 5.84 17.34 25.29
C PHE K 372 5.55 15.85 25.31
N ASN K 373 6.62 15.04 25.34
CA ASN K 373 6.50 13.59 25.34
C ASN K 373 7.40 13.02 26.43
N CYS K 374 6.95 11.92 27.03
CA CYS K 374 7.70 11.24 28.10
C CYS K 374 7.60 9.73 27.87
N GLY K 375 8.56 9.18 27.12
CA GLY K 375 8.58 7.76 26.85
C GLY K 375 7.43 7.25 26.01
N GLY K 376 6.80 8.12 25.22
CA GLY K 376 5.68 7.74 24.39
C GLY K 376 4.34 8.27 24.81
N GLU K 377 4.26 9.05 25.89
CA GLU K 377 3.01 9.63 26.37
C GLU K 377 3.06 11.13 26.18
N PHE K 378 2.04 11.67 25.51
CA PHE K 378 1.96 13.10 25.25
C PHE K 378 1.17 13.79 26.34
N PHE K 379 1.57 15.02 26.67
CA PHE K 379 0.91 15.81 27.69
C PHE K 379 0.51 17.17 27.14
N TYR K 380 -0.41 17.83 27.83
CA TYR K 380 -0.91 19.14 27.46
C TYR K 380 -1.25 19.87 28.74
N CYS K 381 -0.31 20.66 29.26
CA CYS K 381 -0.48 21.39 30.51
C CYS K 381 -1.03 22.80 30.29
N ASN K 382 -1.89 23.22 31.22
CA ASN K 382 -2.52 24.54 31.17
C ASN K 382 -1.49 25.66 31.23
N THR K 383 -0.54 25.55 32.16
CA THR K 383 0.52 26.53 32.42
C THR K 383 -0.02 27.91 32.76
N SER K 384 -1.24 27.99 33.30
CA SER K 384 -1.82 29.27 33.66
C SER K 384 -1.23 29.83 34.95
N GLY K 385 -0.76 28.97 35.85
CA GLY K 385 -0.17 29.43 37.10
C GLY K 385 1.22 30.00 36.90
N LEU K 386 1.87 29.64 35.80
CA LEU K 386 3.20 30.13 35.51
C LEU K 386 3.21 31.56 34.98
N PHE K 387 2.39 31.85 33.96
CA PHE K 387 2.33 33.18 33.39
C PHE K 387 1.19 33.96 34.04
N ASN K 388 1.26 34.16 35.36
CA ASN K 388 0.23 34.89 36.09
C ASN K 388 0.93 35.70 37.20
N SER K 389 1.34 36.91 36.84
CA SER K 389 2.02 37.84 37.73
C SER K 389 2.26 39.14 36.97
N THR K 390 2.76 40.13 37.71
CA THR K 390 3.10 41.44 37.17
C THR K 390 4.42 41.86 37.81
N TRP K 391 5.23 42.60 37.07
CA TRP K 391 6.54 43.02 37.57
C TRP K 391 6.75 44.50 37.28
N TYR K 392 7.02 45.27 38.33
CA TYR K 392 7.27 46.70 38.23
C TYR K 392 8.76 46.97 38.17
N VAL K 393 9.11 48.25 38.10
CA VAL K 393 10.52 48.65 38.05
C VAL K 393 11.19 48.40 39.38
N ASN K 394 10.52 48.73 40.48
CA ASN K 394 11.05 48.54 41.83
C ASN K 394 10.65 47.20 42.44
N SER K 395 9.96 46.36 41.69
CA SER K 395 9.54 45.06 42.19
C SER K 395 10.73 44.12 42.37
N THR K 396 10.64 43.28 43.40
CA THR K 396 11.68 42.30 43.72
C THR K 396 10.99 41.04 44.20
N TRP K 397 11.46 39.88 43.71
CA TRP K 397 10.84 38.61 44.09
C TRP K 397 11.05 38.31 45.56
N ASN K 398 12.13 38.82 46.16
CA ASN K 398 12.49 38.64 47.57
C ASN K 398 12.60 37.16 47.97
N SER K 406 12.03 25.64 51.85
CA SER K 406 10.61 25.74 51.52
C SER K 406 10.33 25.15 50.14
N ASN K 407 9.29 24.32 50.03
CA ASN K 407 8.96 23.72 48.75
C ASN K 407 8.15 24.67 47.89
N ASP K 408 6.90 24.94 48.30
CA ASP K 408 5.96 25.82 47.61
C ASP K 408 5.83 25.53 46.12
N THR K 409 5.68 24.25 45.77
CA THR K 409 5.58 23.89 44.36
C THR K 409 4.25 24.34 43.75
N ILE K 410 4.24 24.47 42.44
CA ILE K 410 3.06 24.89 41.69
C ILE K 410 2.46 23.68 40.99
N THR K 411 1.17 23.47 41.17
CA THR K 411 0.46 22.35 40.56
C THR K 411 -0.07 22.78 39.20
N LEU K 412 0.41 22.12 38.15
CA LEU K 412 0.02 22.43 36.77
C LEU K 412 -0.83 21.29 36.22
N PRO K 413 -2.14 21.49 36.02
CA PRO K 413 -2.97 20.42 35.48
C PRO K 413 -2.62 20.17 34.01
N CYS K 414 -2.49 18.90 33.65
CA CYS K 414 -2.11 18.53 32.30
C CYS K 414 -3.10 17.52 31.72
N ARG K 415 -3.30 17.59 30.41
CA ARG K 415 -4.18 16.70 29.67
C ARG K 415 -3.35 15.76 28.82
N ILE K 416 -3.86 14.55 28.60
CA ILE K 416 -3.18 13.52 27.84
C ILE K 416 -4.03 13.13 26.64
N LYS K 417 -3.44 13.16 25.44
CA LYS K 417 -4.12 12.79 24.22
C LYS K 417 -3.33 11.70 23.49
N GLN K 418 -4.05 10.74 22.92
CA GLN K 418 -3.45 9.65 22.16
C GLN K 418 -3.45 9.95 20.67
N ILE K 419 -4.51 10.58 20.17
CA ILE K 419 -4.61 10.95 18.76
C ILE K 419 -3.88 12.27 18.58
N ILE K 420 -2.63 12.19 18.20
CA ILE K 420 -1.79 13.38 18.02
C ILE K 420 -1.57 13.66 16.54
N ASN K 421 -1.51 14.96 16.21
CA ASN K 421 -1.29 15.47 14.86
C ASN K 421 -0.15 16.47 14.94
N MET K 422 1.05 16.02 14.58
CA MET K 422 2.20 16.90 14.62
C MET K 422 2.23 17.84 13.42
N TRP K 423 3.08 18.87 13.53
CA TRP K 423 3.33 19.90 12.52
C TRP K 423 2.07 20.61 12.02
N GLN K 424 0.98 20.54 12.77
CA GLN K 424 -0.32 21.15 12.48
C GLN K 424 -0.85 20.80 11.09
N ARG K 425 -0.47 19.65 10.54
CA ARG K 425 -0.93 19.26 9.22
C ARG K 425 -2.31 18.61 9.29
N ALA K 426 -3.10 18.82 8.24
CA ALA K 426 -4.44 18.26 8.16
C ALA K 426 -4.34 16.80 7.74
N GLY K 427 -4.74 15.90 8.61
CA GLY K 427 -4.67 14.49 8.32
C GLY K 427 -3.34 13.88 8.71
N GLN K 428 -3.19 12.59 8.37
CA GLN K 428 -1.99 11.80 8.66
C GLN K 428 -1.66 11.80 10.15
N CYS K 429 -2.68 11.58 10.96
CA CYS K 429 -2.56 11.58 12.41
C CYS K 429 -1.77 10.36 12.89
N MET K 430 -1.41 10.37 14.17
CA MET K 430 -0.65 9.30 14.80
C MET K 430 -1.32 8.94 16.11
N TYR K 431 -1.45 7.65 16.38
CA TYR K 431 -2.07 7.15 17.61
C TYR K 431 -0.95 6.65 18.51
N ALA K 432 -0.74 7.36 19.62
CA ALA K 432 0.31 6.98 20.55
C ALA K 432 -0.12 5.77 21.37
N PRO K 433 0.65 4.68 21.37
CA PRO K 433 0.27 3.52 22.17
C PRO K 433 0.43 3.80 23.65
N PRO K 434 -0.40 3.20 24.50
CA PRO K 434 -0.28 3.44 25.95
C PRO K 434 0.92 2.72 26.54
N ILE K 435 1.67 3.42 27.38
CA ILE K 435 2.84 2.85 28.03
C ILE K 435 2.40 2.23 29.35
N PRO K 436 2.67 0.96 29.59
CA PRO K 436 2.25 0.33 30.86
C PRO K 436 3.03 0.87 32.04
N GLY K 437 2.36 0.92 33.18
CA GLY K 437 2.95 1.41 34.41
C GLY K 437 2.94 2.92 34.52
N VAL K 438 3.44 3.40 35.66
CA VAL K 438 3.53 4.83 35.92
C VAL K 438 4.75 5.41 35.23
N ILE K 439 4.54 6.46 34.44
CA ILE K 439 5.61 7.12 33.70
C ILE K 439 5.92 8.45 34.37
N LYS K 440 7.18 8.65 34.74
CA LYS K 440 7.64 9.87 35.39
C LYS K 440 8.80 10.43 34.58
N CYS K 441 8.85 11.76 34.44
CA CYS K 441 9.92 12.37 33.67
C CYS K 441 10.31 13.70 34.31
N GLU K 442 11.55 14.09 34.06
CA GLU K 442 12.11 15.35 34.54
C GLU K 442 12.76 16.07 33.37
N SER K 443 12.47 17.36 33.23
CA SER K 443 13.01 18.14 32.13
C SER K 443 13.65 19.42 32.65
N ASN K 444 14.57 19.97 31.86
CA ASN K 444 15.28 21.20 32.18
C ASN K 444 14.71 22.32 31.31
N ILE K 445 13.96 23.21 31.92
CA ILE K 445 13.38 24.34 31.18
C ILE K 445 14.49 25.36 30.94
N THR K 446 14.87 25.54 29.67
CA THR K 446 15.92 26.47 29.32
C THR K 446 15.43 27.70 28.56
N GLY K 447 14.24 27.66 27.97
CA GLY K 447 13.73 28.81 27.23
C GLY K 447 12.25 28.70 27.02
N LEU K 448 11.67 29.83 26.59
CA LEU K 448 10.24 29.90 26.34
C LEU K 448 9.98 30.77 25.12
N LEU K 449 8.75 30.69 24.61
CA LEU K 449 8.31 31.45 23.45
C LEU K 449 7.27 32.46 23.93
N LEU K 450 7.42 33.71 23.52
CA LEU K 450 6.53 34.78 23.93
C LEU K 450 5.80 35.39 22.74
N THR K 451 4.66 36.02 23.03
CA THR K 451 3.83 36.70 22.05
C THR K 451 3.22 37.92 22.74
N ARG K 452 3.56 39.10 22.25
CA ARG K 452 3.06 40.34 22.81
C ARG K 452 1.71 40.70 22.19
N ASP K 453 0.84 41.29 23.01
CA ASP K 453 -0.48 41.70 22.57
C ASP K 453 -0.39 42.98 21.74
N GLY K 454 -1.20 43.04 20.68
CA GLY K 454 -1.20 44.20 19.80
C GLY K 454 -1.86 45.43 20.37
N GLY K 455 -1.25 46.03 21.38
CA GLY K 455 -1.78 47.23 22.00
C GLY K 455 -1.35 48.49 21.28
N LYS K 456 -1.72 49.63 21.86
CA LYS K 456 -1.36 50.92 21.28
C LYS K 456 0.06 51.34 21.62
N ASP K 457 0.71 50.63 22.55
CA ASP K 457 2.08 50.81 23.05
C ASP K 457 2.30 52.10 23.83
N ASN K 458 1.30 52.98 23.94
CA ASN K 458 1.49 54.21 24.70
C ASN K 458 1.22 54.03 26.18
N ASN K 459 0.69 52.89 26.59
CA ASN K 459 0.39 52.62 27.99
C ASN K 459 1.66 52.32 28.76
N VAL K 460 1.53 52.30 30.09
CA VAL K 460 2.66 52.01 30.97
C VAL K 460 2.90 50.52 31.12
N ASN K 461 1.98 49.68 30.64
CA ASN K 461 2.13 48.24 30.77
C ASN K 461 1.68 47.54 29.48
N GLU K 462 2.32 46.42 29.19
CA GLU K 462 2.00 45.60 28.03
C GLU K 462 1.96 44.15 28.49
N THR K 463 1.01 43.38 27.97
CA THR K 463 0.85 41.99 28.34
C THR K 463 1.56 41.06 27.36
N PHE K 464 2.06 39.94 27.89
CA PHE K 464 2.74 38.92 27.12
C PHE K 464 2.01 37.60 27.26
N ARG K 465 1.92 36.87 26.16
CA ARG K 465 1.24 35.59 26.10
C ARG K 465 2.25 34.52 25.71
N PRO K 466 2.00 33.25 26.11
CA PRO K 466 2.94 32.17 25.73
C PRO K 466 2.92 31.91 24.23
N GLY K 467 4.03 32.21 23.57
CA GLY K 467 4.13 32.03 22.15
C GLY K 467 4.23 30.58 21.71
N GLY K 468 4.11 30.38 20.42
CA GLY K 468 4.19 29.05 19.84
C GLY K 468 3.61 29.05 18.45
N GLY K 469 3.52 27.85 17.88
CA GLY K 469 2.98 27.68 16.55
C GLY K 469 4.05 27.24 15.56
N ASP K 470 3.70 26.18 14.81
CA ASP K 470 4.48 25.53 13.75
C ASP K 470 5.70 24.77 14.27
N MET K 471 6.00 24.91 15.56
CA MET K 471 7.11 24.31 16.32
C MET K 471 8.46 24.37 15.59
N ARG K 472 8.63 25.34 14.69
CA ARG K 472 9.90 25.50 13.97
C ARG K 472 10.86 26.32 14.80
N ASP K 473 10.31 27.14 15.71
CA ASP K 473 11.14 27.96 16.58
C ASP K 473 11.91 27.09 17.56
N ASN K 474 11.45 25.86 17.80
CA ASN K 474 12.15 24.95 18.67
C ASN K 474 13.52 24.61 18.08
N TRP K 475 13.55 24.33 16.78
CA TRP K 475 14.80 24.04 16.11
C TRP K 475 15.60 25.32 15.89
N ARG K 476 14.88 26.43 15.69
CA ARG K 476 15.54 27.72 15.49
C ARG K 476 16.28 28.17 16.75
N SER K 477 15.76 27.81 17.93
CA SER K 477 16.39 28.17 19.19
C SER K 477 17.65 27.37 19.45
N GLU K 478 17.89 26.31 18.68
CA GLU K 478 19.08 25.48 18.83
C GLU K 478 20.06 25.65 17.67
N LEU K 479 19.59 26.12 16.52
CA LEU K 479 20.44 26.34 15.36
C LEU K 479 20.78 27.81 15.13
N TYR K 480 20.52 28.67 16.13
CA TYR K 480 20.84 30.08 15.98
C TYR K 480 22.34 30.33 15.91
N LYS K 481 23.11 29.54 16.66
CA LYS K 481 24.56 29.63 16.75
C LYS K 481 25.25 29.05 15.52
N TYR K 482 24.52 28.34 14.66
CA TYR K 482 25.10 27.70 13.49
C TYR K 482 24.55 28.28 12.19
N LYS K 483 25.43 28.33 11.19
CA LYS K 483 25.08 28.80 9.85
C LYS K 483 25.79 27.88 8.87
N VAL K 484 25.18 27.68 7.70
CA VAL K 484 25.72 26.80 6.67
C VAL K 484 26.40 27.63 5.59
N VAL K 485 27.63 27.26 5.25
CA VAL K 485 28.43 27.95 4.23
C VAL K 485 28.98 26.93 3.25
N GLU K 486 29.42 27.43 2.10
CA GLU K 486 29.99 26.62 1.04
C GLU K 486 31.41 27.12 0.77
N ILE K 487 32.39 26.25 0.96
CA ILE K 487 33.79 26.61 0.73
C ILE K 487 34.10 26.54 -0.75
N GLU K 488 34.71 27.60 -1.27
CA GLU K 488 35.11 27.70 -2.67
C GLU K 488 36.63 27.62 -2.70
N PRO K 489 37.22 26.46 -2.96
CA PRO K 489 38.69 26.35 -2.96
C PRO K 489 39.38 27.02 -4.14
N LEU K 490 38.64 27.64 -5.05
CA LEU K 490 39.21 28.31 -6.22
C LEU K 490 39.39 29.79 -5.92
N GLY K 491 40.62 30.18 -5.56
CA GLY K 491 40.94 31.54 -5.24
C GLY K 491 41.72 32.20 -6.37
N VAL K 492 41.45 33.49 -6.58
CA VAL K 492 42.10 34.27 -7.63
C VAL K 492 42.85 35.43 -6.97
N ALA K 493 44.15 35.53 -7.25
CA ALA K 493 44.99 36.59 -6.70
C ALA K 493 46.24 36.72 -7.56
N PRO K 494 46.68 37.93 -7.86
CA PRO K 494 47.87 38.12 -8.68
C PRO K 494 49.13 38.29 -7.84
N THR K 495 50.28 38.09 -8.49
CA THR K 495 51.59 38.21 -7.87
C THR K 495 52.62 38.40 -8.97
N ARG K 496 53.84 38.78 -8.56
CA ARG K 496 54.94 38.99 -9.51
C ARG K 496 55.65 37.64 -9.74
N CYS K 497 55.07 36.85 -10.62
CA CYS K 497 55.60 35.54 -10.97
C CYS K 497 56.48 35.65 -12.20
N LYS K 498 56.81 34.49 -12.79
CA LYS K 498 57.64 34.37 -14.00
C LYS K 498 59.03 34.98 -13.79
N ARG K 499 59.68 34.58 -12.70
CA ARG K 499 61.00 35.09 -12.39
C ARG K 499 62.02 33.94 -12.36
N ARG L 8 50.01 24.46 15.29
CA ARG L 8 49.44 24.70 13.97
C ARG L 8 47.92 24.67 14.02
N ARG L 9 47.29 25.50 13.20
CA ARG L 9 45.83 25.55 13.16
C ARG L 9 45.26 24.32 12.47
N GLY L 10 43.98 24.07 12.72
CA GLY L 10 43.31 22.93 12.13
C GLY L 10 42.65 23.25 10.81
N PHE L 11 41.48 22.65 10.56
CA PHE L 11 40.75 22.87 9.32
C PHE L 11 40.09 24.25 9.37
N LEU L 12 40.35 25.07 8.35
CA LEU L 12 39.82 26.42 8.21
C LEU L 12 40.17 27.28 9.43
N GLY L 13 41.42 27.22 9.88
CA GLY L 13 41.85 27.98 11.03
C GLY L 13 42.61 29.25 10.73
N ALA L 14 43.00 29.47 9.48
CA ALA L 14 43.74 30.66 9.08
C ALA L 14 42.95 31.58 8.17
N ALA L 15 41.64 31.72 8.40
CA ALA L 15 40.83 32.59 7.55
C ALA L 15 41.03 34.06 7.88
N GLY L 16 41.22 34.39 9.16
CA GLY L 16 41.40 35.79 9.54
C GLY L 16 42.78 36.33 9.24
N SER L 17 43.75 35.45 9.00
CA SER L 17 45.10 35.88 8.69
C SER L 17 45.16 36.50 7.30
N THR L 18 46.23 37.24 7.05
CA THR L 18 46.42 37.89 5.76
C THR L 18 46.66 36.85 4.66
N MET L 19 46.47 37.29 3.42
CA MET L 19 46.65 36.41 2.27
C MET L 19 48.09 35.91 2.14
N GLY L 20 49.06 36.69 2.64
CA GLY L 20 50.44 36.26 2.56
C GLY L 20 50.76 35.11 3.52
N ALA L 21 49.98 35.00 4.59
CA ALA L 21 50.19 33.95 5.58
C ALA L 21 49.12 32.86 5.55
N ALA L 22 47.95 33.12 4.96
CA ALA L 22 46.90 32.10 4.90
C ALA L 22 47.15 31.06 3.83
N SER L 23 48.13 31.30 2.94
CA SER L 23 48.46 30.37 1.87
C SER L 23 49.46 29.30 2.30
N ILE L 24 49.58 29.05 3.60
CA ILE L 24 50.51 28.06 4.11
C ILE L 24 49.80 26.75 4.46
N THR L 25 48.66 26.83 5.15
CA THR L 25 47.89 25.67 5.57
C THR L 25 46.82 25.24 4.57
N LEU L 26 47.03 25.54 3.27
CA LEU L 26 46.06 25.19 2.23
C LEU L 26 45.85 23.67 2.12
N THR L 27 46.81 22.87 2.57
CA THR L 27 46.67 21.42 2.47
C THR L 27 45.56 20.89 3.38
N VAL L 28 45.28 21.56 4.49
CA VAL L 28 44.22 21.07 5.37
C VAL L 28 42.85 21.29 4.73
N GLN L 29 42.71 22.36 3.93
CA GLN L 29 41.43 22.58 3.26
C GLN L 29 41.33 21.72 2.01
N ALA L 30 42.47 21.45 1.37
CA ALA L 30 42.45 20.60 0.17
C ALA L 30 42.17 19.15 0.52
N ARG L 31 42.66 18.69 1.67
CA ARG L 31 42.45 17.31 2.08
C ARG L 31 41.02 17.06 2.53
N GLN L 32 40.40 18.03 3.21
CA GLN L 32 39.03 17.88 3.71
C GLN L 32 37.96 18.10 2.64
N LEU L 33 38.32 18.08 1.35
CA LEU L 33 37.33 18.28 0.30
C LEU L 33 36.54 17.01 -0.01
N LEU L 34 36.96 15.86 0.53
CA LEU L 34 36.26 14.60 0.29
C LEU L 34 36.02 13.80 1.56
N SER L 35 36.42 14.31 2.73
CA SER L 35 36.21 13.60 3.98
C SER L 35 36.08 14.57 5.15
N GLN L 52 28.29 0.59 9.34
CA GLN L 52 27.12 0.27 8.53
C GLN L 52 27.42 0.41 7.04
N HIS L 53 27.68 -0.71 6.38
CA HIS L 53 27.97 -0.73 4.95
C HIS L 53 26.72 -0.83 4.09
N LEU L 54 25.72 -1.58 4.53
CA LEU L 54 24.48 -1.72 3.77
C LEU L 54 23.66 -0.45 3.87
N LEU L 55 23.16 0.03 2.74
CA LEU L 55 22.35 1.24 2.70
C LEU L 55 20.88 0.86 2.73
N LYS L 56 20.10 1.55 3.57
CA LYS L 56 18.68 1.29 3.69
C LYS L 56 17.87 2.16 2.75
N LEU L 57 18.48 3.23 2.22
CA LEU L 57 17.85 4.18 1.30
C LEU L 57 16.63 4.84 1.94
N GLY L 58 16.73 5.15 3.22
CA GLY L 58 15.65 5.80 3.94
C GLY L 58 15.81 7.30 3.85
N VAL L 59 15.29 8.00 4.86
CA VAL L 59 15.40 9.46 4.89
C VAL L 59 16.85 9.88 5.01
N TRP L 60 17.59 9.24 5.93
CA TRP L 60 19.00 9.56 6.07
C TRP L 60 19.83 8.92 4.97
N GLY L 61 19.39 7.78 4.44
CA GLY L 61 20.13 7.12 3.38
C GLY L 61 20.13 7.91 2.09
N ILE L 62 18.96 8.42 1.70
CA ILE L 62 18.84 9.22 0.48
C ILE L 62 19.63 10.51 0.61
N LYS L 63 19.55 11.16 1.78
CA LYS L 63 20.30 12.39 2.00
C LYS L 63 21.80 12.12 2.02
N GLN L 64 22.21 10.97 2.57
CA GLN L 64 23.63 10.62 2.58
C GLN L 64 24.14 10.40 1.17
N LEU L 65 23.36 9.69 0.34
CA LEU L 65 23.76 9.44 -1.04
C LEU L 65 23.82 10.74 -1.82
N GLN L 66 22.84 11.62 -1.60
CA GLN L 66 22.82 12.91 -2.29
C GLN L 66 23.99 13.77 -1.87
N ALA L 67 24.34 13.74 -0.57
CA ALA L 67 25.47 14.53 -0.07
C ALA L 67 26.77 14.02 -0.66
N ARG L 68 26.93 12.69 -0.74
CA ARG L 68 28.15 12.13 -1.30
C ARG L 68 28.28 12.46 -2.79
N VAL L 69 27.17 12.34 -3.54
CA VAL L 69 27.19 12.65 -4.95
C VAL L 69 27.46 14.14 -5.17
N LEU L 70 26.87 15.00 -4.33
CA LEU L 70 27.09 16.43 -4.45
C LEU L 70 28.53 16.79 -4.12
N ALA L 71 29.13 16.12 -3.14
CA ALA L 71 30.52 16.37 -2.80
C ALA L 71 31.43 15.94 -3.93
N VAL L 72 31.14 14.79 -4.54
CA VAL L 72 31.92 14.30 -5.68
C VAL L 72 31.81 15.27 -6.84
N GLU L 73 30.60 15.75 -7.11
CA GLU L 73 30.37 16.69 -8.21
C GLU L 73 31.08 18.01 -7.94
N ARG L 74 31.07 18.48 -6.68
CA ARG L 74 31.72 19.73 -6.33
C ARG L 74 33.23 19.62 -6.52
N TYR L 75 33.82 18.52 -6.04
CA TYR L 75 35.25 18.32 -6.18
C TYR L 75 35.66 18.19 -7.64
N LEU L 76 34.89 17.43 -8.43
CA LEU L 76 35.23 17.26 -9.84
C LEU L 76 35.00 18.56 -10.61
N ARG L 77 33.98 19.34 -10.23
CA ARG L 77 33.71 20.61 -10.90
C ARG L 77 34.82 21.61 -10.63
N ASP L 78 35.36 21.61 -9.42
CA ASP L 78 36.43 22.55 -9.12
C ASP L 78 37.79 21.97 -9.51
N GLN L 79 37.84 20.69 -9.87
CA GLN L 79 39.10 20.07 -10.26
C GLN L 79 39.27 20.09 -11.77
N GLN L 80 38.16 20.06 -12.53
CA GLN L 80 38.27 20.09 -13.98
C GLN L 80 38.83 21.43 -14.45
N LEU L 81 38.60 22.50 -13.68
CA LEU L 81 39.15 23.80 -14.04
C LEU L 81 40.67 23.75 -13.98
N LEU L 82 41.21 23.20 -12.87
CA LEU L 82 42.67 23.06 -12.75
C LEU L 82 43.21 22.09 -13.79
N GLY L 83 42.41 21.10 -14.18
CA GLY L 83 42.85 20.16 -15.19
C GLY L 83 42.99 20.80 -16.56
N ILE L 84 42.03 21.64 -16.93
CA ILE L 84 42.11 22.30 -18.24
C ILE L 84 43.00 23.53 -18.20
N TRP L 85 43.36 24.05 -17.03
CA TRP L 85 44.25 25.20 -16.96
C TRP L 85 45.71 24.82 -16.94
N GLY L 86 46.03 23.53 -17.02
CA GLY L 86 47.41 23.08 -17.01
C GLY L 86 48.04 23.10 -15.64
N CYS L 87 47.22 23.12 -14.58
CA CYS L 87 47.75 23.14 -13.22
C CYS L 87 47.11 22.07 -12.33
N SER L 88 46.75 20.92 -12.89
CA SER L 88 46.15 19.86 -12.08
C SER L 88 47.19 19.25 -11.17
N GLY L 89 46.81 19.03 -9.92
CA GLY L 89 47.73 18.46 -8.95
C GLY L 89 48.71 19.45 -8.35
N LYS L 90 48.52 20.74 -8.59
CA LYS L 90 49.39 21.78 -8.06
C LYS L 90 48.55 22.76 -7.27
N LEU L 91 48.98 23.06 -6.05
CA LEU L 91 48.24 24.00 -5.20
C LEU L 91 48.37 25.43 -5.67
N ILE L 92 49.54 25.82 -6.18
CA ILE L 92 49.77 27.18 -6.66
C ILE L 92 50.58 27.11 -7.95
N CYS L 93 50.15 27.88 -8.95
CA CYS L 93 50.82 27.91 -10.24
C CYS L 93 50.61 29.29 -10.86
N CYS L 94 51.47 29.61 -11.83
CA CYS L 94 51.42 30.88 -12.53
C CYS L 94 51.16 30.63 -14.01
N THR L 95 50.31 31.46 -14.60
CA THR L 95 49.92 31.35 -15.99
C THR L 95 50.45 32.53 -16.80
N ASN L 96 50.05 32.57 -18.07
CA ASN L 96 50.45 33.62 -19.00
C ASN L 96 49.49 34.80 -19.05
N VAL L 97 48.37 34.74 -18.35
CA VAL L 97 47.41 35.84 -18.36
C VAL L 97 47.86 36.94 -17.42
N PRO L 98 48.06 38.17 -17.91
CA PRO L 98 48.48 39.26 -17.03
C PRO L 98 47.31 39.85 -16.27
N TRP L 99 47.62 40.44 -15.11
CA TRP L 99 46.58 41.05 -14.29
C TRP L 99 46.11 42.36 -14.92
N ASN L 100 44.82 42.64 -14.76
CA ASN L 100 44.18 43.84 -15.29
C ASN L 100 43.86 44.76 -14.13
N SER L 101 44.18 46.04 -14.27
CA SER L 101 43.92 47.01 -13.21
C SER L 101 42.44 47.34 -13.06
N SER L 102 41.61 46.98 -14.04
CA SER L 102 40.18 47.26 -13.93
C SER L 102 39.53 46.40 -12.86
N TRP L 103 40.03 45.18 -12.66
CA TRP L 103 39.47 44.29 -11.65
C TRP L 103 39.78 44.80 -10.25
N SER L 104 41.00 45.31 -10.04
CA SER L 104 41.41 45.85 -8.76
C SER L 104 42.52 46.86 -8.99
N ASN L 105 42.36 48.05 -8.42
CA ASN L 105 43.32 49.14 -8.56
C ASN L 105 44.35 49.14 -7.43
N LYS L 106 44.31 48.14 -6.56
CA LYS L 106 45.23 48.05 -5.44
C LYS L 106 46.65 47.76 -5.90
N SER L 107 47.61 48.00 -5.01
CA SER L 107 49.02 47.81 -5.34
C SER L 107 49.38 46.31 -5.38
N LEU L 108 50.67 46.07 -5.55
CA LEU L 108 51.19 44.70 -5.65
C LEU L 108 51.14 43.95 -4.33
N ASP L 109 51.51 44.59 -3.22
CA ASP L 109 51.54 43.88 -1.95
C ASP L 109 50.66 44.45 -0.83
N GLU L 110 49.70 45.32 -1.12
CA GLU L 110 48.87 45.82 -0.03
C GLU L 110 47.83 44.78 0.40
N ILE L 111 47.54 43.82 -0.48
CA ILE L 111 46.57 42.78 -0.15
C ILE L 111 47.26 41.59 0.50
N TRP L 112 48.52 41.35 0.15
CA TRP L 112 49.27 40.23 0.72
C TRP L 112 49.78 40.52 2.12
N ASN L 113 49.70 41.76 2.58
CA ASN L 113 50.21 42.12 3.90
C ASN L 113 49.15 42.70 4.85
N ASN L 114 48.00 43.13 4.34
CA ASN L 114 46.99 43.73 5.21
C ASN L 114 45.57 43.22 5.00
N MET L 115 45.24 42.59 3.88
CA MET L 115 43.89 42.12 3.64
C MET L 115 43.83 40.59 3.64
N THR L 116 42.75 40.06 4.20
CA THR L 116 42.53 38.62 4.27
C THR L 116 41.82 38.16 2.99
N TRP L 117 41.56 36.85 2.92
CA TRP L 117 40.89 36.30 1.74
C TRP L 117 39.40 36.59 1.75
N LEU L 118 38.85 36.92 2.93
CA LEU L 118 37.41 37.19 3.01
C LEU L 118 37.04 38.52 2.34
N GLN L 119 37.87 39.54 2.48
CA GLN L 119 37.60 40.84 1.89
C GLN L 119 38.16 40.97 0.47
N TRP L 120 38.79 39.93 -0.06
CA TRP L 120 39.36 39.97 -1.40
C TRP L 120 38.51 39.23 -2.43
N ASP L 121 37.77 38.20 -2.01
CA ASP L 121 36.94 37.45 -2.95
C ASP L 121 35.77 38.26 -3.47
N LYS L 122 35.25 39.20 -2.68
CA LYS L 122 34.12 40.02 -3.12
C LYS L 122 34.51 41.10 -4.12
N GLU L 123 35.78 41.53 -4.12
CA GLU L 123 36.22 42.57 -5.04
C GLU L 123 36.42 42.05 -6.47
N ILE L 124 36.74 40.77 -6.62
CA ILE L 124 36.96 40.16 -7.93
C ILE L 124 35.82 39.19 -8.28
N GLY L 125 34.74 39.19 -7.50
CA GLY L 125 33.64 38.27 -7.75
C GLY L 125 32.91 38.53 -9.06
N ASN L 126 32.93 39.77 -9.55
CA ASN L 126 32.24 40.08 -10.79
C ASN L 126 33.08 39.76 -12.02
N TYR L 127 34.36 39.43 -11.85
CA TYR L 127 35.22 39.14 -12.97
C TYR L 127 35.76 37.71 -12.99
N THR L 128 35.17 36.80 -12.21
CA THR L 128 35.66 35.42 -12.18
C THR L 128 35.47 34.72 -13.53
N GLN L 129 34.29 34.87 -14.13
CA GLN L 129 34.02 34.22 -15.41
C GLN L 129 34.93 34.72 -16.52
N LEU L 130 35.17 36.05 -16.56
CA LEU L 130 36.04 36.62 -17.59
C LEU L 130 37.47 36.11 -17.43
N ILE L 131 37.96 36.04 -16.18
CA ILE L 131 39.30 35.55 -15.93
C ILE L 131 39.40 34.07 -16.31
N TYR L 132 38.35 33.29 -16.01
CA TYR L 132 38.36 31.87 -16.38
C TYR L 132 38.40 31.68 -17.89
N ARG L 133 37.61 32.45 -18.64
CA ARG L 133 37.63 32.32 -20.09
C ARG L 133 38.98 32.73 -20.68
N LEU L 134 39.55 33.84 -20.19
CA LEU L 134 40.86 34.26 -20.70
C LEU L 134 41.93 33.25 -20.35
N ILE L 135 41.85 32.67 -19.15
CA ILE L 135 42.81 31.67 -18.71
C ILE L 135 42.73 30.43 -19.59
N GLU L 136 41.51 29.97 -19.88
CA GLU L 136 41.32 28.79 -20.71
C GLU L 136 41.82 29.01 -22.14
N GLU L 137 41.50 30.16 -22.73
CA GLU L 137 41.96 30.41 -24.10
C GLU L 137 43.47 30.58 -24.15
N SER L 138 44.07 31.23 -23.16
CA SER L 138 45.52 31.40 -23.15
C SER L 138 46.23 30.06 -22.97
N GLN L 139 45.72 29.22 -22.07
CA GLN L 139 46.34 27.91 -21.85
C GLN L 139 46.19 27.02 -23.08
N ASN L 140 45.03 27.06 -23.72
CA ASN L 140 44.83 26.25 -24.93
C ASN L 140 45.72 26.74 -26.05
N GLN L 141 45.88 28.06 -26.18
CA GLN L 141 46.74 28.61 -27.22
C GLN L 141 48.20 28.24 -26.96
N GLN L 142 48.61 28.24 -25.69
CA GLN L 142 49.98 27.88 -25.34
C GLN L 142 50.25 26.41 -25.65
N GLU L 143 49.27 25.54 -25.34
CA GLU L 143 49.44 24.13 -25.64
C GLU L 143 49.42 23.87 -27.14
N LYS L 144 48.65 24.67 -27.89
CA LYS L 144 48.59 24.50 -29.33
C LYS L 144 49.89 24.95 -29.98
N ASN L 145 50.50 26.02 -29.47
CA ASN L 145 51.76 26.50 -30.04
C ASN L 145 52.94 25.64 -29.61
N GLU L 146 52.92 25.11 -28.39
CA GLU L 146 54.02 24.27 -27.92
C GLU L 146 53.98 22.90 -28.58
N LYS L 147 52.89 22.16 -28.38
CA LYS L 147 52.74 20.84 -28.97
C LYS L 147 52.31 20.98 -30.42
N GLU L 148 52.15 19.83 -31.10
CA GLU L 148 51.74 19.75 -32.51
C GLU L 148 52.70 20.54 -33.41
N LEU L 149 53.92 20.01 -33.49
CA LEU L 149 54.97 20.65 -34.27
C LEU L 149 54.61 20.76 -35.76
N LEU L 150 53.97 19.74 -36.33
CA LEU L 150 53.59 19.79 -37.73
C LEU L 150 52.33 18.97 -37.99
#